data_7E84
#
_entry.id   7E84
#
_cell.length_a   1.00
_cell.length_b   1.00
_cell.length_c   1.00
_cell.angle_alpha   90.00
_cell.angle_beta   90.00
_cell.angle_gamma   90.00
#
_symmetry.space_group_name_H-M   'P 1'
#
loop_
_entity.id
_entity.type
_entity.pdbx_description
1 polymer 'Potassium voltage-gated channel subfamily D member 2'
2 polymer 'Kv channel-interacting protein 1'
#
loop_
_entity_poly.entity_id
_entity_poly.type
_entity_poly.pdbx_seq_one_letter_code
_entity_poly.pdbx_strand_id
1 'polypeptide(L)'
;AAGVAAWLPFARAAAIGWMPVASGPMPAPPRQERKRTQDALIVLNVSGTRFQTWQDTLERYPDTLLGSSERDFFYHPETQ
QYFFDRDPDIFRHILNFYRTGKLHYPRHECISAYDEELAFFGLIPEIIGDCCYEEYKDRRRENAERLQDDADTDTAGESA
LPTMTARQRVWRAFENPHTSTMALVFYYVTGFFIAVSVIANVVETVPCGSSPGHIKELPCGERYAVAFFCLDTACVMIFT
VEYLLRLAAAPSRYRFVRSVMSIIDVVAILPYYIGLVMTDNEDVSGAFVTLRVFRVFRIFKFSRHSQGLRILGYTLKSCA
SELGFLLFSLTMAIIIFATVMFYAEKGSSASKFTSIPAAFWYTIVTMTTLGYGDMVPKTIAGKIFGSICSLSGVLVIALP
VPVIVSNFSRIYHQNQRADKRRAQKKARLARIRAAKSGSANAYMQSKRSGLLSNQGRGDGSAFVTKSGSSFETQHHHLLH
CLEKTTNHEFVD
;
A,B,D,G
2 'polypeptide(L)'
;PEGLEQLEAQTNFTKRELQVLYRGFKNECPSGVVNEDTFKQIYAQFFPHGDASTYAHYLFNAFDTTQTGSVKFEDFVTAL
SILLRGTVHEKLRWTFNLYDINKDGYINKEEMMDIVKAIYDMMGKYTYPVLKEDTPRQHVDVFFQKMDKNKDGIVTLDEF
LESCQEDDNIMRSLQLFQNVM
;
E,H,J,L
#
# COMPACT_ATOMS: atom_id res chain seq x y z
N ALA A 1 21.51 -30.85 14.18
CA ALA A 1 22.28 -29.98 13.30
C ALA A 1 22.99 -28.90 14.09
N ALA A 2 23.66 -27.99 13.39
CA ALA A 2 24.39 -26.91 14.04
C ALA A 2 23.48 -25.75 14.43
N GLY A 3 22.27 -25.69 13.89
CA GLY A 3 21.35 -24.61 14.28
C GLY A 3 20.98 -24.67 15.74
N VAL A 4 20.63 -25.86 16.23
CA VAL A 4 20.38 -26.07 17.67
C VAL A 4 21.71 -26.52 18.26
N ALA A 5 22.56 -25.54 18.58
CA ALA A 5 23.85 -25.82 19.17
C ALA A 5 23.91 -25.52 20.66
N ALA A 6 23.07 -24.61 21.15
CA ALA A 6 22.99 -24.34 22.58
C ALA A 6 22.33 -25.47 23.36
N TRP A 7 21.70 -26.42 22.67
CA TRP A 7 21.06 -27.57 23.30
C TRP A 7 21.97 -28.79 23.32
N LEU A 8 23.26 -28.63 23.01
CA LEU A 8 24.19 -29.74 23.13
C LEU A 8 24.26 -30.32 24.54
N PRO A 9 24.33 -29.53 25.62
CA PRO A 9 24.25 -30.14 26.96
C PRO A 9 22.97 -30.91 27.19
N PHE A 10 21.85 -30.48 26.59
CA PHE A 10 20.62 -31.26 26.67
C PHE A 10 20.78 -32.61 25.97
N ALA A 11 21.37 -32.61 24.78
CA ALA A 11 21.57 -33.86 24.05
C ALA A 11 22.56 -34.75 24.78
N ARG A 12 23.60 -34.17 25.38
CA ARG A 12 24.54 -34.96 26.16
C ARG A 12 23.90 -35.50 27.42
N ALA A 13 22.98 -34.73 28.01
CA ALA A 13 22.24 -35.23 29.17
C ALA A 13 21.33 -36.39 28.77
N ALA A 14 20.72 -36.31 27.59
CA ALA A 14 19.88 -37.40 27.11
C ALA A 14 20.68 -38.67 26.86
N ALA A 15 21.94 -38.53 26.45
CA ALA A 15 22.79 -39.69 26.19
C ALA A 15 23.11 -40.48 27.45
N ILE A 16 22.85 -39.93 28.64
CA ILE A 16 23.12 -40.66 29.87
C ILE A 16 22.24 -41.89 29.98
N GLY A 17 21.03 -41.83 29.42
CA GLY A 17 20.13 -42.97 29.45
C GLY A 17 20.64 -44.18 28.69
N TRP A 18 21.54 -43.97 27.72
CA TRP A 18 22.08 -45.10 26.98
C TRP A 18 23.06 -45.91 27.82
N MET A 19 23.80 -45.25 28.73
CA MET A 19 24.86 -45.93 29.46
C MET A 19 24.41 -47.17 30.23
N PRO A 20 23.28 -47.19 30.95
CA PRO A 20 22.88 -48.43 31.62
C PRO A 20 22.68 -49.60 30.67
N VAL A 21 22.18 -49.35 29.46
CA VAL A 21 21.92 -50.41 28.50
C VAL A 21 23.02 -50.50 27.43
N ALA A 22 24.21 -50.00 27.73
CA ALA A 22 25.31 -49.97 26.78
C ALA A 22 26.42 -50.92 27.21
N SER A 23 27.50 -50.92 26.43
CA SER A 23 28.71 -51.69 26.70
C SER A 23 29.88 -50.72 26.53
N GLY A 24 30.31 -50.10 27.64
CA GLY A 24 31.24 -49.00 27.62
C GLY A 24 32.55 -49.28 26.92
N PRO A 25 32.75 -48.65 25.76
CA PRO A 25 34.00 -48.80 25.00
C PRO A 25 35.01 -47.67 25.21
N MET A 26 34.78 -46.76 26.15
CA MET A 26 35.57 -45.54 26.32
C MET A 26 35.45 -44.77 25.01
N PRO A 27 34.31 -44.11 24.78
CA PRO A 27 34.06 -43.48 23.46
C PRO A 27 34.89 -42.24 23.17
N ALA A 28 35.87 -41.93 24.04
CA ALA A 28 36.87 -40.89 23.77
C ALA A 28 36.24 -39.52 23.53
N PRO A 29 35.76 -38.84 24.57
CA PRO A 29 35.20 -37.51 24.39
C PRO A 29 36.23 -36.56 23.81
N PRO A 30 35.80 -35.61 22.98
CA PRO A 30 36.78 -34.79 22.24
C PRO A 30 37.71 -33.96 23.11
N ARG A 31 37.31 -33.59 24.32
CA ARG A 31 38.11 -32.76 25.22
C ARG A 31 38.44 -31.42 24.55
N GLN A 32 37.38 -30.63 24.35
CA GLN A 32 37.47 -29.35 23.66
C GLN A 32 38.32 -28.35 24.44
N GLU A 33 38.54 -27.17 23.85
CA GLU A 33 39.40 -26.17 24.47
C GLU A 33 38.82 -25.67 25.79
N ARG A 34 37.55 -25.31 25.79
CA ARG A 34 36.90 -24.78 26.99
C ARG A 34 35.39 -24.93 26.92
N ASP A 39 34.05 -16.51 25.24
CA ASP A 39 32.70 -16.46 24.69
C ASP A 39 32.19 -15.02 24.63
N ALA A 40 33.12 -14.07 24.71
CA ALA A 40 32.75 -12.67 24.69
C ALA A 40 32.10 -12.29 23.36
N LEU A 41 31.09 -11.43 23.44
CA LEU A 41 30.39 -10.98 22.24
C LEU A 41 31.30 -10.11 21.37
N ILE A 42 31.13 -10.24 20.06
CA ILE A 42 31.97 -9.55 19.10
C ILE A 42 31.17 -8.43 18.44
N VAL A 43 31.90 -7.51 17.84
CA VAL A 43 31.32 -6.30 17.23
C VAL A 43 31.36 -6.45 15.72
N LEU A 44 30.24 -6.14 15.07
CA LEU A 44 30.11 -6.16 13.61
C LEU A 44 29.68 -4.77 13.18
N ASN A 45 30.66 -3.89 12.95
CA ASN A 45 30.41 -2.49 12.63
C ASN A 45 30.18 -2.35 11.13
N VAL A 46 28.91 -2.39 10.72
CA VAL A 46 28.54 -2.27 9.31
C VAL A 46 28.33 -0.77 9.03
N SER A 47 29.43 -0.09 8.72
CA SER A 47 29.41 1.32 8.32
C SER A 47 28.78 2.21 9.39
N GLY A 48 29.41 2.22 10.55
CA GLY A 48 29.04 3.14 11.61
C GLY A 48 28.16 2.55 12.70
N THR A 49 27.18 1.75 12.31
CA THR A 49 26.24 1.16 13.27
C THR A 49 26.80 -0.17 13.74
N ARG A 50 27.34 -0.19 14.96
CA ARG A 50 27.94 -1.41 15.48
C ARG A 50 26.85 -2.42 15.83
N PHE A 51 27.09 -3.67 15.46
CA PHE A 51 26.20 -4.78 15.77
C PHE A 51 26.97 -5.78 16.62
N GLN A 52 26.36 -6.21 17.73
CA GLN A 52 27.02 -7.06 18.71
C GLN A 52 26.27 -8.37 18.82
N THR A 53 26.95 -9.47 18.53
CA THR A 53 26.42 -10.81 18.73
C THR A 53 27.55 -11.71 19.22
N TRP A 54 27.19 -12.79 19.91
CA TRP A 54 28.19 -13.76 20.33
C TRP A 54 28.78 -14.48 19.11
N GLN A 55 30.05 -14.84 19.22
CA GLN A 55 30.71 -15.54 18.12
C GLN A 55 30.07 -16.90 17.87
N ASP A 56 29.56 -17.53 18.92
CA ASP A 56 28.89 -18.83 18.75
C ASP A 56 27.60 -18.69 17.95
N THR A 57 26.98 -17.51 17.97
CA THR A 57 25.77 -17.30 17.19
C THR A 57 26.08 -17.35 15.69
N LEU A 58 27.20 -16.77 15.27
CA LEU A 58 27.55 -16.76 13.86
C LEU A 58 28.08 -18.12 13.40
N GLU A 59 28.80 -18.83 14.26
CA GLU A 59 29.45 -20.08 13.87
C GLU A 59 28.46 -21.23 13.65
N ARG A 60 27.19 -21.06 14.02
CA ARG A 60 26.23 -22.14 13.85
C ARG A 60 25.79 -22.34 12.40
N TYR A 61 26.19 -21.44 11.49
CA TYR A 61 25.94 -21.60 10.06
C TYR A 61 27.27 -21.41 9.34
N PRO A 62 28.14 -22.44 9.36
CA PRO A 62 29.49 -22.32 8.83
C PRO A 62 29.60 -22.52 7.32
N ASP A 63 28.70 -21.87 6.58
CA ASP A 63 28.77 -21.88 5.12
C ASP A 63 28.44 -20.52 4.52
N THR A 64 28.42 -19.46 5.31
CA THR A 64 28.14 -18.11 4.86
C THR A 64 29.35 -17.23 5.17
N LEU A 65 29.21 -15.92 4.93
CA LEU A 65 30.32 -15.01 5.16
C LEU A 65 30.55 -14.78 6.65
N LEU A 66 29.48 -14.62 7.42
CA LEU A 66 29.64 -14.28 8.83
C LEU A 66 30.16 -15.46 9.64
N GLY A 67 29.61 -16.65 9.43
CA GLY A 67 30.20 -17.83 10.04
C GLY A 67 31.15 -18.52 9.09
N SER A 68 32.44 -18.18 9.18
CA SER A 68 33.47 -18.72 8.29
C SER A 68 34.82 -18.13 8.65
N SER A 69 35.87 -18.59 7.96
CA SER A 69 37.14 -17.89 7.95
C SER A 69 37.15 -16.73 6.95
N GLU A 70 36.04 -16.52 6.23
CA GLU A 70 35.97 -15.45 5.25
C GLU A 70 35.89 -14.08 5.91
N ARG A 71 35.28 -13.98 7.08
CA ARG A 71 35.17 -12.69 7.76
C ARG A 71 36.51 -12.19 8.29
N ASP A 72 37.55 -13.04 8.29
CA ASP A 72 38.88 -12.57 8.64
C ASP A 72 39.41 -11.57 7.64
N PHE A 73 38.83 -11.51 6.44
CA PHE A 73 39.20 -10.48 5.47
C PHE A 73 38.66 -9.11 5.89
N PHE A 74 37.53 -9.08 6.58
CA PHE A 74 36.89 -7.84 6.99
C PHE A 74 37.21 -7.44 8.43
N TYR A 75 38.09 -8.18 9.09
CA TYR A 75 38.49 -7.84 10.45
C TYR A 75 39.39 -6.63 10.44
N HIS A 76 39.07 -5.64 11.28
CA HIS A 76 39.90 -4.46 11.44
C HIS A 76 40.67 -4.60 12.74
N PRO A 77 41.98 -4.84 12.70
CA PRO A 77 42.67 -5.32 13.92
C PRO A 77 42.83 -4.27 15.00
N GLU A 78 43.23 -3.05 14.66
CA GLU A 78 43.50 -2.05 15.69
C GLU A 78 42.25 -1.62 16.44
N THR A 79 41.07 -1.72 15.84
CA THR A 79 39.82 -1.41 16.51
C THR A 79 39.16 -2.63 17.12
N GLN A 80 39.71 -3.83 16.90
CA GLN A 80 39.18 -5.08 17.45
C GLN A 80 37.71 -5.26 17.09
N GLN A 81 37.39 -5.02 15.82
CA GLN A 81 36.02 -5.16 15.35
C GLN A 81 36.03 -5.50 13.86
N TYR A 82 34.93 -6.09 13.41
CA TYR A 82 34.73 -6.39 12.00
C TYR A 82 33.99 -5.24 11.36
N PHE A 83 34.61 -4.61 10.36
CA PHE A 83 34.02 -3.46 9.68
C PHE A 83 33.59 -3.89 8.28
N PHE A 84 32.28 -3.88 8.05
CA PHE A 84 31.70 -4.08 6.73
C PHE A 84 31.18 -2.75 6.19
N ASP A 85 31.29 -2.57 4.88
CA ASP A 85 30.86 -1.34 4.22
C ASP A 85 29.49 -1.49 3.58
N ARG A 86 28.60 -2.27 4.18
CA ARG A 86 27.32 -2.60 3.60
C ARG A 86 26.19 -1.77 4.21
N ASP A 87 24.96 -2.09 3.84
CA ASP A 87 23.80 -1.36 4.32
C ASP A 87 23.58 -1.65 5.80
N PRO A 88 23.43 -0.62 6.65
CA PRO A 88 23.24 -0.89 8.09
C PRO A 88 21.86 -1.41 8.42
N ASP A 89 20.83 -1.05 7.67
CA ASP A 89 19.46 -1.47 7.98
C ASP A 89 19.03 -2.70 7.20
N ILE A 90 19.89 -3.29 6.39
CA ILE A 90 19.58 -4.54 5.73
C ILE A 90 20.43 -5.64 6.37
N PHE A 91 21.55 -5.26 6.97
CA PHE A 91 22.33 -6.20 7.75
C PHE A 91 21.62 -6.60 9.04
N ARG A 92 20.61 -5.83 9.45
CA ARG A 92 19.83 -6.20 10.62
C ARG A 92 19.12 -7.53 10.42
N HIS A 93 18.61 -7.77 9.21
CA HIS A 93 17.95 -9.03 8.91
C HIS A 93 18.94 -10.16 8.65
N ILE A 94 20.22 -9.84 8.45
CA ILE A 94 21.23 -10.89 8.35
C ILE A 94 21.47 -11.52 9.70
N LEU A 95 21.56 -10.70 10.75
CA LEU A 95 21.80 -11.24 12.10
C LEU A 95 20.59 -12.00 12.61
N ASN A 96 19.38 -11.54 12.26
CA ASN A 96 18.18 -12.26 12.68
C ASN A 96 18.14 -13.67 12.11
N PHE A 97 18.83 -13.89 10.98
CA PHE A 97 18.94 -15.25 10.45
C PHE A 97 19.80 -16.12 11.35
N TYR A 98 20.93 -15.60 11.83
CA TYR A 98 21.84 -16.39 12.63
C TYR A 98 21.29 -16.74 14.00
N ARG A 99 20.24 -16.04 14.45
CA ARG A 99 19.59 -16.38 15.72
C ARG A 99 18.51 -17.43 15.54
N THR A 100 17.53 -17.15 14.67
CA THR A 100 16.41 -18.07 14.45
C THR A 100 16.73 -19.08 13.37
N GLY A 101 17.01 -18.61 12.15
CA GLY A 101 17.28 -19.49 11.04
C GLY A 101 16.49 -19.14 9.80
N LYS A 102 15.56 -18.20 9.93
CA LYS A 102 14.69 -17.79 8.83
C LYS A 102 14.92 -16.32 8.53
N LEU A 103 15.12 -16.01 7.25
CA LEU A 103 15.26 -14.63 6.82
C LEU A 103 13.90 -13.95 6.75
N HIS A 104 13.89 -12.65 7.01
CA HIS A 104 12.70 -11.83 6.92
C HIS A 104 12.90 -10.77 5.85
N TYR A 105 11.91 -10.62 4.98
CA TYR A 105 11.99 -9.65 3.89
C TYR A 105 11.39 -8.33 4.33
N PRO A 106 12.12 -7.22 4.26
CA PRO A 106 11.54 -5.91 4.62
C PRO A 106 10.70 -5.37 3.47
N ARG A 107 9.44 -5.04 3.77
CA ARG A 107 8.53 -4.56 2.75
C ARG A 107 8.91 -3.17 2.23
N HIS A 108 9.77 -2.44 2.94
CA HIS A 108 10.11 -1.08 2.59
C HIS A 108 11.46 -0.94 1.88
N GLU A 109 12.14 -2.04 1.61
CA GLU A 109 13.46 -2.01 0.99
C GLU A 109 13.40 -2.54 -0.44
N CYS A 110 14.17 -1.90 -1.32
CA CYS A 110 14.25 -2.35 -2.71
C CYS A 110 14.80 -3.77 -2.78
N ILE A 111 14.18 -4.60 -3.61
CA ILE A 111 14.60 -6.00 -3.70
C ILE A 111 15.91 -6.16 -4.45
N SER A 112 16.32 -5.17 -5.24
CA SER A 112 17.63 -5.23 -5.88
C SER A 112 18.76 -4.97 -4.89
N ALA A 113 18.48 -4.26 -3.80
CA ALA A 113 19.47 -4.08 -2.74
C ALA A 113 19.41 -5.18 -1.70
N TYR A 114 18.22 -5.74 -1.45
CA TYR A 114 18.11 -6.87 -0.54
C TYR A 114 18.86 -8.08 -1.07
N ASP A 115 18.73 -8.36 -2.36
CA ASP A 115 19.45 -9.48 -2.96
C ASP A 115 20.95 -9.23 -2.98
N GLU A 116 21.37 -7.97 -3.05
CA GLU A 116 22.79 -7.65 -3.03
C GLU A 116 23.42 -8.03 -1.70
N GLU A 117 22.73 -7.77 -0.60
CA GLU A 117 23.27 -8.11 0.71
C GLU A 117 23.25 -9.61 0.95
N LEU A 118 22.21 -10.29 0.47
CA LEU A 118 22.15 -11.75 0.61
C LEU A 118 23.30 -12.42 -0.15
N ALA A 119 23.57 -11.95 -1.37
CA ALA A 119 24.69 -12.49 -2.13
C ALA A 119 26.02 -12.18 -1.47
N PHE A 120 26.16 -10.98 -0.90
CA PHE A 120 27.41 -10.60 -0.27
C PHE A 120 27.72 -11.49 0.93
N PHE A 121 26.74 -11.69 1.81
CA PHE A 121 26.97 -12.38 3.07
C PHE A 121 26.81 -13.89 2.96
N GLY A 122 26.55 -14.41 1.77
CA GLY A 122 26.49 -15.84 1.54
C GLY A 122 25.11 -16.46 1.69
N LEU A 123 24.11 -15.70 2.13
CA LEU A 123 22.76 -16.24 2.23
C LEU A 123 22.16 -16.41 0.84
N ILE A 124 21.10 -17.22 0.79
CA ILE A 124 20.43 -17.52 -0.49
C ILE A 124 18.95 -17.23 -0.36
N PRO A 125 18.26 -16.88 -1.44
CA PRO A 125 16.81 -16.64 -1.35
C PRO A 125 15.98 -17.88 -1.09
N GLU A 126 16.59 -19.05 -1.00
CA GLU A 126 15.86 -20.28 -0.74
C GLU A 126 15.63 -20.54 0.75
N ILE A 127 16.29 -19.80 1.63
CA ILE A 127 16.18 -20.02 3.07
C ILE A 127 15.32 -18.97 3.76
N ILE A 128 14.76 -18.02 3.02
CA ILE A 128 13.91 -17.01 3.61
C ILE A 128 12.63 -17.65 4.12
N GLY A 129 12.14 -17.18 5.28
CA GLY A 129 11.06 -17.86 5.95
C GLY A 129 9.76 -17.83 5.16
N ASP A 130 8.91 -18.82 5.45
CA ASP A 130 7.62 -18.94 4.78
C ASP A 130 6.69 -17.79 5.11
N CYS A 131 6.91 -17.10 6.23
CA CYS A 131 6.04 -15.99 6.61
C CYS A 131 6.03 -14.90 5.55
N CYS A 132 7.22 -14.54 5.06
CA CYS A 132 7.36 -13.58 3.96
C CYS A 132 8.24 -14.21 2.88
N TYR A 133 7.61 -15.02 2.02
CA TYR A 133 8.28 -15.58 0.87
C TYR A 133 7.36 -15.41 -0.33
N GLU A 134 6.05 -15.36 -0.08
CA GLU A 134 5.09 -15.09 -1.14
C GLU A 134 5.27 -13.68 -1.69
N GLU A 135 5.46 -12.70 -0.80
CA GLU A 135 5.67 -11.33 -1.24
C GLU A 135 7.08 -11.11 -1.79
N TYR A 136 8.07 -11.85 -1.26
CA TYR A 136 9.43 -11.73 -1.77
C TYR A 136 9.51 -12.14 -3.23
N LYS A 137 8.84 -13.24 -3.60
CA LYS A 137 8.80 -13.66 -5.00
C LYS A 137 7.96 -12.69 -5.83
N ASP A 138 6.87 -12.17 -5.27
CA ASP A 138 6.04 -11.22 -6.00
C ASP A 138 6.82 -9.95 -6.33
N ARG A 139 7.61 -9.46 -5.37
CA ARG A 139 8.46 -8.30 -5.66
C ARG A 139 9.65 -8.67 -6.52
N ARG A 140 10.08 -9.93 -6.47
CA ARG A 140 11.16 -10.40 -7.34
C ARG A 140 10.67 -10.50 -8.79
N ARG A 141 9.41 -10.88 -8.98
CA ARG A 141 8.87 -10.99 -10.33
C ARG A 141 8.82 -9.63 -11.01
N GLU A 142 8.39 -8.59 -10.29
CA GLU A 142 8.33 -7.26 -10.88
C GLU A 142 9.70 -6.77 -11.29
N ASN A 143 10.72 -7.01 -10.45
CA ASN A 143 12.08 -6.66 -10.82
C ASN A 143 12.56 -7.47 -12.01
N ALA A 144 12.22 -8.77 -12.05
CA ALA A 144 12.61 -9.61 -13.18
C ALA A 144 11.95 -9.14 -14.48
N GLU A 145 10.67 -8.76 -14.41
CA GLU A 145 10.01 -8.22 -15.60
C GLU A 145 10.61 -6.90 -16.03
N ARG A 146 11.09 -6.10 -15.08
CA ARG A 146 11.77 -4.86 -15.42
C ARG A 146 13.04 -5.13 -16.22
N LEU A 147 13.80 -6.15 -15.83
CA LEU A 147 14.99 -6.53 -16.59
C LEU A 147 14.64 -7.01 -17.99
N GLN A 148 13.59 -7.85 -18.10
CA GLN A 148 13.23 -8.41 -19.40
C GLN A 148 12.75 -7.33 -20.37
N ASP A 149 11.92 -6.40 -19.89
CA ASP A 149 11.43 -5.33 -20.76
C ASP A 149 12.57 -4.41 -21.19
N ASP A 150 13.50 -4.12 -20.27
CA ASP A 150 14.63 -3.26 -20.58
C ASP A 150 15.63 -3.92 -21.52
N ALA A 151 15.68 -5.25 -21.57
CA ALA A 151 16.62 -5.99 -22.39
C ALA A 151 15.90 -6.79 -23.47
N ASP A 152 14.93 -6.16 -24.12
CA ASP A 152 14.18 -6.79 -25.20
C ASP A 152 14.85 -6.64 -26.55
N THR A 153 15.97 -5.92 -26.63
CA THR A 153 16.75 -5.75 -27.86
C THR A 153 15.90 -5.12 -28.96
N ASP A 154 15.48 -3.88 -28.70
CA ASP A 154 14.70 -3.10 -29.64
C ASP A 154 15.57 -2.24 -30.56
N THR A 155 16.88 -2.39 -30.49
CA THR A 155 17.79 -1.59 -31.31
C THR A 155 17.54 -1.89 -32.79
N ALA A 156 17.46 -0.83 -33.60
CA ALA A 156 17.23 -0.98 -35.03
C ALA A 156 17.79 0.22 -35.80
N PRO A 162 22.93 -2.46 -41.57
CA PRO A 162 22.82 -2.63 -43.02
C PRO A 162 24.11 -3.17 -43.65
N THR A 163 24.86 -3.95 -42.88
CA THR A 163 26.09 -4.55 -43.39
C THR A 163 25.82 -5.69 -44.36
N MET A 164 24.57 -6.14 -44.48
CA MET A 164 24.21 -7.23 -45.38
C MET A 164 23.10 -6.80 -46.33
N THR A 165 22.50 -7.74 -47.04
CA THR A 165 21.58 -7.42 -48.14
C THR A 165 20.33 -6.69 -47.68
N ALA A 166 19.47 -6.34 -48.63
CA ALA A 166 18.29 -5.52 -48.35
C ALA A 166 17.25 -6.24 -47.51
N ARG A 167 17.39 -7.55 -47.27
CA ARG A 167 16.38 -8.29 -46.53
C ARG A 167 16.16 -7.72 -45.14
N GLN A 168 17.25 -7.53 -44.38
CA GLN A 168 17.11 -7.02 -43.01
C GLN A 168 16.61 -5.58 -43.00
N ARG A 169 17.12 -4.74 -43.91
CA ARG A 169 16.74 -3.33 -43.92
C ARG A 169 15.35 -3.09 -44.51
N VAL A 170 14.73 -4.11 -45.11
CA VAL A 170 13.34 -3.97 -45.55
C VAL A 170 12.43 -4.64 -44.52
N TRP A 171 12.97 -5.63 -43.79
CA TRP A 171 12.20 -6.24 -42.72
C TRP A 171 12.05 -5.29 -41.54
N ARG A 172 13.09 -4.51 -41.25
CA ARG A 172 12.96 -3.49 -40.21
C ARG A 172 11.92 -2.44 -40.57
N ALA A 173 11.73 -2.19 -41.88
CA ALA A 173 10.66 -1.32 -42.31
C ALA A 173 9.30 -2.01 -42.19
N PHE A 174 9.23 -3.30 -42.55
CA PHE A 174 7.98 -4.03 -42.42
C PHE A 174 7.57 -4.17 -40.96
N GLU A 175 8.52 -4.51 -40.08
CA GLU A 175 8.19 -4.66 -38.67
C GLU A 175 7.82 -3.33 -38.03
N ASN A 176 8.54 -2.26 -38.38
CA ASN A 176 8.32 -0.94 -37.82
C ASN A 176 7.98 0.02 -38.96
N PRO A 177 6.70 0.19 -39.28
CA PRO A 177 6.32 1.09 -40.38
C PRO A 177 6.34 2.56 -40.02
N HIS A 178 6.54 2.90 -38.74
CA HIS A 178 6.55 4.30 -38.32
C HIS A 178 7.85 5.01 -38.62
N THR A 179 8.91 4.27 -38.96
CA THR A 179 10.19 4.86 -39.30
C THR A 179 10.34 4.98 -40.81
N SER A 180 11.45 5.59 -41.23
CA SER A 180 11.77 5.79 -42.64
C SER A 180 10.67 6.57 -43.36
N THR A 181 10.63 6.48 -44.69
CA THR A 181 9.60 7.16 -45.46
C THR A 181 8.87 6.18 -46.37
N MET A 182 9.55 5.12 -46.79
CA MET A 182 8.91 4.10 -47.60
C MET A 182 8.01 3.20 -46.76
N ALA A 183 8.42 2.92 -45.52
CA ALA A 183 7.62 2.07 -44.65
C ALA A 183 6.26 2.70 -44.34
N LEU A 184 6.25 4.01 -44.07
CA LEU A 184 4.99 4.69 -43.79
C LEU A 184 4.09 4.70 -45.03
N VAL A 185 4.66 4.90 -46.21
CA VAL A 185 3.88 4.87 -47.44
C VAL A 185 3.27 3.50 -47.66
N PHE A 186 4.07 2.45 -47.46
CA PHE A 186 3.56 1.09 -47.61
C PHE A 186 2.45 0.80 -46.59
N TYR A 187 2.64 1.24 -45.35
CA TYR A 187 1.62 1.06 -44.32
C TYR A 187 0.31 1.74 -44.72
N TYR A 188 0.40 3.00 -45.16
CA TYR A 188 -0.79 3.74 -45.55
C TYR A 188 -1.48 3.09 -46.75
N VAL A 189 -0.71 2.65 -47.75
CA VAL A 189 -1.32 2.07 -48.93
C VAL A 189 -1.97 0.73 -48.61
N THR A 190 -1.36 -0.06 -47.72
CA THR A 190 -1.98 -1.32 -47.32
C THR A 190 -3.27 -1.07 -46.55
N GLY A 191 -3.26 -0.10 -45.64
CA GLY A 191 -4.49 0.24 -44.92
C GLY A 191 -5.59 0.72 -45.85
N PHE A 192 -5.23 1.57 -46.82
CA PHE A 192 -6.20 2.07 -47.78
C PHE A 192 -6.77 0.95 -48.64
N PHE A 193 -5.92 0.01 -49.04
CA PHE A 193 -6.39 -1.11 -49.84
C PHE A 193 -7.32 -2.01 -49.05
N ILE A 194 -7.00 -2.27 -47.78
CA ILE A 194 -7.89 -3.08 -46.95
C ILE A 194 -9.25 -2.38 -46.79
N ALA A 195 -9.21 -1.07 -46.51
CA ALA A 195 -10.44 -0.32 -46.32
C ALA A 195 -11.28 -0.31 -47.59
N VAL A 196 -10.65 -0.07 -48.74
CA VAL A 196 -11.41 -0.01 -49.99
C VAL A 196 -11.95 -1.40 -50.33
N SER A 197 -11.21 -2.47 -50.02
CA SER A 197 -11.71 -3.81 -50.28
C SER A 197 -12.96 -4.10 -49.46
N VAL A 198 -12.92 -3.81 -48.16
CA VAL A 198 -14.07 -4.12 -47.32
C VAL A 198 -15.25 -3.22 -47.69
N ILE A 199 -15.00 -1.96 -48.01
CA ILE A 199 -16.08 -1.06 -48.42
C ILE A 199 -16.68 -1.51 -49.74
N ALA A 200 -15.84 -1.99 -50.67
CA ALA A 200 -16.34 -2.49 -51.95
C ALA A 200 -17.20 -3.72 -51.74
N ASN A 201 -16.80 -4.61 -50.83
CA ASN A 201 -17.63 -5.77 -50.52
C ASN A 201 -18.98 -5.33 -49.95
N VAL A 202 -18.96 -4.36 -49.03
CA VAL A 202 -20.21 -3.87 -48.44
C VAL A 202 -21.11 -3.28 -49.52
N VAL A 203 -20.54 -2.49 -50.44
CA VAL A 203 -21.33 -1.85 -51.47
C VAL A 203 -21.88 -2.88 -52.47
N GLU A 204 -21.06 -3.86 -52.86
CA GLU A 204 -21.55 -4.86 -53.81
C GLU A 204 -22.58 -5.77 -53.17
N THR A 205 -22.62 -5.86 -51.83
CA THR A 205 -23.69 -6.62 -51.21
C THR A 205 -25.01 -5.85 -51.24
N VAL A 206 -24.98 -4.53 -51.05
CA VAL A 206 -26.19 -3.73 -51.00
C VAL A 206 -26.71 -3.50 -52.41
N PRO A 207 -28.02 -3.53 -52.63
CA PRO A 207 -28.56 -3.20 -53.96
C PRO A 207 -28.29 -1.75 -54.32
N CYS A 208 -28.15 -1.51 -55.63
CA CYS A 208 -27.90 -0.17 -56.16
C CYS A 208 -29.09 0.41 -56.90
N GLY A 209 -29.88 -0.41 -57.59
CA GLY A 209 -31.02 0.07 -58.32
C GLY A 209 -32.34 -0.48 -57.81
N HIS A 214 -38.58 -1.83 -63.52
CA HIS A 214 -37.51 -2.81 -63.65
C HIS A 214 -38.04 -4.23 -63.47
N ILE A 215 -37.31 -5.21 -64.01
CA ILE A 215 -37.72 -6.60 -63.89
C ILE A 215 -37.68 -7.04 -62.43
N LYS A 216 -36.63 -6.66 -61.71
CA LYS A 216 -36.49 -7.03 -60.31
C LYS A 216 -35.55 -6.02 -59.64
N GLU A 217 -35.58 -6.01 -58.31
CA GLU A 217 -34.69 -5.15 -57.53
C GLU A 217 -33.30 -5.77 -57.56
N LEU A 218 -32.63 -5.61 -58.70
CA LEU A 218 -31.34 -6.25 -58.90
C LEU A 218 -30.28 -5.61 -58.01
N PRO A 219 -29.50 -6.40 -57.28
CA PRO A 219 -28.42 -5.83 -56.47
C PRO A 219 -27.27 -5.33 -57.32
N CYS A 220 -26.20 -4.86 -56.67
CA CYS A 220 -25.03 -4.32 -57.35
C CYS A 220 -24.06 -5.43 -57.78
N GLY A 221 -24.52 -6.67 -57.87
CA GLY A 221 -23.64 -7.78 -58.20
C GLY A 221 -23.98 -8.51 -59.48
N GLU A 222 -25.05 -8.10 -60.17
CA GLU A 222 -25.45 -8.75 -61.41
C GLU A 222 -25.27 -7.84 -62.62
N ARG A 223 -25.88 -6.66 -62.63
CA ARG A 223 -25.61 -5.69 -63.68
C ARG A 223 -24.23 -5.06 -63.47
N TYR A 224 -23.93 -4.67 -62.23
CA TYR A 224 -22.61 -4.20 -61.84
C TYR A 224 -21.71 -5.37 -61.48
N ALA A 225 -20.61 -5.07 -60.78
CA ALA A 225 -19.64 -6.06 -60.32
C ALA A 225 -18.77 -6.59 -61.46
N VAL A 226 -18.60 -5.78 -62.51
CA VAL A 226 -17.57 -6.05 -63.51
C VAL A 226 -16.24 -5.43 -63.08
N ALA A 227 -16.26 -4.16 -62.68
CA ALA A 227 -15.10 -3.53 -62.09
C ALA A 227 -14.87 -3.93 -60.65
N PHE A 228 -15.91 -4.41 -59.96
CA PHE A 228 -15.73 -4.89 -58.59
C PHE A 228 -14.84 -6.12 -58.55
N PHE A 229 -14.98 -7.01 -59.53
CA PHE A 229 -14.08 -8.15 -59.62
C PHE A 229 -12.65 -7.70 -59.86
N CYS A 230 -12.46 -6.67 -60.70
CA CYS A 230 -11.13 -6.13 -60.92
C CYS A 230 -10.54 -5.56 -59.63
N LEU A 231 -11.34 -4.82 -58.86
CA LEU A 231 -10.86 -4.28 -57.60
C LEU A 231 -10.50 -5.39 -56.61
N ASP A 232 -11.35 -6.43 -56.55
CA ASP A 232 -11.08 -7.54 -55.65
C ASP A 232 -9.80 -8.27 -56.03
N THR A 233 -9.60 -8.53 -57.32
CA THR A 233 -8.39 -9.24 -57.73
C THR A 233 -7.15 -8.36 -57.57
N ALA A 234 -7.29 -7.04 -57.74
CA ALA A 234 -6.17 -6.15 -57.48
C ALA A 234 -5.79 -6.16 -56.00
N CYS A 235 -6.79 -6.13 -55.12
CA CYS A 235 -6.51 -6.20 -53.68
C CYS A 235 -5.87 -7.53 -53.31
N VAL A 236 -6.37 -8.62 -53.88
CA VAL A 236 -5.78 -9.93 -53.59
C VAL A 236 -4.35 -10.01 -54.10
N MET A 237 -4.08 -9.46 -55.28
CA MET A 237 -2.72 -9.43 -55.81
C MET A 237 -1.80 -8.61 -54.91
N ILE A 238 -2.29 -7.47 -54.43
CA ILE A 238 -1.48 -6.65 -53.52
C ILE A 238 -1.17 -7.41 -52.24
N PHE A 239 -2.18 -8.09 -51.68
CA PHE A 239 -1.95 -8.86 -50.47
C PHE A 239 -0.94 -9.98 -50.71
N THR A 240 -1.05 -10.67 -51.83
CA THR A 240 -0.11 -11.75 -52.12
C THR A 240 1.31 -11.23 -52.31
N VAL A 241 1.47 -10.12 -53.03
CA VAL A 241 2.82 -9.60 -53.27
C VAL A 241 3.43 -9.07 -51.99
N GLU A 242 2.62 -8.43 -51.13
CA GLU A 242 3.18 -7.96 -49.86
C GLU A 242 3.52 -9.14 -48.95
N TYR A 243 2.73 -10.21 -48.98
CA TYR A 243 3.10 -11.41 -48.24
C TYR A 243 4.41 -12.01 -48.76
N LEU A 244 4.59 -12.02 -50.08
CA LEU A 244 5.83 -12.53 -50.65
C LEU A 244 7.03 -11.66 -50.26
N LEU A 245 6.86 -10.33 -50.26
CA LEU A 245 7.93 -9.45 -49.82
C LEU A 245 8.25 -9.67 -48.34
N ARG A 246 7.22 -9.89 -47.52
CA ARG A 246 7.48 -10.22 -46.12
C ARG A 246 8.24 -11.53 -45.98
N LEU A 247 7.88 -12.52 -46.80
CA LEU A 247 8.59 -13.80 -46.79
C LEU A 247 10.04 -13.64 -47.21
N ALA A 248 10.31 -12.79 -48.19
CA ALA A 248 11.67 -12.57 -48.66
C ALA A 248 12.53 -11.79 -47.68
N ALA A 249 12.03 -11.49 -46.49
CA ALA A 249 12.82 -10.76 -45.50
C ALA A 249 12.66 -11.35 -44.09
N ALA A 250 12.19 -12.59 -43.98
CA ALA A 250 11.96 -13.20 -42.67
C ALA A 250 13.05 -14.22 -42.37
N PRO A 251 13.95 -13.95 -41.41
CA PRO A 251 14.94 -14.97 -41.04
C PRO A 251 14.32 -16.23 -40.48
N SER A 252 13.10 -16.15 -39.94
CA SER A 252 12.38 -17.30 -39.38
C SER A 252 11.28 -17.77 -40.33
N ARG A 253 11.57 -17.80 -41.63
CA ARG A 253 10.57 -18.06 -42.67
C ARG A 253 9.56 -19.13 -42.30
N TYR A 254 10.03 -20.31 -41.89
CA TYR A 254 9.11 -21.36 -41.48
C TYR A 254 8.37 -20.97 -40.20
N ARG A 255 9.11 -20.47 -39.20
CA ARG A 255 8.45 -20.02 -37.97
C ARG A 255 7.58 -18.79 -38.22
N PHE A 256 7.99 -17.92 -39.13
CA PHE A 256 7.16 -16.78 -39.50
C PHE A 256 5.85 -17.22 -40.11
N VAL A 257 5.89 -18.24 -40.98
CA VAL A 257 4.67 -18.81 -41.54
C VAL A 257 3.82 -19.42 -40.43
N ARG A 258 4.46 -20.13 -39.49
CA ARG A 258 3.75 -20.71 -38.36
C ARG A 258 3.18 -19.65 -37.42
N SER A 259 3.59 -18.39 -37.55
CA SER A 259 3.06 -17.34 -36.69
C SER A 259 1.61 -17.04 -37.03
N VAL A 260 0.92 -16.39 -36.08
CA VAL A 260 -0.51 -16.14 -36.23
C VAL A 260 -0.76 -15.12 -37.35
N MET A 261 0.12 -14.13 -37.49
CA MET A 261 -0.09 -13.09 -38.49
C MET A 261 -0.04 -13.67 -39.90
N SER A 262 0.93 -14.55 -40.17
CA SER A 262 1.01 -15.17 -41.48
C SER A 262 -0.18 -16.09 -41.73
N ILE A 263 -0.66 -16.76 -40.68
CA ILE A 263 -1.86 -17.59 -40.82
C ILE A 263 -3.05 -16.74 -41.20
N ILE A 264 -3.21 -15.59 -40.56
CA ILE A 264 -4.31 -14.68 -40.90
C ILE A 264 -4.16 -14.20 -42.34
N ASP A 265 -2.92 -13.88 -42.75
CA ASP A 265 -2.70 -13.40 -44.10
C ASP A 265 -3.06 -14.46 -45.14
N VAL A 266 -2.63 -15.71 -44.92
CA VAL A 266 -2.92 -16.76 -45.90
C VAL A 266 -4.40 -17.08 -45.91
N VAL A 267 -5.06 -17.04 -44.75
CA VAL A 267 -6.50 -17.26 -44.70
C VAL A 267 -7.23 -16.16 -45.45
N ALA A 268 -6.73 -14.93 -45.37
CA ALA A 268 -7.35 -13.83 -46.10
C ALA A 268 -7.14 -13.94 -47.61
N ILE A 269 -5.96 -14.39 -48.03
CA ILE A 269 -5.65 -14.40 -49.47
C ILE A 269 -6.16 -15.66 -50.16
N LEU A 270 -6.43 -16.73 -49.43
CA LEU A 270 -6.89 -17.97 -50.07
C LEU A 270 -8.21 -17.84 -50.82
N PRO A 271 -9.26 -17.19 -50.31
CA PRO A 271 -10.58 -17.30 -50.96
C PRO A 271 -10.61 -16.98 -52.45
N TYR A 272 -9.87 -15.97 -52.91
CA TYR A 272 -9.90 -15.63 -54.32
C TYR A 272 -9.36 -16.76 -55.18
N TYR A 273 -8.20 -17.29 -54.82
CA TYR A 273 -7.62 -18.39 -55.58
C TYR A 273 -8.47 -19.65 -55.49
N ILE A 274 -9.05 -19.91 -54.31
CA ILE A 274 -9.91 -21.08 -54.16
C ILE A 274 -11.14 -20.95 -55.07
N GLY A 275 -11.76 -19.77 -55.09
CA GLY A 275 -12.90 -19.56 -55.95
C GLY A 275 -12.56 -19.67 -57.41
N LEU A 276 -11.40 -19.16 -57.82
CA LEU A 276 -10.97 -19.30 -59.19
C LEU A 276 -10.76 -20.78 -59.54
N VAL A 277 -10.17 -21.55 -58.63
CA VAL A 277 -9.95 -22.97 -58.87
C VAL A 277 -11.28 -23.69 -59.05
N MET A 278 -12.24 -23.40 -58.17
CA MET A 278 -13.54 -24.05 -58.27
C MET A 278 -14.29 -23.64 -59.54
N THR A 279 -14.19 -22.37 -59.94
CA THR A 279 -14.92 -21.92 -61.12
C THR A 279 -14.23 -22.30 -62.42
N ASP A 280 -12.96 -22.72 -62.38
CA ASP A 280 -12.32 -23.20 -63.59
C ASP A 280 -12.97 -24.48 -64.09
N ASN A 281 -13.31 -25.39 -63.18
CA ASN A 281 -13.95 -26.66 -63.54
C ASN A 281 -15.31 -26.71 -62.83
N GLU A 282 -16.39 -26.65 -63.61
CA GLU A 282 -17.75 -26.65 -63.12
C GLU A 282 -18.00 -25.45 -62.21
N ASP A 283 -19.22 -25.35 -61.66
CA ASP A 283 -19.57 -24.25 -60.78
C ASP A 283 -20.82 -24.61 -59.99
N VAL A 284 -20.75 -24.52 -58.67
CA VAL A 284 -21.88 -24.74 -57.79
C VAL A 284 -21.90 -23.65 -56.73
N SER A 285 -23.06 -23.47 -56.11
CA SER A 285 -23.26 -22.44 -55.10
C SER A 285 -23.02 -22.94 -53.68
N GLY A 286 -22.55 -24.18 -53.52
CA GLY A 286 -22.33 -24.70 -52.18
C GLY A 286 -21.23 -23.98 -51.43
N ALA A 287 -20.10 -23.72 -52.10
CA ALA A 287 -18.97 -23.02 -51.51
C ALA A 287 -18.92 -21.55 -51.89
N PHE A 288 -19.90 -21.06 -52.64
CA PHE A 288 -19.92 -19.65 -53.03
C PHE A 288 -20.14 -18.75 -51.82
N VAL A 289 -21.17 -19.05 -51.03
CA VAL A 289 -21.48 -18.23 -49.85
C VAL A 289 -20.39 -18.39 -48.81
N THR A 290 -19.82 -19.60 -48.67
CA THR A 290 -18.74 -19.80 -47.71
C THR A 290 -17.52 -18.97 -48.06
N LEU A 291 -17.15 -18.93 -49.34
CA LEU A 291 -16.00 -18.13 -49.75
C LEU A 291 -16.30 -16.64 -49.64
N ARG A 292 -17.54 -16.24 -49.94
CA ARG A 292 -17.90 -14.83 -49.75
C ARG A 292 -17.82 -14.43 -48.28
N VAL A 293 -18.22 -15.33 -47.37
CA VAL A 293 -18.07 -15.07 -45.95
C VAL A 293 -16.59 -14.97 -45.58
N PHE A 294 -15.78 -15.89 -46.08
CA PHE A 294 -14.36 -15.88 -45.78
C PHE A 294 -13.66 -14.64 -46.33
N ARG A 295 -14.23 -14.01 -47.36
CA ARG A 295 -13.60 -12.85 -47.97
C ARG A 295 -13.46 -11.69 -46.99
N VAL A 296 -14.35 -11.60 -46.00
CA VAL A 296 -14.30 -10.47 -45.06
C VAL A 296 -13.15 -10.62 -44.06
N PHE A 297 -12.46 -11.76 -44.06
CA PHE A 297 -11.39 -12.00 -43.11
C PHE A 297 -10.18 -11.10 -43.32
N ARG A 298 -10.17 -10.25 -44.35
CA ARG A 298 -9.15 -9.23 -44.48
C ARG A 298 -9.27 -8.15 -43.42
N ILE A 299 -10.38 -8.13 -42.68
CA ILE A 299 -10.55 -7.19 -41.57
C ILE A 299 -9.50 -7.44 -40.50
N PHE A 300 -9.25 -8.71 -40.17
CA PHE A 300 -8.29 -9.05 -39.13
C PHE A 300 -6.85 -8.69 -39.49
N LYS A 301 -6.58 -8.34 -40.75
CA LYS A 301 -5.25 -7.87 -41.12
C LYS A 301 -4.91 -6.52 -40.50
N PHE A 302 -5.90 -5.82 -39.92
CA PHE A 302 -5.65 -4.56 -39.24
C PHE A 302 -4.91 -4.73 -37.92
N SER A 303 -4.58 -5.96 -37.53
CA SER A 303 -3.88 -6.18 -36.26
C SER A 303 -2.51 -5.51 -36.27
N ARG A 304 -1.79 -5.59 -37.38
CA ARG A 304 -0.50 -4.91 -37.48
C ARG A 304 -0.67 -3.40 -37.40
N HIS A 305 -1.71 -2.87 -38.04
CA HIS A 305 -1.89 -1.43 -38.13
C HIS A 305 -2.19 -0.82 -36.76
N SER A 306 -3.09 -1.43 -35.99
CA SER A 306 -3.55 -0.89 -34.72
C SER A 306 -3.07 -1.76 -33.57
N GLN A 307 -2.45 -1.13 -32.57
CA GLN A 307 -2.00 -1.85 -31.39
C GLN A 307 -3.16 -2.39 -30.56
N GLY A 308 -4.35 -1.80 -30.69
CA GLY A 308 -5.48 -2.24 -29.89
C GLY A 308 -5.89 -3.67 -30.19
N LEU A 309 -5.90 -4.06 -31.46
CA LEU A 309 -6.23 -5.44 -31.81
C LEU A 309 -5.17 -6.40 -31.28
N ARG A 310 -3.90 -6.03 -31.33
CA ARG A 310 -2.86 -6.89 -30.78
C ARG A 310 -3.03 -7.06 -29.28
N ILE A 311 -3.34 -5.97 -28.56
CA ILE A 311 -3.54 -6.05 -27.12
C ILE A 311 -4.75 -6.92 -26.81
N LEU A 312 -5.84 -6.77 -27.60
CA LEU A 312 -7.03 -7.59 -27.38
C LEU A 312 -6.74 -9.06 -27.61
N GLY A 313 -5.99 -9.37 -28.67
CA GLY A 313 -5.61 -10.75 -28.91
C GLY A 313 -4.76 -11.32 -27.80
N TYR A 314 -3.80 -10.52 -27.30
CA TYR A 314 -2.97 -10.97 -26.20
C TYR A 314 -3.78 -11.23 -24.95
N THR A 315 -4.76 -10.36 -24.65
CA THR A 315 -5.53 -10.54 -23.43
C THR A 315 -6.53 -11.68 -23.55
N LEU A 316 -7.01 -11.97 -24.77
CA LEU A 316 -7.85 -13.16 -24.94
C LEU A 316 -7.01 -14.43 -24.84
N LYS A 317 -5.79 -14.42 -25.37
CA LYS A 317 -4.93 -15.60 -25.29
C LYS A 317 -4.47 -15.85 -23.86
N SER A 318 -4.22 -14.79 -23.09
CA SER A 318 -3.72 -14.97 -21.73
C SER A 318 -4.73 -15.65 -20.83
N CYS A 319 -5.96 -15.14 -20.79
CA CYS A 319 -7.02 -15.74 -19.98
C CYS A 319 -7.90 -16.66 -20.83
N ALA A 320 -7.25 -17.64 -21.45
CA ALA A 320 -7.98 -18.61 -22.26
C ALA A 320 -8.76 -19.59 -21.39
N SER A 321 -8.24 -19.90 -20.19
CA SER A 321 -8.94 -20.79 -19.29
C SER A 321 -10.28 -20.20 -18.83
N GLU A 322 -10.28 -18.89 -18.55
CA GLU A 322 -11.51 -18.24 -18.11
C GLU A 322 -12.58 -18.25 -19.20
N LEU A 323 -12.16 -18.09 -20.46
CA LEU A 323 -13.11 -18.20 -21.57
C LEU A 323 -13.66 -19.61 -21.68
N GLY A 324 -12.83 -20.62 -21.41
CA GLY A 324 -13.32 -21.99 -21.40
C GLY A 324 -14.38 -22.21 -20.33
N PHE A 325 -14.15 -21.67 -19.13
CA PHE A 325 -15.16 -21.76 -18.08
C PHE A 325 -16.42 -21.00 -18.47
N LEU A 326 -16.26 -19.84 -19.12
CA LEU A 326 -17.41 -19.10 -19.62
C LEU A 326 -18.24 -19.96 -20.56
N LEU A 327 -17.59 -20.60 -21.53
CA LEU A 327 -18.31 -21.43 -22.49
C LEU A 327 -18.97 -22.62 -21.80
N PHE A 328 -18.25 -23.26 -20.87
CA PHE A 328 -18.80 -24.43 -20.19
C PHE A 328 -20.03 -24.06 -19.38
N SER A 329 -19.94 -23.01 -18.57
CA SER A 329 -21.08 -22.59 -17.75
C SER A 329 -22.23 -22.09 -18.63
N LEU A 330 -21.90 -21.41 -19.73
CA LEU A 330 -22.94 -20.95 -20.66
C LEU A 330 -23.71 -22.12 -21.23
N THR A 331 -22.99 -23.16 -21.68
CA THR A 331 -23.65 -24.35 -22.21
C THR A 331 -24.47 -25.06 -21.15
N MET A 332 -23.93 -25.15 -19.93
CA MET A 332 -24.64 -25.80 -18.84
C MET A 332 -25.96 -25.09 -18.55
N ALA A 333 -25.91 -23.77 -18.36
CA ALA A 333 -27.12 -23.01 -18.07
C ALA A 333 -28.10 -23.05 -19.24
N ILE A 334 -27.59 -22.96 -20.47
CA ILE A 334 -28.46 -23.00 -21.63
C ILE A 334 -29.21 -24.31 -21.69
N ILE A 335 -28.49 -25.43 -21.50
CA ILE A 335 -29.14 -26.74 -21.56
C ILE A 335 -30.18 -26.86 -20.47
N ILE A 336 -29.81 -26.50 -19.23
CA ILE A 336 -30.74 -26.66 -18.10
C ILE A 336 -32.00 -25.83 -18.32
N PHE A 337 -31.84 -24.54 -18.64
CA PHE A 337 -32.99 -23.67 -18.78
C PHE A 337 -33.81 -24.01 -20.01
N ALA A 338 -33.17 -24.43 -21.10
CA ALA A 338 -33.92 -24.84 -22.28
C ALA A 338 -34.78 -26.06 -21.99
N THR A 339 -34.22 -27.04 -21.29
CA THR A 339 -35.01 -28.22 -20.91
C THR A 339 -36.18 -27.83 -20.02
N VAL A 340 -35.92 -26.95 -19.04
CA VAL A 340 -36.97 -26.54 -18.11
C VAL A 340 -38.10 -25.83 -18.85
N MET A 341 -37.73 -24.88 -19.73
CA MET A 341 -38.75 -24.13 -20.45
C MET A 341 -39.49 -25.01 -21.45
N PHE A 342 -38.81 -25.96 -22.08
CA PHE A 342 -39.48 -26.85 -23.02
C PHE A 342 -40.51 -27.71 -22.29
N TYR A 343 -40.11 -28.33 -21.17
CA TYR A 343 -41.05 -29.17 -20.44
C TYR A 343 -42.08 -28.36 -19.66
N ALA A 344 -41.89 -27.05 -19.51
CA ALA A 344 -42.85 -26.21 -18.82
C ALA A 344 -43.77 -25.45 -19.77
N GLU A 345 -43.40 -25.31 -21.04
CA GLU A 345 -44.17 -24.56 -22.02
C GLU A 345 -44.33 -25.41 -23.29
N LYS A 346 -44.76 -26.65 -23.10
CA LYS A 346 -44.93 -27.60 -24.21
C LYS A 346 -46.37 -27.74 -24.66
N GLY A 347 -47.33 -27.74 -23.73
CA GLY A 347 -48.70 -28.00 -24.08
C GLY A 347 -49.51 -26.77 -24.43
N SER A 348 -48.84 -25.67 -24.73
CA SER A 348 -49.53 -24.44 -25.07
C SER A 348 -50.20 -24.56 -26.44
N SER A 349 -51.20 -23.72 -26.66
CA SER A 349 -51.95 -23.75 -27.91
C SER A 349 -51.05 -23.41 -29.11
N ALA A 350 -50.51 -22.20 -29.12
CA ALA A 350 -49.59 -21.74 -30.17
C ALA A 350 -48.24 -21.48 -29.51
N SER A 351 -47.42 -22.52 -29.41
CA SER A 351 -46.12 -22.44 -28.75
C SER A 351 -45.02 -22.68 -29.77
N LYS A 352 -44.01 -21.81 -29.73
CA LYS A 352 -42.82 -21.97 -30.56
C LYS A 352 -41.75 -22.83 -29.89
N PHE A 353 -41.99 -23.29 -28.66
CA PHE A 353 -41.05 -24.16 -27.95
C PHE A 353 -41.28 -25.60 -28.37
N THR A 354 -40.94 -25.90 -29.62
CA THR A 354 -41.14 -27.23 -30.15
C THR A 354 -40.16 -28.24 -29.56
N SER A 355 -38.96 -27.78 -29.18
CA SER A 355 -37.94 -28.68 -28.67
C SER A 355 -36.91 -27.88 -27.89
N ILE A 356 -36.07 -28.61 -27.15
CA ILE A 356 -34.95 -27.97 -26.46
C ILE A 356 -34.00 -27.25 -27.43
N PRO A 357 -33.61 -27.84 -28.57
CA PRO A 357 -32.85 -27.05 -29.54
C PRO A 357 -33.59 -25.82 -30.02
N ALA A 358 -34.91 -25.89 -30.13
CA ALA A 358 -35.70 -24.68 -30.39
C ALA A 358 -35.69 -23.75 -29.19
N ALA A 359 -35.55 -24.29 -27.98
CA ALA A 359 -35.49 -23.47 -26.77
C ALA A 359 -34.11 -22.88 -26.52
N PHE A 360 -33.08 -23.34 -27.24
CA PHE A 360 -31.76 -22.72 -27.15
C PHE A 360 -31.82 -21.26 -27.56
N TRP A 361 -32.58 -20.94 -28.62
CA TRP A 361 -32.68 -19.56 -29.07
C TRP A 361 -33.27 -18.66 -27.99
N TYR A 362 -34.39 -19.07 -27.40
CA TYR A 362 -35.00 -18.30 -26.34
C TYR A 362 -34.10 -18.20 -25.12
N THR A 363 -33.43 -19.30 -24.77
CA THR A 363 -32.57 -19.29 -23.59
C THR A 363 -31.39 -18.34 -23.77
N ILE A 364 -30.76 -18.34 -24.95
CA ILE A 364 -29.61 -17.48 -25.16
C ILE A 364 -30.05 -16.03 -25.36
N VAL A 365 -31.28 -15.81 -25.83
CA VAL A 365 -31.79 -14.45 -25.94
C VAL A 365 -32.07 -13.88 -24.54
N THR A 366 -32.67 -14.69 -23.67
CA THR A 366 -33.04 -14.22 -22.34
C THR A 366 -31.81 -14.08 -21.43
N MET A 367 -30.87 -15.02 -21.53
CA MET A 367 -29.71 -15.00 -20.65
C MET A 367 -28.85 -13.76 -20.88
N THR A 368 -28.70 -13.35 -22.14
CA THR A 368 -27.92 -12.16 -22.47
C THR A 368 -28.70 -10.87 -22.26
N THR A 369 -29.91 -10.94 -21.70
CA THR A 369 -30.80 -9.79 -21.52
C THR A 369 -30.98 -9.03 -22.84
N LEU A 370 -31.22 -9.78 -23.91
CA LEU A 370 -31.43 -9.20 -25.22
C LEU A 370 -32.91 -8.94 -25.49
N GLY A 371 -33.71 -10.01 -25.53
CA GLY A 371 -35.15 -9.86 -25.65
C GLY A 371 -35.59 -9.64 -27.08
N TYR A 372 -36.51 -10.46 -27.56
CA TYR A 372 -37.05 -10.24 -28.90
C TYR A 372 -38.57 -10.20 -28.94
N GLY A 373 -39.24 -11.01 -28.12
CA GLY A 373 -40.68 -11.00 -28.05
C GLY A 373 -41.37 -11.91 -29.04
N ASP A 374 -40.65 -12.50 -29.99
CA ASP A 374 -41.26 -13.45 -30.91
C ASP A 374 -41.50 -14.80 -30.24
N MET A 375 -40.60 -15.20 -29.36
CA MET A 375 -40.69 -16.48 -28.64
C MET A 375 -40.70 -16.15 -27.15
N VAL A 376 -41.89 -16.14 -26.55
CA VAL A 376 -42.05 -15.79 -25.15
C VAL A 376 -42.88 -16.85 -24.45
N PRO A 377 -42.65 -17.11 -23.16
CA PRO A 377 -43.52 -18.06 -22.44
C PRO A 377 -44.92 -17.51 -22.26
N LYS A 378 -45.89 -18.41 -22.20
CA LYS A 378 -47.29 -18.05 -22.02
C LYS A 378 -47.92 -18.86 -20.89
N THR A 379 -47.12 -19.30 -19.94
CA THR A 379 -47.59 -20.07 -18.80
C THR A 379 -47.02 -19.49 -17.51
N ILE A 380 -47.75 -19.70 -16.41
CA ILE A 380 -47.28 -19.22 -15.11
C ILE A 380 -45.98 -19.91 -14.72
N ALA A 381 -45.87 -21.21 -15.00
CA ALA A 381 -44.64 -21.92 -14.71
C ALA A 381 -43.49 -21.44 -15.59
N GLY A 382 -43.78 -21.18 -16.87
CA GLY A 382 -42.73 -20.77 -17.79
C GLY A 382 -42.14 -19.41 -17.49
N LYS A 383 -42.98 -18.45 -17.05
CA LYS A 383 -42.51 -17.09 -16.81
C LYS A 383 -41.53 -17.02 -15.65
N ILE A 384 -41.80 -17.79 -14.58
CA ILE A 384 -40.93 -17.78 -13.42
C ILE A 384 -39.54 -18.30 -13.80
N PHE A 385 -39.50 -19.41 -14.55
CA PHE A 385 -38.22 -19.96 -14.97
C PHE A 385 -37.55 -19.07 -16.02
N GLY A 386 -38.33 -18.32 -16.81
CA GLY A 386 -37.72 -17.36 -17.72
C GLY A 386 -37.03 -16.22 -16.98
N SER A 387 -37.68 -15.70 -15.94
CA SER A 387 -37.05 -14.66 -15.13
C SER A 387 -35.81 -15.19 -14.41
N ILE A 388 -35.91 -16.41 -13.87
CA ILE A 388 -34.75 -17.03 -13.24
C ILE A 388 -33.63 -17.22 -14.26
N CYS A 389 -33.99 -17.59 -15.49
CA CYS A 389 -33.01 -17.74 -16.56
C CYS A 389 -32.32 -16.42 -16.87
N SER A 390 -33.08 -15.33 -16.92
CA SER A 390 -32.48 -14.02 -17.16
C SER A 390 -31.49 -13.65 -16.06
N LEU A 391 -31.90 -13.83 -14.80
CA LEU A 391 -31.02 -13.51 -13.69
C LEU A 391 -29.78 -14.39 -13.68
N SER A 392 -29.94 -15.68 -13.97
CA SER A 392 -28.81 -16.60 -14.00
C SER A 392 -27.87 -16.26 -15.16
N GLY A 393 -28.42 -15.83 -16.29
CA GLY A 393 -27.57 -15.39 -17.38
C GLY A 393 -26.76 -14.16 -17.02
N VAL A 394 -27.40 -13.21 -16.33
CA VAL A 394 -26.67 -12.04 -15.84
C VAL A 394 -25.53 -12.50 -14.92
N LEU A 395 -25.82 -13.41 -14.01
CA LEU A 395 -24.81 -13.88 -13.06
C LEU A 395 -23.66 -14.59 -13.78
N VAL A 396 -23.99 -15.44 -14.76
CA VAL A 396 -22.97 -16.24 -15.43
C VAL A 396 -22.09 -15.36 -16.30
N ILE A 397 -22.70 -14.47 -17.10
CA ILE A 397 -21.92 -13.62 -17.98
C ILE A 397 -21.11 -12.59 -17.19
N ALA A 398 -21.64 -12.13 -16.05
CA ALA A 398 -20.96 -11.10 -15.28
C ALA A 398 -19.71 -11.58 -14.57
N LEU A 399 -19.46 -12.89 -14.54
CA LEU A 399 -18.29 -13.40 -13.82
C LEU A 399 -16.99 -13.20 -14.62
N PRO A 400 -16.89 -13.65 -15.87
CA PRO A 400 -15.62 -13.52 -16.59
C PRO A 400 -15.42 -12.17 -17.27
N VAL A 401 -16.43 -11.30 -17.29
CA VAL A 401 -16.26 -9.99 -17.93
C VAL A 401 -15.21 -9.15 -17.21
N PRO A 402 -15.26 -8.96 -15.89
CA PRO A 402 -14.24 -8.10 -15.24
C PRO A 402 -12.82 -8.59 -15.41
N VAL A 403 -12.59 -9.91 -15.39
CA VAL A 403 -11.22 -10.40 -15.49
C VAL A 403 -10.64 -10.15 -16.88
N ILE A 404 -11.48 -10.26 -17.91
CA ILE A 404 -11.02 -9.94 -19.27
C ILE A 404 -10.67 -8.46 -19.37
N VAL A 405 -11.53 -7.60 -18.84
CA VAL A 405 -11.28 -6.17 -18.88
C VAL A 405 -10.07 -5.81 -18.02
N SER A 406 -9.94 -6.43 -16.84
CA SER A 406 -8.80 -6.15 -15.99
C SER A 406 -7.50 -6.56 -16.65
N ASN A 407 -7.46 -7.74 -17.27
CA ASN A 407 -6.26 -8.18 -17.97
C ASN A 407 -5.95 -7.28 -19.16
N PHE A 408 -6.99 -6.86 -19.89
CA PHE A 408 -6.77 -5.95 -21.02
C PHE A 408 -6.17 -4.63 -20.55
N SER A 409 -6.71 -4.06 -19.47
CA SER A 409 -6.19 -2.81 -18.94
C SER A 409 -4.76 -2.97 -18.45
N ARG A 410 -4.48 -4.07 -17.75
CA ARG A 410 -3.12 -4.31 -17.25
C ARG A 410 -2.13 -4.45 -18.40
N ILE A 411 -2.50 -5.20 -19.44
CA ILE A 411 -1.62 -5.38 -20.59
C ILE A 411 -1.39 -4.06 -21.30
N TYR A 412 -2.45 -3.27 -21.48
CA TYR A 412 -2.31 -1.97 -22.14
C TYR A 412 -1.41 -1.05 -21.34
N HIS A 413 -1.58 -1.01 -20.02
CA HIS A 413 -0.75 -0.16 -19.17
C HIS A 413 0.70 -0.61 -19.20
N GLN A 414 0.95 -1.92 -19.15
CA GLN A 414 2.32 -2.40 -19.19
C GLN A 414 2.96 -2.20 -20.56
N ASN A 415 2.15 -2.15 -21.62
CA ASN A 415 2.67 -1.82 -22.93
C ASN A 415 3.03 -0.34 -23.03
N GLN A 416 2.21 0.54 -22.45
CA GLN A 416 2.62 1.94 -22.32
C GLN A 416 3.76 2.10 -21.34
N ARG A 417 3.81 1.27 -20.30
CA ARG A 417 4.93 1.32 -19.36
C ARG A 417 6.24 0.96 -20.03
N ALA A 418 6.22 -0.04 -20.92
CA ALA A 418 7.43 -0.43 -21.62
C ALA A 418 7.87 0.64 -22.61
N ASP A 419 6.96 1.53 -23.01
CA ASP A 419 7.32 2.60 -23.92
C ASP A 419 8.28 3.59 -23.26
N LYS A 420 7.97 4.02 -22.04
CA LYS A 420 8.88 4.89 -21.31
C LYS A 420 10.06 4.14 -20.71
N ARG A 421 9.95 2.82 -20.53
CA ARG A 421 11.09 2.03 -20.10
C ARG A 421 12.20 2.03 -21.16
N ARG A 422 11.80 1.95 -22.43
CA ARG A 422 12.79 2.05 -23.51
C ARG A 422 13.35 3.46 -23.60
N ALA A 423 12.54 4.48 -23.28
CA ALA A 423 13.02 5.85 -23.35
C ALA A 423 14.14 6.11 -22.34
N GLN A 424 13.99 5.57 -21.13
CA GLN A 424 15.03 5.76 -20.11
C GLN A 424 16.29 4.95 -20.42
N LYS A 425 16.16 3.84 -21.15
CA LYS A 425 17.35 3.07 -21.52
C LYS A 425 18.25 3.88 -22.46
N LYS A 426 17.65 4.57 -23.44
CA LYS A 426 18.43 5.40 -24.35
C LYS A 426 19.07 6.57 -23.60
N ALA A 427 18.38 7.10 -22.58
CA ALA A 427 18.95 8.18 -21.79
C ALA A 427 20.17 7.70 -21.00
N ARG A 428 20.09 6.49 -20.42
CA ARG A 428 21.22 5.97 -19.67
C ARG A 428 22.42 5.72 -20.59
N LEU A 429 22.19 5.18 -21.78
CA LEU A 429 23.28 4.99 -22.73
C LEU A 429 23.89 6.32 -23.16
N ALA A 430 23.09 7.37 -23.26
CA ALA A 430 23.63 8.69 -23.57
C ALA A 430 24.53 9.19 -22.44
N ARG A 431 24.11 8.96 -21.18
CA ARG A 431 24.94 9.37 -20.05
C ARG A 431 26.21 8.53 -19.96
N ILE A 432 26.11 7.23 -20.28
CA ILE A 432 27.29 6.39 -20.31
C ILE A 432 28.27 6.86 -21.38
N ARG A 433 27.75 7.18 -22.57
CA ARG A 433 28.60 7.73 -23.61
C ARG A 433 29.16 9.10 -23.23
N ALA A 434 28.35 9.92 -22.56
CA ALA A 434 28.82 11.22 -22.11
C ALA A 434 29.95 11.07 -21.10
N ALA A 435 29.82 10.11 -20.17
CA ALA A 435 30.89 9.84 -19.23
C ALA A 435 32.15 9.35 -19.94
N LYS A 436 31.98 8.48 -20.95
CA LYS A 436 33.12 8.01 -21.72
C LYS A 436 33.80 9.17 -22.46
N SER A 437 33.00 10.05 -23.05
CA SER A 437 33.57 11.22 -23.72
C SER A 437 34.22 12.16 -22.71
N GLY A 438 33.60 12.34 -21.54
CA GLY A 438 34.20 13.18 -20.51
C GLY A 438 35.48 12.59 -19.96
N SER A 439 35.52 11.28 -19.77
CA SER A 439 36.75 10.64 -19.31
C SER A 439 37.85 10.76 -20.34
N ALA A 440 37.52 10.57 -21.63
CA ALA A 440 38.52 10.74 -22.67
C ALA A 440 38.97 12.19 -22.79
N ASN A 441 38.04 13.14 -22.68
CA ASN A 441 38.40 14.55 -22.76
C ASN A 441 39.23 14.99 -21.55
N ALA A 442 38.95 14.42 -20.39
CA ALA A 442 39.71 14.76 -19.19
C ALA A 442 41.19 14.41 -19.35
N TYR A 443 41.47 13.29 -20.02
CA TYR A 443 42.86 12.91 -20.26
C TYR A 443 43.56 13.92 -21.16
N MET A 444 42.86 14.41 -22.19
CA MET A 444 43.45 15.40 -23.08
C MET A 444 43.80 16.68 -22.36
N GLN A 445 42.92 17.13 -21.45
CA GLN A 445 43.21 18.33 -20.67
C GLN A 445 44.45 18.14 -19.79
N SER A 446 44.62 16.94 -19.22
CA SER A 446 45.83 16.65 -18.47
C SER A 446 47.05 16.64 -19.38
N LYS A 447 46.91 16.09 -20.59
CA LYS A 447 48.02 16.06 -21.53
C LYS A 447 48.41 17.46 -21.97
N ARG A 448 47.43 18.32 -22.23
CA ARG A 448 47.73 19.68 -22.65
C ARG A 448 48.48 20.45 -21.56
N SER A 449 48.06 20.30 -20.31
CA SER A 449 48.72 20.96 -19.19
C SER A 449 49.69 20.03 -18.48
N SER A 469 43.44 15.03 -9.77
CA SER A 469 42.91 14.26 -8.65
C SER A 469 43.89 13.18 -8.21
N SER A 470 43.44 12.32 -7.29
CA SER A 470 44.30 11.25 -6.80
C SER A 470 44.30 10.07 -7.76
N PHE A 471 43.14 9.45 -7.97
CA PHE A 471 43.06 8.32 -8.89
C PHE A 471 43.24 8.75 -10.33
N GLU A 472 42.78 9.96 -10.68
CA GLU A 472 42.89 10.42 -12.06
C GLU A 472 44.34 10.49 -12.52
N THR A 473 45.27 10.80 -11.61
CA THR A 473 46.68 10.84 -11.97
C THR A 473 47.18 9.44 -12.34
N GLN A 474 46.77 8.43 -11.59
CA GLN A 474 47.22 7.07 -11.88
C GLN A 474 46.53 6.50 -13.11
N HIS A 475 45.24 6.79 -13.27
CA HIS A 475 44.50 6.30 -14.44
C HIS A 475 45.08 6.87 -15.72
N HIS A 476 45.40 8.17 -15.74
CA HIS A 476 45.98 8.78 -16.92
C HIS A 476 47.36 8.22 -17.25
N HIS A 477 48.07 7.67 -16.26
CA HIS A 477 49.34 7.01 -16.53
C HIS A 477 49.12 5.73 -17.34
N LEU A 478 48.04 5.01 -17.06
CA LEU A 478 47.73 3.81 -17.82
C LEU A 478 47.46 4.14 -19.29
N LEU A 479 46.70 5.20 -19.54
CA LEU A 479 46.46 5.63 -20.91
C LEU A 479 47.75 6.12 -21.56
N HIS A 480 48.62 6.76 -20.78
CA HIS A 480 49.92 7.17 -21.31
C HIS A 480 50.76 5.96 -21.71
N CYS A 481 50.69 4.89 -20.92
CA CYS A 481 51.37 3.66 -21.28
C CYS A 481 50.78 3.05 -22.55
N LEU A 482 49.45 3.11 -22.68
CA LEU A 482 48.80 2.60 -23.88
C LEU A 482 49.19 3.40 -25.12
N GLU A 483 49.39 4.70 -24.97
CA GLU A 483 49.88 5.52 -26.09
C GLU A 483 51.25 5.04 -26.56
N LYS A 484 52.14 4.76 -25.62
CA LYS A 484 53.55 4.58 -25.93
C LYS A 484 53.93 3.12 -26.14
N THR A 485 52.98 2.19 -26.02
CA THR A 485 53.20 0.82 -26.46
C THR A 485 52.80 0.62 -27.92
N THR A 486 52.04 1.56 -28.50
CA THR A 486 51.63 1.49 -29.89
C THR A 486 52.11 2.71 -30.68
N ASN A 487 53.03 3.49 -30.11
CA ASN A 487 53.56 4.73 -30.67
C ASN A 487 52.47 5.59 -31.31
N HIS A 488 51.31 5.69 -30.65
CA HIS A 488 50.21 6.51 -31.12
C HIS A 488 49.75 7.42 -29.98
N GLU A 489 48.99 8.45 -30.33
CA GLU A 489 48.51 9.42 -29.36
C GLU A 489 47.04 9.74 -29.62
N PHE A 490 46.24 9.72 -28.57
CA PHE A 490 44.87 10.21 -28.67
C PHE A 490 44.85 11.71 -28.89
N VAL A 491 43.97 12.16 -29.78
CA VAL A 491 43.77 13.58 -30.04
C VAL A 491 42.27 13.87 -30.01
N ASP A 492 41.96 15.16 -29.89
CA ASP A 492 40.57 15.60 -29.78
C ASP A 492 39.74 15.19 -30.98
N ALA B 1 -3.13 1.73 40.03
CA ALA B 1 -2.32 0.61 39.57
C ALA B 1 -0.85 0.99 39.50
N ALA B 2 -0.02 0.07 39.02
CA ALA B 2 1.41 0.32 38.91
C ALA B 2 1.77 1.11 37.66
N GLY B 3 0.85 1.22 36.69
CA GLY B 3 1.15 2.01 35.50
C GLY B 3 1.36 3.48 35.82
N VAL B 4 0.46 4.05 36.62
CA VAL B 4 0.63 5.43 37.12
C VAL B 4 1.35 5.31 38.45
N ALA B 5 2.68 5.22 38.37
CA ALA B 5 3.51 5.12 39.57
C ALA B 5 4.23 6.41 39.89
N ALA B 6 4.50 7.26 38.89
CA ALA B 6 5.11 8.56 39.14
C ALA B 6 4.15 9.53 39.80
N TRP B 7 2.87 9.20 39.88
CA TRP B 7 1.86 10.03 40.52
C TRP B 7 1.59 9.60 41.95
N LEU B 8 2.42 8.74 42.51
CA LEU B 8 2.28 8.37 43.93
C LEU B 8 2.38 9.57 44.87
N PRO B 9 3.33 10.50 44.71
CA PRO B 9 3.29 11.71 45.56
C PRO B 9 2.00 12.50 45.41
N PHE B 10 1.40 12.50 44.22
CA PHE B 10 0.10 13.15 44.06
C PHE B 10 -0.97 12.43 44.87
N ALA B 11 -0.99 11.09 44.83
CA ALA B 11 -1.96 10.34 45.60
C ALA B 11 -1.72 10.49 47.09
N ARG B 12 -0.45 10.54 47.50
CA ARG B 12 -0.14 10.77 48.91
C ARG B 12 -0.52 12.17 49.34
N ALA B 13 -0.38 13.15 48.44
CA ALA B 13 -0.82 14.50 48.74
C ALA B 13 -2.35 14.57 48.89
N ALA B 14 -3.06 13.81 48.05
CA ALA B 14 -4.52 13.77 48.17
C ALA B 14 -4.96 13.14 49.48
N ALA B 15 -4.20 12.18 50.00
CA ALA B 15 -4.55 11.53 51.26
C ALA B 15 -4.48 12.48 52.45
N ILE B 16 -3.87 13.65 52.31
CA ILE B 16 -3.81 14.61 53.41
C ILE B 16 -5.19 15.10 53.79
N GLY B 17 -6.10 15.18 52.82
CA GLY B 17 -7.47 15.60 53.10
C GLY B 17 -8.23 14.66 54.02
N TRP B 18 -7.83 13.39 54.08
CA TRP B 18 -8.51 12.46 54.97
C TRP B 18 -8.16 12.72 56.43
N MET B 19 -6.95 13.19 56.71
CA MET B 19 -6.49 13.33 58.09
C MET B 19 -7.40 14.18 58.97
N PRO B 20 -7.90 15.35 58.53
CA PRO B 20 -8.81 16.10 59.42
C PRO B 20 -10.07 15.34 59.80
N VAL B 21 -10.59 14.49 58.90
CA VAL B 21 -11.82 13.74 59.16
C VAL B 21 -11.52 12.30 59.54
N ALA B 22 -10.32 12.01 60.02
CA ALA B 22 -9.89 10.66 60.33
C ALA B 22 -9.74 10.46 61.83
N SER B 23 -9.36 9.24 62.21
CA SER B 23 -9.03 8.86 63.58
C SER B 23 -7.68 8.18 63.52
N GLY B 24 -6.61 8.97 63.64
CA GLY B 24 -5.27 8.51 63.37
C GLY B 24 -4.81 7.33 64.21
N PRO B 25 -4.63 6.19 63.57
CA PRO B 25 -4.14 4.97 64.25
C PRO B 25 -2.64 4.73 64.11
N MET B 26 -1.85 5.70 63.61
CA MET B 26 -0.45 5.51 63.26
C MET B 26 -0.40 4.42 62.19
N PRO B 27 -0.77 4.76 60.94
CA PRO B 27 -0.92 3.73 59.89
C PRO B 27 0.40 3.11 59.42
N ALA B 28 1.51 3.44 60.08
CA ALA B 28 2.80 2.76 59.85
C ALA B 28 3.27 2.86 58.41
N PRO B 29 3.77 4.02 57.98
CA PRO B 29 4.28 4.13 56.62
C PRO B 29 5.42 3.16 56.38
N PRO B 30 5.55 2.64 55.15
CA PRO B 30 6.49 1.54 54.91
C PRO B 30 7.96 1.88 55.18
N ARG B 31 8.34 3.15 55.09
CA ARG B 31 9.73 3.58 55.28
C ARG B 31 10.67 2.86 54.29
N GLN B 32 10.46 3.20 53.01
CA GLN B 32 11.19 2.58 51.92
C GLN B 32 12.69 2.88 51.98
N GLU B 33 13.45 2.27 51.07
CA GLU B 33 14.91 2.43 51.09
C GLU B 33 15.31 3.88 50.82
N ARG B 34 14.75 4.48 49.79
CA ARG B 34 15.11 5.86 49.44
C ARG B 34 14.01 6.51 48.59
N ASP B 39 18.48 5.83 41.15
CA ASP B 39 17.47 5.98 40.11
C ASP B 39 18.13 6.20 38.75
N ALA B 40 19.42 5.85 38.65
CA ALA B 40 20.15 6.04 37.42
C ALA B 40 19.56 5.19 36.30
N LEU B 41 19.55 5.74 35.10
CA LEU B 41 19.02 5.03 33.94
C LEU B 41 19.92 3.85 33.57
N ILE B 42 19.29 2.77 33.11
CA ILE B 42 20.00 1.54 32.80
C ILE B 42 20.05 1.36 31.29
N VAL B 43 20.97 0.50 30.86
CA VAL B 43 21.23 0.26 29.44
C VAL B 43 20.66 -1.08 29.05
N LEU B 44 19.96 -1.12 27.92
CA LEU B 44 19.38 -2.35 27.36
C LEU B 44 19.94 -2.50 25.96
N ASN B 45 21.10 -3.15 25.85
CA ASN B 45 21.81 -3.29 24.58
C ASN B 45 21.26 -4.49 23.83
N VAL B 46 20.30 -4.25 22.94
CA VAL B 46 19.69 -5.32 22.15
C VAL B 46 20.50 -5.44 20.85
N SER B 47 21.57 -6.22 20.92
CA SER B 47 22.42 -6.54 19.77
C SER B 47 22.98 -5.28 19.11
N GLY B 48 23.78 -4.55 19.88
CA GLY B 48 24.52 -3.43 19.35
C GLY B 48 23.91 -2.06 19.62
N THR B 49 22.59 -1.95 19.46
CA THR B 49 21.90 -0.68 19.64
C THR B 49 21.48 -0.56 21.10
N ARG B 50 22.21 0.26 21.86
CA ARG B 50 21.91 0.41 23.28
C ARG B 50 20.63 1.22 23.46
N PHE B 51 19.79 0.75 24.37
CA PHE B 51 18.55 1.42 24.74
C PHE B 51 18.62 1.80 26.21
N GLN B 52 18.30 3.05 26.52
CA GLN B 52 18.44 3.58 27.87
C GLN B 52 17.08 4.02 28.39
N THR B 53 16.66 3.41 29.50
CA THR B 53 15.45 3.81 30.22
C THR B 53 15.72 3.69 31.71
N TRP B 54 14.96 4.45 32.50
CA TRP B 54 15.05 4.33 33.94
C TRP B 54 14.53 2.97 34.40
N GLN B 55 15.13 2.45 35.47
CA GLN B 55 14.70 1.15 35.99
C GLN B 55 13.26 1.21 36.49
N ASP B 56 12.84 2.36 37.00
CA ASP B 56 11.45 2.51 37.46
C ASP B 56 10.47 2.41 36.31
N THR B 57 10.89 2.75 35.09
CA THR B 57 10.02 2.63 33.93
C THR B 57 9.69 1.17 33.64
N LEU B 58 10.67 0.28 33.77
CA LEU B 58 10.44 -1.14 33.50
C LEU B 58 9.68 -1.82 34.63
N GLU B 59 9.92 -1.41 35.88
CA GLU B 59 9.34 -2.09 37.03
C GLU B 59 7.84 -1.83 37.18
N ARG B 60 7.26 -0.91 36.41
CA ARG B 60 5.85 -0.62 36.54
C ARG B 60 4.95 -1.69 35.93
N TYR B 61 5.53 -2.65 35.21
CA TYR B 61 4.80 -3.81 34.69
C TYR B 61 5.54 -5.07 35.11
N PRO B 62 5.39 -5.48 36.38
CA PRO B 62 6.16 -6.59 36.94
C PRO B 62 5.59 -7.98 36.63
N ASP B 63 5.23 -8.19 35.37
CA ASP B 63 4.79 -9.51 34.92
C ASP B 63 5.33 -9.86 33.54
N THR B 64 6.32 -9.13 33.04
CA THR B 64 6.94 -9.38 31.75
C THR B 64 8.43 -9.66 31.95
N LEU B 65 9.15 -9.78 30.85
CA LEU B 65 10.58 -10.07 30.95
C LEU B 65 11.37 -8.86 31.44
N LEU B 66 11.07 -7.67 30.92
CA LEU B 66 11.87 -6.50 31.26
C LEU B 66 11.64 -6.07 32.70
N GLY B 67 10.39 -6.01 33.15
CA GLY B 67 10.14 -5.77 34.55
C GLY B 67 9.95 -7.06 35.31
N SER B 68 11.05 -7.59 35.87
CA SER B 68 11.04 -8.86 36.59
C SER B 68 12.43 -9.19 37.11
N SER B 69 12.54 -10.29 37.83
CA SER B 69 13.85 -10.89 38.11
C SER B 69 14.34 -11.75 36.95
N GLU B 70 13.54 -11.85 35.87
CA GLU B 70 13.92 -12.67 34.73
C GLU B 70 15.04 -12.03 33.92
N ARG B 71 15.10 -10.70 33.87
CA ARG B 71 16.14 -10.03 33.12
C ARG B 71 17.52 -10.18 33.76
N ASP B 72 17.59 -10.69 34.99
CA ASP B 72 18.89 -11.00 35.59
C ASP B 72 19.60 -12.12 34.85
N PHE B 73 18.88 -12.90 34.04
CA PHE B 73 19.52 -13.90 33.20
C PHE B 73 20.26 -13.25 32.04
N PHE B 74 19.79 -12.11 31.57
CA PHE B 74 20.36 -11.42 30.42
C PHE B 74 21.32 -10.30 30.83
N TYR B 75 21.59 -10.14 32.12
CA TYR B 75 22.52 -9.13 32.58
C TYR B 75 23.95 -9.54 32.26
N HIS B 76 24.70 -8.63 31.63
CA HIS B 76 26.10 -8.86 31.34
C HIS B 76 26.92 -8.07 32.36
N PRO B 77 27.59 -8.72 33.31
CA PRO B 77 28.09 -8.00 34.49
C PRO B 77 29.28 -7.09 34.22
N GLU B 78 30.26 -7.55 33.46
CA GLU B 78 31.48 -6.75 33.27
C GLU B 78 31.23 -5.50 32.46
N THR B 79 30.20 -5.48 31.60
CA THR B 79 29.84 -4.29 30.86
C THR B 79 28.76 -3.45 31.54
N GLN B 80 28.21 -3.93 32.65
CA GLN B 80 27.17 -3.23 33.41
C GLN B 80 25.99 -2.85 32.53
N GLN B 81 25.54 -3.81 31.73
CA GLN B 81 24.42 -3.59 30.83
C GLN B 81 23.70 -4.91 30.57
N TYR B 82 22.43 -4.80 30.18
CA TYR B 82 21.64 -5.96 29.79
C TYR B 82 21.76 -6.15 28.29
N PHE B 83 22.28 -7.30 27.88
CA PHE B 83 22.47 -7.61 26.46
C PHE B 83 21.44 -8.64 26.03
N PHE B 84 20.54 -8.23 25.14
CA PHE B 84 19.60 -9.12 24.49
C PHE B 84 20.02 -9.32 23.04
N ASP B 85 19.79 -10.53 22.53
CA ASP B 85 20.15 -10.89 21.16
C ASP B 85 18.96 -10.81 20.21
N ARG B 86 18.05 -9.87 20.44
CA ARG B 86 16.79 -9.79 19.70
C ARG B 86 16.86 -8.70 18.63
N ASP B 87 15.73 -8.45 17.98
CA ASP B 87 15.66 -7.46 16.91
C ASP B 87 15.80 -6.06 17.49
N PRO B 88 16.70 -5.22 16.96
CA PRO B 88 16.86 -3.87 17.52
C PRO B 88 15.72 -2.93 17.18
N ASP B 89 15.07 -3.10 16.03
CA ASP B 89 14.01 -2.19 15.61
C ASP B 89 12.62 -2.70 15.95
N ILE B 90 12.50 -3.83 16.63
CA ILE B 90 11.20 -4.29 17.12
C ILE B 90 11.19 -4.15 18.63
N PHE B 91 12.37 -4.14 19.24
CA PHE B 91 12.46 -3.85 20.67
C PHE B 91 12.16 -2.38 20.96
N ARG B 92 12.18 -1.53 19.94
CA ARG B 92 11.82 -0.12 20.13
C ARG B 92 10.37 0.00 20.58
N HIS B 93 9.48 -0.83 20.03
CA HIS B 93 8.08 -0.81 20.42
C HIS B 93 7.84 -1.52 21.75
N ILE B 94 8.80 -2.30 22.22
CA ILE B 94 8.69 -2.89 23.56
C ILE B 94 8.85 -1.82 24.63
N LEU B 95 9.82 -0.92 24.45
CA LEU B 95 10.04 0.14 25.44
C LEU B 95 8.90 1.16 25.43
N ASN B 96 8.34 1.42 24.24
CA ASN B 96 7.21 2.34 24.17
C ASN B 96 6.01 1.83 24.96
N PHE B 97 5.93 0.51 25.15
CA PHE B 97 4.88 -0.04 26.01
C PHE B 97 5.12 0.33 27.47
N TYR B 98 6.36 0.23 27.94
CA TYR B 98 6.65 0.48 29.34
C TYR B 98 6.52 1.95 29.71
N ARG B 99 6.46 2.86 28.74
CA ARG B 99 6.24 4.27 29.01
C ARG B 99 4.75 4.60 29.05
N THR B 100 4.04 4.31 27.97
CA THR B 100 2.62 4.63 27.87
C THR B 100 1.76 3.49 28.41
N GLY B 101 1.87 2.30 27.82
CA GLY B 101 1.06 1.17 28.24
C GLY B 101 0.39 0.47 27.09
N LYS B 102 0.49 1.05 25.89
CA LYS B 102 -0.14 0.51 24.69
C LYS B 102 0.93 0.16 23.67
N LEU B 103 0.86 -1.06 23.15
CA LEU B 103 1.77 -1.48 22.09
C LEU B 103 1.36 -0.89 20.76
N HIS B 104 2.34 -0.64 19.90
CA HIS B 104 2.12 -0.14 18.56
C HIS B 104 2.63 -1.16 17.55
N TYR B 105 1.82 -1.45 16.54
CA TYR B 105 2.21 -2.43 15.53
C TYR B 105 2.89 -1.72 14.36
N PRO B 106 4.11 -2.12 13.99
CA PRO B 106 4.76 -1.51 12.83
C PRO B 106 4.23 -2.11 11.54
N ARG B 107 3.75 -1.24 10.65
CA ARG B 107 3.16 -1.70 9.40
C ARG B 107 4.20 -2.30 8.45
N HIS B 108 5.49 -2.07 8.69
CA HIS B 108 6.55 -2.50 7.80
C HIS B 108 7.27 -3.76 8.27
N GLU B 109 6.85 -4.36 9.39
CA GLU B 109 7.52 -5.53 9.94
C GLU B 109 6.64 -6.76 9.79
N CYS B 110 7.29 -7.90 9.52
CA CYS B 110 6.58 -9.16 9.42
C CYS B 110 5.92 -9.51 10.75
N ILE B 111 4.67 -9.97 10.68
CA ILE B 111 3.93 -10.27 11.91
C ILE B 111 4.43 -11.56 12.57
N SER B 112 5.11 -12.43 11.83
CA SER B 112 5.69 -13.62 12.45
C SER B 112 6.92 -13.27 13.29
N ALA B 113 7.58 -12.17 12.99
CA ALA B 113 8.69 -11.69 13.81
C ALA B 113 8.22 -10.76 14.92
N TYR B 114 7.16 -10.00 14.69
CA TYR B 114 6.60 -9.17 15.75
C TYR B 114 6.06 -10.01 16.89
N ASP B 115 5.36 -11.10 16.57
CA ASP B 115 4.85 -11.98 17.61
C ASP B 115 5.97 -12.71 18.33
N GLU B 116 7.10 -12.94 17.65
CA GLU B 116 8.23 -13.59 18.30
C GLU B 116 8.81 -12.72 19.41
N GLU B 117 8.90 -11.42 19.18
CA GLU B 117 9.45 -10.53 20.20
C GLU B 117 8.45 -10.32 21.34
N LEU B 118 7.16 -10.28 21.03
CA LEU B 118 6.16 -10.16 22.08
C LEU B 118 6.17 -11.39 23.00
N ALA B 119 6.28 -12.58 22.42
CA ALA B 119 6.36 -13.79 23.23
C ALA B 119 7.65 -13.83 24.04
N PHE B 120 8.75 -13.37 23.46
CA PHE B 120 10.02 -13.39 24.16
C PHE B 120 9.99 -12.51 25.39
N PHE B 121 9.52 -11.27 25.25
CA PHE B 121 9.59 -10.28 26.31
C PHE B 121 8.41 -10.34 27.26
N GLY B 122 7.49 -11.27 27.07
CA GLY B 122 6.38 -11.46 27.98
C GLY B 122 5.12 -10.70 27.64
N LEU B 123 5.16 -9.83 26.64
CA LEU B 123 3.96 -9.11 26.25
C LEU B 123 2.99 -10.05 25.52
N ILE B 124 1.74 -9.62 25.43
CA ILE B 124 0.68 -10.43 24.81
C ILE B 124 -0.02 -9.61 23.74
N PRO B 125 -0.58 -10.24 22.71
CA PRO B 125 -1.30 -9.47 21.68
C PRO B 125 -2.61 -8.87 22.15
N GLU B 126 -3.01 -9.10 23.40
CA GLU B 126 -4.26 -8.55 23.92
C GLU B 126 -4.10 -7.13 24.48
N ILE B 127 -2.86 -6.65 24.64
CA ILE B 127 -2.62 -5.34 25.23
C ILE B 127 -2.21 -4.31 24.19
N ILE B 128 -2.16 -4.67 22.91
CA ILE B 128 -1.79 -3.72 21.87
C ILE B 128 -2.89 -2.67 21.74
N GLY B 129 -2.48 -1.42 21.50
CA GLY B 129 -3.43 -0.32 21.55
C GLY B 129 -4.49 -0.41 20.48
N ASP B 130 -5.63 0.23 20.77
CA ASP B 130 -6.76 0.24 19.84
C ASP B 130 -6.45 1.00 18.55
N CYS B 131 -5.45 1.88 18.57
CA CYS B 131 -5.12 2.66 17.38
C CYS B 131 -4.71 1.74 16.23
N CYS B 132 -3.86 0.76 16.52
CA CYS B 132 -3.46 -0.26 15.55
C CYS B 132 -3.70 -1.64 16.18
N TYR B 133 -4.94 -2.11 16.07
CA TYR B 133 -5.30 -3.46 16.49
C TYR B 133 -6.16 -4.08 15.41
N GLU B 134 -6.87 -3.23 14.67
CA GLU B 134 -7.64 -3.72 13.53
C GLU B 134 -6.72 -4.26 12.44
N GLU B 135 -5.62 -3.55 12.15
CA GLU B 135 -4.68 -4.01 11.14
C GLU B 135 -3.81 -5.14 11.66
N TYR B 136 -3.52 -5.16 12.97
CA TYR B 136 -2.73 -6.25 13.53
C TYR B 136 -3.44 -7.59 13.37
N LYS B 137 -4.75 -7.63 13.64
CA LYS B 137 -5.50 -8.85 13.43
C LYS B 137 -5.65 -9.16 11.95
N ASP B 138 -5.79 -8.13 11.12
CA ASP B 138 -5.90 -8.34 9.68
C ASP B 138 -4.62 -8.99 9.12
N ARG B 139 -3.46 -8.52 9.56
CA ARG B 139 -2.21 -9.15 9.14
C ARG B 139 -2.01 -10.49 9.84
N ARG B 140 -2.59 -10.67 11.03
CA ARG B 140 -2.52 -11.95 11.71
C ARG B 140 -3.38 -12.99 11.01
N ARG B 141 -4.51 -12.58 10.45
CA ARG B 141 -5.38 -13.51 9.73
C ARG B 141 -4.69 -14.06 8.49
N GLU B 142 -3.99 -13.20 7.74
CA GLU B 142 -3.30 -13.66 6.55
C GLU B 142 -2.21 -14.67 6.89
N ASN B 143 -1.46 -14.42 7.96
CA ASN B 143 -0.46 -15.37 8.41
C ASN B 143 -1.11 -16.67 8.88
N ALA B 144 -2.25 -16.57 9.59
CA ALA B 144 -2.95 -17.76 10.05
C ALA B 144 -3.46 -18.58 8.86
N GLU B 145 -4.00 -17.91 7.84
CA GLU B 145 -4.44 -18.63 6.65
C GLU B 145 -3.27 -19.27 5.92
N ARG B 146 -2.10 -18.65 5.96
CA ARG B 146 -0.91 -19.26 5.36
C ARG B 146 -0.54 -20.56 6.06
N LEU B 147 -0.65 -20.59 7.38
CA LEU B 147 -0.40 -21.83 8.13
C LEU B 147 -1.42 -22.90 7.77
N GLN B 148 -2.70 -22.54 7.70
CA GLN B 148 -3.75 -23.52 7.44
C GLN B 148 -3.61 -24.13 6.05
N ASP B 149 -3.34 -23.29 5.04
CA ASP B 149 -3.18 -23.80 3.69
C ASP B 149 -1.96 -24.70 3.57
N ASP B 150 -0.87 -24.33 4.25
CA ASP B 150 0.37 -25.12 4.19
C ASP B 150 0.22 -26.44 4.96
N ALA B 151 -0.70 -26.50 5.91
CA ALA B 151 -0.89 -27.68 6.76
C ALA B 151 -2.25 -28.32 6.50
N ASP B 152 -2.64 -28.42 5.24
CA ASP B 152 -3.91 -29.02 4.86
C ASP B 152 -3.82 -30.54 4.70
N THR B 153 -2.63 -31.12 4.85
CA THR B 153 -2.41 -32.56 4.78
C THR B 153 -2.89 -33.12 3.43
N ASP B 154 -2.19 -32.68 2.39
CA ASP B 154 -2.46 -33.13 1.02
C ASP B 154 -1.60 -34.33 0.62
N THR B 155 -0.83 -34.89 1.56
CA THR B 155 0.02 -36.03 1.25
C THR B 155 -0.82 -37.22 0.81
N ALA B 156 -0.41 -37.86 -0.28
CA ALA B 156 -1.12 -39.02 -0.81
C ALA B 156 -0.17 -39.93 -1.57
N PRO B 162 -0.70 -47.60 1.52
CA PRO B 162 -1.32 -48.86 1.08
C PRO B 162 -1.06 -50.01 2.05
N THR B 163 -0.89 -49.69 3.32
CA THR B 163 -0.69 -50.71 4.35
C THR B 163 -1.98 -51.45 4.69
N MET B 164 -3.12 -51.00 4.20
CA MET B 164 -4.42 -51.60 4.47
C MET B 164 -5.11 -51.91 3.14
N THR B 165 -6.40 -52.24 3.21
CA THR B 165 -7.12 -52.78 2.06
C THR B 165 -7.26 -51.77 0.92
N ALA B 166 -7.91 -52.18 -0.17
CA ALA B 166 -7.98 -51.36 -1.38
C ALA B 166 -8.86 -50.13 -1.22
N ARG B 167 -9.60 -50.01 -0.12
CA ARG B 167 -10.54 -48.90 0.04
C ARG B 167 -9.83 -47.56 -0.05
N GLN B 168 -8.77 -47.36 0.75
CA GLN B 168 -8.09 -46.08 0.75
C GLN B 168 -7.37 -45.81 -0.58
N ARG B 169 -6.77 -46.85 -1.17
CA ARG B 169 -6.04 -46.67 -2.41
C ARG B 169 -6.94 -46.55 -3.64
N VAL B 170 -8.24 -46.80 -3.50
CA VAL B 170 -9.16 -46.52 -4.61
C VAL B 170 -9.86 -45.20 -4.33
N TRP B 171 -9.98 -44.83 -3.05
CA TRP B 171 -10.54 -43.53 -2.72
C TRP B 171 -9.59 -42.40 -3.10
N ARG B 172 -8.28 -42.62 -2.93
CA ARG B 172 -7.31 -41.62 -3.36
C ARG B 172 -7.37 -41.43 -4.88
N ALA B 173 -7.74 -42.48 -5.61
CA ALA B 173 -7.96 -42.34 -7.05
C ALA B 173 -9.26 -41.60 -7.35
N PHE B 174 -10.32 -41.91 -6.59
CA PHE B 174 -11.58 -41.22 -6.77
C PHE B 174 -11.46 -39.73 -6.42
N GLU B 175 -10.81 -39.43 -5.31
CA GLU B 175 -10.66 -38.03 -4.90
C GLU B 175 -9.75 -37.27 -5.85
N ASN B 176 -8.67 -37.90 -6.31
CA ASN B 176 -7.70 -37.28 -7.20
C ASN B 176 -7.62 -38.10 -8.48
N PRO B 177 -8.43 -37.78 -9.50
CA PRO B 177 -8.40 -38.55 -10.75
C PRO B 177 -7.24 -38.21 -11.66
N HIS B 178 -6.45 -37.17 -11.36
CA HIS B 178 -5.34 -36.77 -12.20
C HIS B 178 -4.11 -37.65 -12.01
N THR B 179 -4.06 -38.46 -10.96
CA THR B 179 -2.96 -39.36 -10.70
C THR B 179 -3.27 -40.76 -11.24
N SER B 180 -2.28 -41.64 -11.13
CA SER B 180 -2.39 -43.03 -11.56
C SER B 180 -2.79 -43.12 -13.03
N THR B 181 -3.31 -44.28 -13.45
CA THR B 181 -3.75 -44.46 -14.83
C THR B 181 -5.19 -44.94 -14.88
N MET B 182 -5.64 -45.65 -13.84
CA MET B 182 -7.03 -46.08 -13.77
C MET B 182 -7.95 -44.94 -13.39
N ALA B 183 -7.48 -44.04 -12.52
CA ALA B 183 -8.30 -42.90 -12.10
C ALA B 183 -8.62 -41.99 -13.27
N LEU B 184 -7.63 -41.71 -14.13
CA LEU B 184 -7.86 -40.87 -15.30
C LEU B 184 -8.84 -41.52 -16.26
N VAL B 185 -8.73 -42.83 -16.46
CA VAL B 185 -9.65 -43.54 -17.35
C VAL B 185 -11.07 -43.48 -16.80
N PHE B 186 -11.22 -43.70 -15.49
CA PHE B 186 -12.54 -43.62 -14.88
C PHE B 186 -13.12 -42.21 -14.99
N TYR B 187 -12.30 -41.19 -14.77
CA TYR B 187 -12.74 -39.81 -14.91
C TYR B 187 -13.22 -39.53 -16.32
N TYR B 188 -12.43 -39.94 -17.32
CA TYR B 188 -12.80 -39.70 -18.71
C TYR B 188 -14.09 -40.44 -19.07
N VAL B 189 -14.23 -41.70 -18.63
CA VAL B 189 -15.43 -42.46 -19.00
C VAL B 189 -16.66 -41.88 -18.32
N THR B 190 -16.53 -41.41 -17.07
CA THR B 190 -17.67 -40.78 -16.42
C THR B 190 -18.07 -39.49 -17.11
N GLY B 191 -17.09 -38.66 -17.47
CA GLY B 191 -17.40 -37.43 -18.20
C GLY B 191 -18.07 -37.71 -19.54
N PHE B 192 -17.54 -38.70 -20.28
CA PHE B 192 -18.11 -39.06 -21.57
C PHE B 192 -19.54 -39.58 -21.41
N PHE B 193 -19.79 -40.38 -20.36
CA PHE B 193 -21.12 -40.90 -20.14
C PHE B 193 -22.11 -39.78 -19.80
N ILE B 194 -21.70 -38.83 -18.96
CA ILE B 194 -22.58 -37.71 -18.63
C ILE B 194 -22.89 -36.89 -19.89
N ALA B 195 -21.85 -36.60 -20.68
CA ALA B 195 -22.03 -35.81 -21.88
C ALA B 195 -22.94 -36.51 -22.88
N VAL B 196 -22.73 -37.82 -23.08
CA VAL B 196 -23.57 -38.54 -24.04
C VAL B 196 -24.99 -38.66 -23.52
N SER B 197 -25.19 -38.78 -22.21
CA SER B 197 -26.54 -38.83 -21.67
C SER B 197 -27.29 -37.53 -21.93
N VAL B 198 -26.66 -36.39 -21.63
CA VAL B 198 -27.36 -35.12 -21.82
C VAL B 198 -27.58 -34.84 -23.31
N ILE B 199 -26.58 -35.17 -24.15
CA ILE B 199 -26.74 -34.97 -25.58
C ILE B 199 -27.86 -35.84 -26.12
N ALA B 200 -27.92 -37.11 -25.68
CA ALA B 200 -28.98 -38.00 -26.14
C ALA B 200 -30.35 -37.49 -25.71
N ASN B 201 -30.46 -36.98 -24.48
CA ASN B 201 -31.72 -36.39 -24.05
C ASN B 201 -32.13 -35.25 -24.96
N VAL B 202 -31.18 -34.38 -25.31
CA VAL B 202 -31.46 -33.30 -26.24
C VAL B 202 -31.93 -33.87 -27.58
N VAL B 203 -31.33 -34.97 -28.03
CA VAL B 203 -31.69 -35.56 -29.31
C VAL B 203 -33.12 -36.09 -29.28
N GLU B 204 -33.51 -36.83 -28.24
CA GLU B 204 -34.88 -37.34 -28.28
C GLU B 204 -35.90 -36.25 -28.03
N THR B 205 -35.51 -35.13 -27.40
CA THR B 205 -36.47 -34.06 -27.21
C THR B 205 -36.78 -33.33 -28.52
N VAL B 206 -35.86 -33.35 -29.48
CA VAL B 206 -36.07 -32.66 -30.76
C VAL B 206 -36.67 -33.64 -31.77
N PRO B 207 -37.62 -33.19 -32.60
CA PRO B 207 -38.16 -34.06 -33.64
C PRO B 207 -37.09 -34.55 -34.60
N CYS B 208 -37.25 -35.80 -35.05
CA CYS B 208 -36.32 -36.42 -35.98
C CYS B 208 -36.83 -36.52 -37.40
N GLY B 209 -38.14 -36.67 -37.59
CA GLY B 209 -38.72 -36.78 -38.92
C GLY B 209 -39.78 -35.74 -39.19
N HIS B 214 -46.65 -37.77 -43.85
CA HIS B 214 -46.70 -38.41 -42.54
C HIS B 214 -47.97 -38.02 -41.79
N ILE B 215 -48.37 -38.86 -40.83
CA ILE B 215 -49.55 -38.58 -40.05
C ILE B 215 -49.36 -37.31 -39.21
N LYS B 216 -48.19 -37.17 -38.58
CA LYS B 216 -47.89 -36.03 -37.75
C LYS B 216 -46.39 -35.87 -37.67
N GLU B 217 -45.95 -34.67 -37.25
CA GLU B 217 -44.53 -34.39 -37.06
C GLU B 217 -44.09 -35.08 -35.77
N LEU B 218 -43.92 -36.39 -35.86
CA LEU B 218 -43.62 -37.21 -34.69
C LEU B 218 -42.20 -36.91 -34.19
N PRO B 219 -42.01 -36.66 -32.91
CA PRO B 219 -40.66 -36.44 -32.38
C PRO B 219 -39.84 -37.72 -32.33
N CYS B 220 -38.62 -37.64 -31.81
CA CYS B 220 -37.71 -38.77 -31.72
C CYS B 220 -37.98 -39.65 -30.50
N GLY B 221 -39.16 -39.53 -29.89
CA GLY B 221 -39.46 -40.28 -28.69
C GLY B 221 -40.60 -41.27 -28.80
N GLU B 222 -41.23 -41.33 -29.97
CA GLU B 222 -42.35 -42.24 -30.20
C GLU B 222 -42.00 -43.36 -31.16
N ARG B 223 -41.57 -43.02 -32.39
CA ARG B 223 -41.08 -44.04 -33.30
C ARG B 223 -39.68 -44.51 -32.88
N TYR B 224 -38.82 -43.58 -32.50
CA TYR B 224 -37.52 -43.88 -31.95
C TYR B 224 -37.65 -44.04 -30.43
N ALA B 225 -36.53 -43.99 -29.71
CA ALA B 225 -36.40 -44.09 -28.25
C ALA B 225 -36.50 -45.53 -27.77
N VAL B 226 -36.50 -46.51 -28.68
CA VAL B 226 -36.36 -47.90 -28.25
C VAL B 226 -34.96 -48.14 -27.69
N ALA B 227 -33.95 -47.50 -28.28
CA ALA B 227 -32.58 -47.58 -27.78
C ALA B 227 -32.21 -46.42 -26.87
N PHE B 228 -32.96 -45.31 -26.92
CA PHE B 228 -32.69 -44.21 -26.00
C PHE B 228 -32.95 -44.63 -24.56
N PHE B 229 -33.98 -45.45 -24.34
CA PHE B 229 -34.23 -45.98 -23.00
C PHE B 229 -33.06 -46.87 -22.55
N CYS B 230 -32.52 -47.66 -23.49
CA CYS B 230 -31.36 -48.49 -23.15
C CYS B 230 -30.15 -47.64 -22.77
N LEU B 231 -29.91 -46.56 -23.53
CA LEU B 231 -28.80 -45.67 -23.20
C LEU B 231 -29.02 -45.00 -21.84
N ASP B 232 -30.24 -44.56 -21.57
CA ASP B 232 -30.55 -43.92 -20.30
C ASP B 232 -30.35 -44.87 -19.13
N THR B 233 -30.83 -46.12 -19.27
CA THR B 233 -30.67 -47.07 -18.18
C THR B 233 -29.21 -47.50 -18.02
N ALA B 234 -28.45 -47.56 -19.11
CA ALA B 234 -27.02 -47.84 -18.99
C ALA B 234 -26.31 -46.72 -18.24
N CYS B 235 -26.63 -45.46 -18.56
CA CYS B 235 -26.02 -44.34 -17.86
C CYS B 235 -26.41 -44.33 -16.38
N VAL B 236 -27.67 -44.63 -16.09
CA VAL B 236 -28.12 -44.69 -14.69
C VAL B 236 -27.42 -45.81 -13.94
N MET B 237 -27.25 -46.97 -14.59
CA MET B 237 -26.53 -48.07 -13.96
C MET B 237 -25.08 -47.71 -13.69
N ILE B 238 -24.44 -47.02 -14.64
CA ILE B 238 -23.06 -46.58 -14.43
C ILE B 238 -22.98 -45.61 -13.26
N PHE B 239 -23.91 -44.66 -13.18
CA PHE B 239 -23.91 -43.73 -12.07
C PHE B 239 -24.11 -44.44 -10.74
N THR B 240 -25.03 -45.40 -10.70
CA THR B 240 -25.28 -46.12 -9.45
C THR B 240 -24.07 -46.95 -9.03
N VAL B 241 -23.43 -47.63 -9.98
CA VAL B 241 -22.29 -48.47 -9.61
C VAL B 241 -21.10 -47.60 -9.19
N GLU B 242 -20.89 -46.45 -9.85
CA GLU B 242 -19.80 -45.58 -9.41
C GLU B 242 -20.10 -44.97 -8.04
N TYR B 243 -21.37 -44.66 -7.76
CA TYR B 243 -21.73 -44.20 -6.42
C TYR B 243 -21.47 -45.29 -5.38
N LEU B 244 -21.79 -46.54 -5.71
CA LEU B 244 -21.54 -47.64 -4.78
C LEU B 244 -20.05 -47.84 -4.54
N LEU B 245 -19.24 -47.73 -5.60
CA LEU B 245 -17.79 -47.82 -5.43
C LEU B 245 -17.26 -46.68 -4.57
N ARG B 246 -17.80 -45.48 -4.75
CA ARG B 246 -17.42 -44.36 -3.88
C ARG B 246 -17.81 -44.64 -2.44
N LEU B 247 -18.99 -45.21 -2.22
CA LEU B 247 -19.43 -45.55 -0.88
C LEU B 247 -18.52 -46.59 -0.24
N ALA B 248 -18.07 -47.57 -1.02
CA ALA B 248 -17.20 -48.64 -0.53
C ALA B 248 -15.78 -48.16 -0.25
N ALA B 249 -15.51 -46.85 -0.33
CA ALA B 249 -14.16 -46.34 -0.07
C ALA B 249 -14.19 -45.06 0.76
N ALA B 250 -15.33 -44.73 1.38
CA ALA B 250 -15.44 -43.48 2.12
C ALA B 250 -15.38 -43.77 3.61
N PRO B 251 -14.32 -43.36 4.32
CA PRO B 251 -14.29 -43.53 5.78
C PRO B 251 -15.40 -42.78 6.49
N SER B 252 -15.93 -41.72 5.89
CA SER B 252 -17.01 -40.91 6.47
C SER B 252 -18.34 -41.22 5.80
N ARG B 253 -18.61 -42.51 5.56
CA ARG B 253 -19.77 -42.96 4.78
C ARG B 253 -21.04 -42.16 5.06
N TYR B 254 -21.43 -42.05 6.34
CA TYR B 254 -22.61 -41.26 6.67
C TYR B 254 -22.39 -39.78 6.38
N ARG B 255 -21.24 -39.24 6.81
CA ARG B 255 -20.94 -37.84 6.51
C ARG B 255 -20.73 -37.63 5.02
N PHE B 256 -20.16 -38.61 4.33
CA PHE B 256 -20.00 -38.51 2.89
C PHE B 256 -21.36 -38.45 2.19
N VAL B 257 -22.32 -39.24 2.65
CA VAL B 257 -23.67 -39.17 2.12
C VAL B 257 -24.29 -37.80 2.43
N ARG B 258 -24.06 -37.29 3.63
CA ARG B 258 -24.55 -35.97 4.01
C ARG B 258 -23.88 -34.84 3.21
N SER B 259 -22.78 -35.13 2.52
CA SER B 259 -22.11 -34.11 1.73
C SER B 259 -22.94 -33.71 0.52
N VAL B 260 -22.62 -32.54 -0.04
CA VAL B 260 -23.41 -32.00 -1.14
C VAL B 260 -23.22 -32.84 -2.41
N MET B 261 -22.01 -33.35 -2.64
CA MET B 261 -21.76 -34.12 -3.85
C MET B 261 -22.58 -35.41 -3.88
N SER B 262 -22.66 -36.11 -2.74
CA SER B 262 -23.47 -37.32 -2.69
C SER B 262 -24.95 -37.00 -2.83
N ILE B 263 -25.39 -35.86 -2.30
CA ILE B 263 -26.77 -35.43 -2.48
C ILE B 263 -27.07 -35.20 -3.96
N ILE B 264 -26.15 -34.53 -4.66
CA ILE B 264 -26.33 -34.32 -6.09
C ILE B 264 -26.37 -35.65 -6.83
N ASP B 265 -25.49 -36.59 -6.44
CA ASP B 265 -25.46 -37.89 -7.10
C ASP B 265 -26.76 -38.66 -6.91
N VAL B 266 -27.29 -38.68 -5.67
CA VAL B 266 -28.51 -39.42 -5.42
C VAL B 266 -29.70 -38.75 -6.11
N VAL B 267 -29.70 -37.41 -6.15
CA VAL B 267 -30.77 -36.71 -6.87
C VAL B 267 -30.69 -37.03 -8.36
N ALA B 268 -29.48 -37.16 -8.91
CA ALA B 268 -29.34 -37.49 -10.32
C ALA B 268 -29.78 -38.92 -10.61
N ILE B 269 -29.51 -39.86 -9.69
CA ILE B 269 -29.83 -41.26 -9.96
C ILE B 269 -31.26 -41.64 -9.59
N LEU B 270 -31.93 -40.85 -8.76
CA LEU B 270 -33.30 -41.18 -8.35
C LEU B 270 -34.30 -41.25 -9.50
N PRO B 271 -34.35 -40.29 -10.45
CA PRO B 271 -35.52 -40.23 -11.35
C PRO B 271 -35.78 -41.50 -12.14
N TYR B 272 -34.74 -42.21 -12.58
CA TYR B 272 -34.97 -43.44 -13.34
C TYR B 272 -35.69 -44.49 -12.52
N TYR B 273 -35.20 -44.73 -11.30
CA TYR B 273 -35.84 -45.71 -10.43
C TYR B 273 -37.24 -45.26 -10.03
N ILE B 274 -37.41 -43.96 -9.78
CA ILE B 274 -38.74 -43.45 -9.43
C ILE B 274 -39.71 -43.67 -10.57
N GLY B 275 -39.29 -43.38 -11.80
CA GLY B 275 -40.15 -43.60 -12.95
C GLY B 275 -40.47 -45.06 -13.17
N LEU B 276 -39.49 -45.95 -12.96
CA LEU B 276 -39.75 -47.38 -13.07
C LEU B 276 -40.77 -47.82 -12.03
N VAL B 277 -40.64 -47.33 -10.80
CA VAL B 277 -41.59 -47.68 -9.74
C VAL B 277 -42.99 -47.19 -10.10
N MET B 278 -43.08 -45.95 -10.60
CA MET B 278 -44.40 -45.41 -10.97
C MET B 278 -45.02 -46.18 -12.12
N THR B 279 -44.22 -46.58 -13.11
CA THR B 279 -44.76 -47.29 -14.26
C THR B 279 -45.00 -48.77 -14.00
N ASP B 280 -44.45 -49.33 -12.91
CA ASP B 280 -44.78 -50.71 -12.56
C ASP B 280 -46.25 -50.87 -12.22
N ASN B 281 -46.81 -49.91 -11.48
CA ASN B 281 -48.22 -49.94 -11.09
C ASN B 281 -48.89 -48.67 -11.62
N GLU B 282 -49.80 -48.85 -12.59
CA GLU B 282 -50.51 -47.75 -13.24
C GLU B 282 -49.55 -46.80 -13.94
N ASP B 283 -50.08 -45.75 -14.57
CA ASP B 283 -49.23 -44.77 -15.27
C ASP B 283 -50.05 -43.51 -15.52
N VAL B 284 -49.52 -42.38 -15.07
CA VAL B 284 -50.12 -41.07 -15.32
C VAL B 284 -49.02 -40.11 -15.76
N SER B 285 -49.43 -39.03 -16.40
CA SER B 285 -48.49 -38.03 -16.91
C SER B 285 -48.24 -36.89 -15.93
N GLY B 286 -48.79 -36.95 -14.72
CA GLY B 286 -48.59 -35.87 -13.77
C GLY B 286 -47.15 -35.72 -13.35
N ALA B 287 -46.49 -36.84 -13.02
CA ALA B 287 -45.10 -36.84 -12.60
C ALA B 287 -44.13 -37.17 -13.73
N PHE B 288 -44.63 -37.37 -14.94
CA PHE B 288 -43.74 -37.68 -16.07
C PHE B 288 -42.86 -36.48 -16.42
N VAL B 289 -43.48 -35.31 -16.58
CA VAL B 289 -42.72 -34.12 -16.94
C VAL B 289 -41.78 -33.71 -15.81
N THR B 290 -42.20 -33.91 -14.56
CA THR B 290 -41.33 -33.58 -13.43
C THR B 290 -40.08 -34.45 -13.43
N LEU B 291 -40.23 -35.74 -13.67
CA LEU B 291 -39.07 -36.63 -13.72
C LEU B 291 -38.20 -36.34 -14.93
N ARG B 292 -38.82 -36.00 -16.06
CA ARG B 292 -38.04 -35.62 -17.24
C ARG B 292 -37.22 -34.36 -16.98
N VAL B 293 -37.80 -33.40 -16.25
CA VAL B 293 -37.06 -32.20 -15.87
C VAL B 293 -35.92 -32.57 -14.94
N PHE B 294 -36.19 -33.41 -13.94
CA PHE B 294 -35.17 -33.81 -12.99
C PHE B 294 -34.05 -34.62 -13.62
N ARG B 295 -34.31 -35.24 -14.78
CA ARG B 295 -33.28 -36.06 -15.42
C ARG B 295 -32.06 -35.24 -15.81
N VAL B 296 -32.23 -33.95 -16.12
CA VAL B 296 -31.10 -33.13 -16.56
C VAL B 296 -30.18 -32.75 -15.41
N PHE B 297 -30.49 -33.19 -14.19
CA PHE B 297 -29.68 -32.83 -13.03
C PHE B 297 -28.34 -33.52 -13.03
N ARG B 298 -28.12 -34.44 -13.98
CA ARG B 298 -26.79 -35.01 -14.17
C ARG B 298 -25.78 -33.98 -14.65
N ILE B 299 -26.24 -32.81 -15.10
CA ILE B 299 -25.33 -31.74 -15.48
C ILE B 299 -24.48 -31.29 -14.30
N PHE B 300 -25.09 -31.16 -13.13
CA PHE B 300 -24.37 -30.70 -11.94
C PHE B 300 -23.31 -31.69 -11.46
N LYS B 301 -23.31 -32.92 -11.97
CA LYS B 301 -22.26 -33.87 -11.63
C LYS B 301 -20.89 -33.46 -12.17
N PHE B 302 -20.83 -32.47 -13.05
CA PHE B 302 -19.57 -31.96 -13.57
C PHE B 302 -18.79 -31.16 -12.53
N SER B 303 -19.31 -31.01 -11.31
CA SER B 303 -18.62 -30.23 -10.28
C SER B 303 -17.28 -30.87 -9.93
N ARG B 304 -17.24 -32.20 -9.83
CA ARG B 304 -15.97 -32.88 -9.58
C ARG B 304 -15.01 -32.70 -10.75
N HIS B 305 -15.54 -32.74 -11.98
CA HIS B 305 -14.68 -32.69 -13.16
C HIS B 305 -14.03 -31.32 -13.32
N SER B 306 -14.78 -30.25 -13.11
CA SER B 306 -14.31 -28.90 -13.35
C SER B 306 -14.19 -28.14 -12.04
N GLN B 307 -13.02 -27.56 -11.80
CA GLN B 307 -12.81 -26.74 -10.61
C GLN B 307 -13.65 -25.47 -10.63
N GLY B 308 -14.01 -24.98 -11.83
CA GLY B 308 -14.81 -23.78 -11.92
C GLY B 308 -16.16 -23.90 -11.25
N LEU B 309 -16.81 -25.06 -11.42
CA LEU B 309 -18.10 -25.28 -10.76
C LEU B 309 -17.95 -25.27 -9.24
N ARG B 310 -16.89 -25.89 -8.73
CA ARG B 310 -16.67 -25.90 -7.29
C ARG B 310 -16.40 -24.50 -6.77
N ILE B 311 -15.62 -23.71 -7.51
CA ILE B 311 -15.34 -22.34 -7.09
C ILE B 311 -16.61 -21.50 -7.10
N LEU B 312 -17.45 -21.68 -8.14
CA LEU B 312 -18.72 -20.96 -8.20
C LEU B 312 -19.62 -21.34 -7.05
N GLY B 313 -19.71 -22.64 -6.72
CA GLY B 313 -20.51 -23.05 -5.58
C GLY B 313 -19.99 -22.46 -4.27
N TYR B 314 -18.67 -22.46 -4.10
CA TYR B 314 -18.08 -21.90 -2.88
C TYR B 314 -18.37 -20.41 -2.77
N THR B 315 -18.29 -19.67 -3.88
CA THR B 315 -18.52 -18.23 -3.81
C THR B 315 -20.00 -17.90 -3.66
N LEU B 316 -20.89 -18.76 -4.15
CA LEU B 316 -22.31 -18.55 -3.89
C LEU B 316 -22.66 -18.86 -2.43
N LYS B 317 -22.05 -19.91 -1.86
CA LYS B 317 -22.31 -20.24 -0.47
C LYS B 317 -21.71 -19.21 0.48
N SER B 318 -20.56 -18.63 0.12
CA SER B 318 -19.91 -17.69 1.02
C SER B 318 -20.73 -16.42 1.21
N CYS B 319 -21.16 -15.79 0.12
CA CYS B 319 -21.98 -14.59 0.18
C CYS B 319 -23.46 -14.94 0.03
N ALA B 320 -23.93 -15.82 0.91
CA ALA B 320 -25.34 -16.21 0.90
C ALA B 320 -26.23 -15.09 1.43
N SER B 321 -25.72 -14.29 2.37
CA SER B 321 -26.51 -13.18 2.89
C SER B 321 -26.78 -12.14 1.82
N GLU B 322 -25.79 -11.86 0.97
CA GLU B 322 -25.97 -10.87 -0.09
C GLU B 322 -27.01 -11.34 -1.11
N LEU B 323 -27.05 -12.65 -1.40
CA LEU B 323 -28.08 -13.18 -2.28
C LEU B 323 -29.46 -13.05 -1.65
N GLY B 324 -29.55 -13.24 -0.33
CA GLY B 324 -30.82 -13.03 0.35
C GLY B 324 -31.30 -11.60 0.25
N PHE B 325 -30.38 -10.63 0.42
CA PHE B 325 -30.75 -9.23 0.24
C PHE B 325 -31.14 -8.95 -1.20
N LEU B 326 -30.44 -9.57 -2.15
CA LEU B 326 -30.82 -9.45 -3.56
C LEU B 326 -32.26 -9.89 -3.78
N LEU B 327 -32.60 -11.07 -3.25
CA LEU B 327 -33.95 -11.59 -3.43
C LEU B 327 -34.98 -10.69 -2.75
N PHE B 328 -34.67 -10.23 -1.53
CA PHE B 328 -35.62 -9.39 -0.80
C PHE B 328 -35.87 -8.07 -1.54
N SER B 329 -34.81 -7.40 -1.97
CA SER B 329 -34.96 -6.13 -2.68
C SER B 329 -35.63 -6.34 -4.04
N LEU B 330 -35.33 -7.46 -4.71
CA LEU B 330 -35.96 -7.77 -5.99
C LEU B 330 -37.46 -7.93 -5.80
N THR B 331 -37.88 -8.69 -4.79
CA THR B 331 -39.31 -8.86 -4.54
C THR B 331 -39.96 -7.55 -4.14
N MET B 332 -39.26 -6.74 -3.33
CA MET B 332 -39.78 -5.44 -2.93
C MET B 332 -40.07 -4.57 -4.13
N ALA B 333 -39.06 -4.40 -5.00
CA ALA B 333 -39.23 -3.54 -6.18
C ALA B 333 -40.26 -4.12 -7.13
N ILE B 334 -40.27 -5.44 -7.31
CA ILE B 334 -41.22 -6.07 -8.22
C ILE B 334 -42.64 -5.80 -7.74
N ILE B 335 -42.91 -6.00 -6.45
CA ILE B 335 -44.25 -5.77 -5.91
C ILE B 335 -44.65 -4.31 -6.07
N ILE B 336 -43.75 -3.40 -5.69
CA ILE B 336 -44.09 -1.98 -5.74
C ILE B 336 -44.41 -1.55 -7.18
N PHE B 337 -43.51 -1.88 -8.11
CA PHE B 337 -43.70 -1.43 -9.48
C PHE B 337 -44.86 -2.15 -10.16
N ALA B 338 -45.10 -3.42 -9.84
CA ALA B 338 -46.25 -4.11 -10.40
C ALA B 338 -47.55 -3.47 -9.92
N THR B 339 -47.63 -3.12 -8.64
CA THR B 339 -48.82 -2.44 -8.14
C THR B 339 -49.01 -1.10 -8.84
N VAL B 340 -47.93 -0.34 -8.99
CA VAL B 340 -48.02 0.99 -9.61
C VAL B 340 -48.49 0.86 -11.06
N MET B 341 -47.88 -0.05 -11.82
CA MET B 341 -48.24 -0.20 -13.22
C MET B 341 -49.66 -0.75 -13.38
N PHE B 342 -50.08 -1.66 -12.50
CA PHE B 342 -51.42 -2.20 -12.58
C PHE B 342 -52.45 -1.10 -12.33
N TYR B 343 -52.26 -0.32 -11.26
CA TYR B 343 -53.21 0.75 -10.97
C TYR B 343 -53.07 1.94 -11.91
N ALA B 344 -52.00 2.00 -12.70
CA ALA B 344 -51.83 3.08 -13.66
C ALA B 344 -52.18 2.70 -15.09
N GLU B 345 -52.25 1.40 -15.40
CA GLU B 345 -52.50 0.92 -16.75
C GLU B 345 -53.57 -0.19 -16.71
N LYS B 346 -54.67 0.10 -16.01
CA LYS B 346 -55.78 -0.84 -15.90
C LYS B 346 -56.96 -0.50 -16.80
N GLY B 347 -57.26 0.78 -16.99
CA GLY B 347 -58.40 1.22 -17.77
C GLY B 347 -58.18 1.32 -19.26
N SER B 348 -57.09 0.77 -19.78
CA SER B 348 -56.84 0.84 -21.21
C SER B 348 -57.81 -0.07 -21.98
N SER B 349 -57.96 0.23 -23.26
CA SER B 349 -58.87 -0.53 -24.10
C SER B 349 -58.46 -2.00 -24.19
N ALA B 350 -57.27 -2.25 -24.75
CA ALA B 350 -56.72 -3.60 -24.87
C ALA B 350 -55.45 -3.65 -24.02
N SER B 351 -55.62 -3.94 -22.74
CA SER B 351 -54.51 -3.97 -21.79
C SER B 351 -54.30 -5.39 -21.29
N LYS B 352 -53.05 -5.83 -21.26
CA LYS B 352 -52.69 -7.13 -20.71
C LYS B 352 -52.35 -7.05 -19.22
N PHE B 353 -52.44 -5.87 -18.62
CA PHE B 353 -52.19 -5.70 -17.18
C PHE B 353 -53.47 -5.99 -16.41
N THR B 354 -53.85 -7.27 -16.42
CA THR B 354 -55.10 -7.67 -15.78
C THR B 354 -54.98 -7.67 -14.26
N SER B 355 -53.78 -7.91 -13.72
CA SER B 355 -53.60 -8.02 -12.28
C SER B 355 -52.14 -7.78 -11.94
N ILE B 356 -51.88 -7.59 -10.64
CA ILE B 356 -50.50 -7.48 -10.17
C ILE B 356 -49.69 -8.73 -10.50
N PRO B 357 -50.18 -9.95 -10.26
CA PRO B 357 -49.42 -11.12 -10.74
C PRO B 357 -49.23 -11.12 -12.24
N ALA B 358 -50.18 -10.59 -13.00
CA ALA B 358 -50.00 -10.45 -14.44
C ALA B 358 -48.98 -9.36 -14.77
N ALA B 359 -48.86 -8.35 -13.91
CA ALA B 359 -47.85 -7.31 -14.08
C ALA B 359 -46.49 -7.73 -13.53
N PHE B 360 -46.41 -8.86 -12.82
CA PHE B 360 -45.12 -9.35 -12.34
C PHE B 360 -44.21 -9.68 -13.52
N TRP B 361 -44.76 -10.29 -14.57
CA TRP B 361 -43.95 -10.64 -15.74
C TRP B 361 -43.37 -9.39 -16.39
N TYR B 362 -44.21 -8.37 -16.59
CA TYR B 362 -43.73 -7.12 -17.18
C TYR B 362 -42.69 -6.46 -16.28
N THR B 363 -42.92 -6.45 -14.97
CA THR B 363 -41.99 -5.81 -14.06
C THR B 363 -40.63 -6.50 -14.07
N ILE B 364 -40.62 -7.83 -14.07
CA ILE B 364 -39.34 -8.54 -14.05
C ILE B 364 -38.67 -8.47 -15.41
N VAL B 365 -39.44 -8.32 -16.49
CA VAL B 365 -38.84 -8.13 -17.81
C VAL B 365 -38.19 -6.76 -17.90
N THR B 366 -38.86 -5.73 -17.38
CA THR B 366 -38.33 -4.37 -17.48
C THR B 366 -37.17 -4.14 -16.54
N MET B 367 -37.23 -4.70 -15.32
CA MET B 367 -36.19 -4.46 -14.34
C MET B 367 -34.85 -5.03 -14.81
N THR B 368 -34.86 -6.21 -15.43
CA THR B 368 -33.64 -6.83 -15.92
C THR B 368 -33.17 -6.25 -17.25
N THR B 369 -33.81 -5.19 -17.74
CA THR B 369 -33.52 -4.59 -19.03
C THR B 369 -33.53 -5.64 -20.14
N LEU B 370 -34.55 -6.49 -20.11
CA LEU B 370 -34.69 -7.54 -21.12
C LEU B 370 -35.55 -7.08 -22.29
N GLY B 371 -36.82 -6.76 -22.03
CA GLY B 371 -37.68 -6.21 -23.05
C GLY B 371 -38.24 -7.27 -23.96
N TYR B 372 -39.57 -7.32 -24.08
CA TYR B 372 -40.19 -8.29 -24.99
C TYR B 372 -41.16 -7.59 -25.94
N GLY B 373 -41.86 -6.58 -25.44
CA GLY B 373 -42.85 -5.86 -26.22
C GLY B 373 -44.22 -6.47 -26.21
N ASP B 374 -44.40 -7.65 -25.61
CA ASP B 374 -45.73 -8.24 -25.51
C ASP B 374 -46.64 -7.40 -24.61
N MET B 375 -46.10 -6.90 -23.51
CA MET B 375 -46.80 -5.96 -22.63
C MET B 375 -46.01 -4.66 -22.58
N VAL B 376 -46.58 -3.59 -23.11
CA VAL B 376 -45.97 -2.27 -23.03
C VAL B 376 -47.02 -1.30 -22.50
N PRO B 377 -46.65 -0.33 -21.66
CA PRO B 377 -47.63 0.66 -21.21
C PRO B 377 -48.13 1.51 -22.37
N LYS B 378 -49.41 1.86 -22.31
CA LYS B 378 -50.04 2.68 -23.34
C LYS B 378 -50.63 3.96 -22.76
N THR B 379 -50.14 4.40 -21.60
CA THR B 379 -50.59 5.61 -20.95
C THR B 379 -49.38 6.46 -20.57
N ILE B 380 -49.61 7.77 -20.48
CA ILE B 380 -48.52 8.67 -20.10
C ILE B 380 -48.02 8.37 -18.69
N ALA B 381 -48.95 8.08 -17.78
CA ALA B 381 -48.57 7.73 -16.41
C ALA B 381 -47.80 6.41 -16.38
N GLY B 382 -48.22 5.44 -17.17
CA GLY B 382 -47.57 4.13 -17.13
C GLY B 382 -46.14 4.16 -17.64
N LYS B 383 -45.87 4.97 -18.65
CA LYS B 383 -44.54 4.97 -19.27
C LYS B 383 -43.49 5.54 -18.33
N ILE B 384 -43.82 6.59 -17.58
CA ILE B 384 -42.87 7.18 -16.64
C ILE B 384 -42.49 6.15 -15.58
N PHE B 385 -43.49 5.47 -15.03
CA PHE B 385 -43.20 4.45 -14.01
C PHE B 385 -42.50 3.25 -14.60
N GLY B 386 -42.73 2.93 -15.88
CA GLY B 386 -41.96 1.86 -16.52
C GLY B 386 -40.50 2.21 -16.67
N SER B 387 -40.21 3.44 -17.07
CA SER B 387 -38.81 3.89 -17.15
C SER B 387 -38.16 3.91 -15.78
N ILE B 388 -38.88 4.40 -14.77
CA ILE B 388 -38.36 4.40 -13.41
C ILE B 388 -38.13 2.96 -12.94
N CYS B 389 -39.01 2.04 -13.32
CA CYS B 389 -38.85 0.64 -12.99
C CYS B 389 -37.60 0.06 -13.62
N SER B 390 -37.33 0.40 -14.89
CA SER B 390 -36.12 -0.07 -15.55
C SER B 390 -34.87 0.45 -14.83
N LEU B 391 -34.84 1.75 -14.52
CA LEU B 391 -33.69 2.33 -13.85
C LEU B 391 -33.51 1.71 -12.46
N SER B 392 -34.60 1.52 -11.73
CA SER B 392 -34.52 0.93 -10.39
C SER B 392 -34.09 -0.53 -10.46
N GLY B 393 -34.50 -1.26 -11.50
CA GLY B 393 -34.00 -2.62 -11.66
C GLY B 393 -32.52 -2.65 -11.93
N VAL B 394 -32.03 -1.72 -12.76
CA VAL B 394 -30.59 -1.61 -12.96
C VAL B 394 -29.88 -1.35 -11.64
N LEU B 395 -30.41 -0.41 -10.86
CA LEU B 395 -29.78 -0.08 -9.57
C LEU B 395 -29.79 -1.26 -8.62
N VAL B 396 -30.90 -1.98 -8.53
CA VAL B 396 -31.02 -3.08 -7.57
C VAL B 396 -30.13 -4.25 -7.98
N ILE B 397 -30.17 -4.63 -9.25
CA ILE B 397 -29.36 -5.77 -9.69
C ILE B 397 -27.88 -5.42 -9.67
N ALA B 398 -27.52 -4.17 -9.94
CA ALA B 398 -26.11 -3.79 -10.01
C ALA B 398 -25.42 -3.76 -8.65
N LEU B 399 -26.15 -3.86 -7.55
CA LEU B 399 -25.53 -3.78 -6.24
C LEU B 399 -24.81 -5.10 -5.86
N PRO B 400 -25.48 -6.26 -5.89
CA PRO B 400 -24.80 -7.48 -5.45
C PRO B 400 -23.97 -8.16 -6.53
N VAL B 401 -24.02 -7.69 -7.79
CA VAL B 401 -23.20 -8.31 -8.83
C VAL B 401 -21.71 -8.15 -8.56
N PRO B 402 -21.18 -6.96 -8.27
CA PRO B 402 -19.72 -6.86 -8.06
C PRO B 402 -19.20 -7.69 -6.90
N VAL B 403 -19.96 -7.81 -5.81
CA VAL B 403 -19.47 -8.53 -4.65
C VAL B 403 -19.38 -10.03 -4.96
N ILE B 404 -20.33 -10.55 -5.74
CA ILE B 404 -20.25 -11.96 -6.15
C ILE B 404 -19.04 -12.19 -7.02
N VAL B 405 -18.81 -11.29 -7.99
CA VAL B 405 -17.65 -11.42 -8.87
C VAL B 405 -16.36 -11.23 -8.10
N SER B 406 -16.34 -10.27 -7.17
CA SER B 406 -15.13 -10.03 -6.38
C SER B 406 -14.79 -11.25 -5.52
N ASN B 407 -15.79 -11.84 -4.87
CA ASN B 407 -15.56 -13.03 -4.06
C ASN B 407 -15.11 -14.20 -4.93
N PHE B 408 -15.73 -14.34 -6.11
CA PHE B 408 -15.32 -15.42 -7.02
C PHE B 408 -13.86 -15.26 -7.44
N SER B 409 -13.47 -14.04 -7.79
CA SER B 409 -12.09 -13.79 -8.20
C SER B 409 -11.12 -14.03 -7.05
N ARG B 410 -11.48 -13.58 -5.84
CA ARG B 410 -10.63 -13.80 -4.68
C ARG B 410 -10.46 -15.29 -4.38
N ILE B 411 -11.57 -16.04 -4.43
CA ILE B 411 -11.50 -17.47 -4.16
C ILE B 411 -10.66 -18.18 -5.22
N TYR B 412 -10.85 -17.81 -6.49
CA TYR B 412 -10.07 -18.43 -7.55
C TYR B 412 -8.58 -18.13 -7.38
N HIS B 413 -8.24 -16.88 -7.07
CA HIS B 413 -6.83 -16.52 -6.89
C HIS B 413 -6.23 -17.24 -5.69
N GLN B 414 -6.97 -17.34 -4.59
CA GLN B 414 -6.45 -18.04 -3.41
C GLN B 414 -6.36 -19.54 -3.65
N ASN B 415 -7.18 -20.10 -4.54
CA ASN B 415 -7.04 -21.51 -4.90
C ASN B 415 -5.82 -21.72 -5.78
N GLN B 416 -5.54 -20.80 -6.71
CA GLN B 416 -4.27 -20.87 -7.43
C GLN B 416 -3.10 -20.52 -6.52
N ARG B 417 -3.31 -19.66 -5.53
CA ARG B 417 -2.26 -19.35 -4.57
C ARG B 417 -1.89 -20.57 -3.74
N ALA B 418 -2.89 -21.36 -3.33
CA ALA B 418 -2.61 -22.56 -2.56
C ALA B 418 -1.91 -23.62 -3.40
N ASP B 419 -2.02 -23.52 -4.72
CA ASP B 419 -1.34 -24.49 -5.59
C ASP B 419 0.18 -24.35 -5.48
N LYS B 420 0.68 -23.11 -5.57
CA LYS B 420 2.11 -22.88 -5.41
C LYS B 420 2.54 -22.93 -3.95
N ARG B 421 1.61 -22.73 -3.01
CA ARG B 421 1.94 -22.91 -1.59
C ARG B 421 2.31 -24.35 -1.29
N ARG B 422 1.59 -25.30 -1.89
CA ARG B 422 1.96 -26.70 -1.74
C ARG B 422 3.27 -27.02 -2.42
N ALA B 423 3.57 -26.34 -3.54
CA ALA B 423 4.82 -26.58 -4.25
C ALA B 423 6.02 -26.21 -3.40
N GLN B 424 5.95 -25.08 -2.68
CA GLN B 424 7.06 -24.67 -1.83
C GLN B 424 7.20 -25.55 -0.60
N LYS B 425 6.13 -26.22 -0.17
CA LYS B 425 6.23 -27.14 0.95
C LYS B 425 7.03 -28.38 0.58
N LYS B 426 6.77 -28.94 -0.60
CA LYS B 426 7.53 -30.11 -1.05
C LYS B 426 9.00 -29.77 -1.26
N ALA B 427 9.28 -28.59 -1.80
CA ALA B 427 10.66 -28.15 -1.95
C ALA B 427 11.33 -27.94 -0.61
N ARG B 428 10.58 -27.39 0.37
CA ARG B 428 11.15 -27.17 1.70
C ARG B 428 11.49 -28.50 2.37
N LEU B 429 10.63 -29.51 2.24
CA LEU B 429 10.92 -30.82 2.79
C LEU B 429 12.11 -31.46 2.11
N ALA B 430 12.29 -31.22 0.80
CA ALA B 430 13.46 -31.72 0.11
C ALA B 430 14.74 -31.12 0.67
N ARG B 431 14.72 -29.82 0.98
CA ARG B 431 15.87 -29.17 1.59
C ARG B 431 16.15 -29.74 2.97
N ILE B 432 15.09 -30.01 3.75
CA ILE B 432 15.26 -30.62 5.06
C ILE B 432 15.88 -32.00 4.93
N ARG B 433 15.37 -32.80 3.98
CA ARG B 433 15.94 -34.13 3.75
C ARG B 433 17.36 -34.04 3.24
N ALA B 434 17.65 -33.04 2.40
CA ALA B 434 19.01 -32.85 1.91
C ALA B 434 19.95 -32.50 3.05
N ALA B 435 19.50 -31.66 3.98
CA ALA B 435 20.32 -31.34 5.15
C ALA B 435 20.53 -32.57 6.02
N LYS B 436 19.49 -33.40 6.19
CA LYS B 436 19.64 -34.63 6.95
C LYS B 436 20.63 -35.58 6.29
N SER B 437 20.55 -35.70 4.96
CA SER B 437 21.51 -36.53 4.23
C SER B 437 22.90 -35.94 4.31
N GLY B 438 23.02 -34.61 4.20
CA GLY B 438 24.32 -33.97 4.32
C GLY B 438 24.92 -34.11 5.70
N SER B 439 24.08 -33.98 6.74
CA SER B 439 24.57 -34.17 8.11
C SER B 439 25.03 -35.60 8.34
N ALA B 440 24.27 -36.57 7.82
CA ALA B 440 24.68 -37.97 7.94
C ALA B 440 25.94 -38.25 7.15
N ASN B 441 26.05 -37.70 5.93
CA ASN B 441 27.22 -37.91 5.11
C ASN B 441 28.45 -37.24 5.72
N ALA B 442 28.27 -36.08 6.35
CA ALA B 442 29.39 -35.38 6.95
C ALA B 442 30.03 -36.22 8.06
N TYR B 443 29.21 -36.95 8.81
CA TYR B 443 29.75 -37.83 9.85
C TYR B 443 30.60 -38.94 9.24
N MET B 444 30.16 -39.50 8.12
CA MET B 444 30.93 -40.56 7.47
C MET B 444 32.29 -40.05 7.01
N GLN B 445 32.34 -38.84 6.46
CA GLN B 445 33.61 -38.26 6.04
C GLN B 445 34.55 -38.09 7.23
N SER B 446 34.01 -37.68 8.38
CA SER B 446 34.82 -37.60 9.60
C SER B 446 35.28 -38.98 10.03
N LYS B 447 34.41 -39.98 9.93
CA LYS B 447 34.79 -41.34 10.32
C LYS B 447 35.87 -41.90 9.41
N ARG B 448 35.77 -41.64 8.11
CA ARG B 448 36.78 -42.12 7.17
C ARG B 448 38.14 -41.52 7.45
N SER B 449 38.18 -40.21 7.74
CA SER B 449 39.42 -39.53 8.03
C SER B 449 39.62 -39.36 9.54
N SER B 469 35.02 -28.83 12.28
CA SER B 469 34.51 -27.61 12.89
C SER B 469 34.53 -27.71 14.41
N SER B 470 33.94 -26.70 15.07
CA SER B 470 33.90 -26.69 16.53
C SER B 470 32.77 -27.55 17.05
N PHE B 471 31.53 -27.21 16.71
CA PHE B 471 30.39 -28.00 17.16
C PHE B 471 30.33 -29.36 16.47
N GLU B 472 30.77 -29.42 15.21
CA GLU B 472 30.71 -30.68 14.46
C GLU B 472 31.53 -31.77 15.14
N THR B 473 32.64 -31.41 15.79
CA THR B 473 33.45 -32.39 16.50
C THR B 473 32.67 -32.98 17.68
N GLN B 474 31.95 -32.14 18.42
CA GLN B 474 31.20 -32.64 19.57
C GLN B 474 29.96 -33.40 19.13
N HIS B 475 29.28 -32.92 18.08
CA HIS B 475 28.09 -33.62 17.60
C HIS B 475 28.43 -35.01 17.10
N HIS B 476 29.53 -35.15 16.36
CA HIS B 476 29.95 -36.46 15.86
C HIS B 476 30.32 -37.41 17.00
N HIS B 477 30.73 -36.88 18.15
CA HIS B 477 30.98 -37.74 19.30
C HIS B 477 29.70 -38.37 19.81
N LEU B 478 28.59 -37.63 19.78
CA LEU B 478 27.30 -38.18 20.19
C LEU B 478 26.89 -39.34 19.28
N LEU B 479 27.06 -39.17 17.96
CA LEU B 479 26.76 -40.26 17.04
C LEU B 479 27.71 -41.43 17.26
N HIS B 480 28.97 -41.14 17.58
CA HIS B 480 29.91 -42.21 17.90
C HIS B 480 29.48 -42.98 19.14
N CYS B 481 28.96 -42.26 20.14
CA CYS B 481 28.42 -42.93 21.32
C CYS B 481 27.20 -43.76 20.97
N LEU B 482 26.35 -43.26 20.08
CA LEU B 482 25.18 -44.03 19.65
C LEU B 482 25.58 -45.28 18.89
N GLU B 483 26.68 -45.22 18.13
CA GLU B 483 27.16 -46.41 17.45
C GLU B 483 27.56 -47.50 18.44
N LYS B 484 28.26 -47.12 19.50
CA LYS B 484 28.90 -48.08 20.38
C LYS B 484 28.05 -48.48 21.57
N THR B 485 26.84 -47.92 21.72
CA THR B 485 25.88 -48.44 22.68
C THR B 485 24.99 -49.52 22.08
N THR B 486 25.00 -49.67 20.75
CA THR B 486 24.23 -50.70 20.06
C THR B 486 25.12 -51.60 19.21
N ASN B 487 26.45 -51.52 19.39
CA ASN B 487 27.45 -52.24 18.62
C ASN B 487 27.13 -52.27 17.13
N HIS B 488 26.70 -51.14 16.58
CA HIS B 488 26.39 -51.01 15.17
C HIS B 488 27.08 -49.76 14.64
N GLU B 489 27.30 -49.73 13.32
CA GLU B 489 28.00 -48.62 12.68
C GLU B 489 27.20 -48.15 11.47
N PHE B 490 27.03 -46.83 11.36
CA PHE B 490 26.44 -46.27 10.16
C PHE B 490 27.38 -46.42 8.97
N VAL B 491 26.82 -46.78 7.82
CA VAL B 491 27.58 -46.90 6.59
C VAL B 491 26.86 -46.14 5.49
N ASP B 492 27.59 -45.86 4.41
CA ASP B 492 27.05 -45.09 3.29
C ASP B 492 25.83 -45.76 2.67
N ALA C 1 12.28 36.79 10.54
CA ALA C 1 11.86 35.98 11.68
C ALA C 1 13.05 35.23 12.28
N ALA C 2 12.78 34.39 13.27
CA ALA C 2 13.83 33.62 13.92
C ALA C 2 14.21 32.37 13.15
N GLY C 3 13.38 31.95 12.18
CA GLY C 3 13.73 30.79 11.39
C GLY C 3 14.98 31.00 10.57
N VAL C 4 15.07 32.13 9.89
CA VAL C 4 16.31 32.51 9.18
C VAL C 4 17.12 33.34 10.15
N ALA C 5 17.88 32.65 11.00
CA ALA C 5 18.73 33.31 11.98
C ALA C 5 20.20 33.27 11.61
N ALA C 6 20.64 32.29 10.82
CA ALA C 6 22.00 32.24 10.35
C ALA C 6 22.29 33.30 9.29
N TRP C 7 21.26 33.96 8.78
CA TRP C 7 21.42 35.02 7.79
C TRP C 7 21.41 36.41 8.41
N LEU C 8 21.52 36.49 9.74
CA LEU C 8 21.64 37.80 10.39
C LEU C 8 22.84 38.60 9.92
N PRO C 9 24.04 38.03 9.77
CA PRO C 9 25.14 38.83 9.17
C PRO C 9 24.82 39.31 7.78
N PHE C 10 24.05 38.56 7.00
CA PHE C 10 23.62 39.04 5.69
C PHE C 10 22.70 40.25 5.83
N ALA C 11 21.74 40.19 6.76
CA ALA C 11 20.85 41.31 6.98
C ALA C 11 21.60 42.51 7.53
N ARG C 12 22.57 42.29 8.41
CA ARG C 12 23.39 43.38 8.91
C ARG C 12 24.27 43.97 7.82
N ALA C 13 24.75 43.13 6.89
CA ALA C 13 25.50 43.64 5.76
C ALA C 13 24.62 44.48 4.84
N ALA C 14 23.36 44.06 4.66
CA ALA C 14 22.44 44.85 3.85
C ALA C 14 22.15 46.20 4.47
N ALA C 15 22.14 46.28 5.80
CA ALA C 15 21.88 47.54 6.49
C ALA C 15 22.95 48.59 6.25
N ILE C 16 24.12 48.19 5.73
CA ILE C 16 25.19 49.15 5.47
C ILE C 16 24.77 50.15 4.40
N GLY C 17 23.92 49.73 3.46
CA GLY C 17 23.44 50.63 2.43
C GLY C 17 22.61 51.78 2.95
N TRP C 18 22.00 51.63 4.13
CA TRP C 18 21.20 52.71 4.69
C TRP C 18 22.08 53.84 5.21
N MET C 19 23.27 53.52 5.71
CA MET C 19 24.11 54.53 6.36
C MET C 19 24.41 55.75 5.50
N PRO C 20 24.78 55.62 4.21
CA PRO C 20 25.01 56.85 3.42
C PRO C 20 23.81 57.77 3.34
N VAL C 21 22.60 57.23 3.30
CA VAL C 21 21.39 58.03 3.18
C VAL C 21 20.67 58.16 4.53
N ALA C 22 21.39 58.01 5.63
CA ALA C 22 20.81 58.04 6.96
C ALA C 22 21.26 59.30 7.71
N SER C 23 20.77 59.43 8.94
CA SER C 23 21.17 60.47 9.88
C SER C 23 21.53 59.76 11.18
N GLY C 24 22.80 59.37 11.30
CA GLY C 24 23.25 58.49 12.36
C GLY C 24 23.01 59.00 13.75
N PRO C 25 22.11 58.33 14.48
CA PRO C 25 21.82 58.69 15.88
C PRO C 25 22.55 57.85 16.92
N MET C 26 23.55 57.05 16.52
CA MET C 26 24.20 56.06 17.38
C MET C 26 23.12 55.08 17.83
N PRO C 27 22.70 54.16 16.94
CA PRO C 27 21.56 53.29 17.25
C PRO C 27 21.81 52.24 18.32
N ALA C 28 22.97 52.29 19.00
CA ALA C 28 23.24 51.48 20.19
C ALA C 28 23.14 49.98 19.91
N PRO C 29 24.13 49.39 19.23
CA PRO C 29 24.09 47.95 18.99
C PRO C 29 24.06 47.18 20.30
N PRO C 30 23.40 46.03 20.33
CA PRO C 30 23.15 45.35 21.61
C PRO C 30 24.41 44.90 22.34
N ARG C 31 25.52 44.66 21.64
CA ARG C 31 26.76 44.19 22.24
C ARG C 31 26.53 42.86 22.98
N GLN C 32 26.23 41.84 22.18
CA GLN C 32 25.91 40.52 22.70
C GLN C 32 27.09 39.87 23.41
N GLU C 33 26.86 38.69 24.00
CA GLU C 33 27.90 38.03 24.78
C GLU C 33 29.09 37.64 23.91
N ARG C 34 28.81 36.99 22.77
CA ARG C 34 29.88 36.54 21.87
C ARG C 34 29.35 36.32 20.46
N ASP C 39 29.31 27.66 21.10
CA ASP C 39 28.43 27.21 20.04
C ASP C 39 28.56 25.70 19.81
N ALA C 40 29.10 25.01 20.81
CA ALA C 40 29.30 23.57 20.70
C ALA C 40 27.96 22.85 20.58
N LEU C 41 27.95 21.80 19.76
CA LEU C 41 26.73 21.03 19.54
C LEU C 41 26.37 20.25 20.82
N ILE C 42 25.06 20.12 21.06
CA ILE C 42 24.56 19.49 22.26
C ILE C 42 23.97 18.12 21.90
N VAL C 43 23.81 17.30 22.93
CA VAL C 43 23.36 15.91 22.77
C VAL C 43 21.93 15.82 23.26
N LEU C 44 21.08 15.16 22.47
CA LEU C 44 19.68 14.91 22.81
C LEU C 44 19.46 13.41 22.78
N ASN C 45 19.72 12.75 23.91
CA ASN C 45 19.66 11.29 24.01
C ASN C 45 18.23 10.87 24.28
N VAL C 46 17.49 10.54 23.22
CA VAL C 46 16.10 10.11 23.35
C VAL C 46 16.11 8.58 23.48
N SER C 47 16.27 8.12 24.72
CA SER C 47 16.22 6.70 25.07
C SER C 47 17.24 5.88 24.28
N GLY C 48 18.50 6.20 24.51
CA GLY C 48 19.60 5.41 23.97
C GLY C 48 20.24 5.95 22.71
N THR C 49 19.43 6.44 21.78
CA THR C 49 19.92 6.95 20.51
C THR C 49 20.22 8.43 20.67
N ARG C 50 21.50 8.78 20.78
CA ARG C 50 21.88 10.16 20.97
C ARG C 50 21.69 10.95 19.68
N PHE C 51 21.12 12.14 19.81
CA PHE C 51 20.92 13.06 18.70
C PHE C 51 21.70 14.33 18.99
N GLN C 52 22.47 14.79 18.00
CA GLN C 52 23.38 15.92 18.16
C GLN C 52 22.98 17.03 17.21
N THR C 53 22.66 18.19 17.76
CA THR C 53 22.40 19.40 16.99
C THR C 53 22.96 20.59 17.74
N TRP C 54 23.26 21.66 17.01
CA TRP C 54 23.71 22.89 17.63
C TRP C 54 22.58 23.51 18.45
N GLN C 55 22.96 24.16 19.56
CA GLN C 55 21.95 24.79 20.41
C GLN C 55 21.23 25.92 19.66
N ASP C 56 21.93 26.58 18.75
CA ASP C 56 21.29 27.65 17.97
C ASP C 56 20.22 27.10 17.04
N THR C 57 20.33 25.83 16.64
CA THR C 57 19.31 25.22 15.79
C THR C 57 17.99 25.09 16.55
N LEU C 58 18.04 24.72 17.82
CA LEU C 58 16.82 24.57 18.61
C LEU C 58 16.22 25.91 19.02
N GLU C 59 17.08 26.90 19.31
CA GLU C 59 16.61 28.19 19.83
C GLU C 59 15.88 29.03 18.79
N ARG C 60 15.90 28.64 17.51
CA ARG C 60 15.23 29.43 16.49
C ARG C 60 13.72 29.28 16.50
N TYR C 61 13.19 28.36 17.30
CA TYR C 61 11.74 28.22 17.50
C TYR C 61 11.48 28.22 19.00
N PRO C 62 11.50 29.41 19.64
CA PRO C 62 11.41 29.51 21.09
C PRO C 62 9.98 29.48 21.64
N ASP C 63 9.17 28.53 21.13
CA ASP C 63 7.84 28.33 21.66
C ASP C 63 7.49 26.85 21.77
N THR C 64 8.47 25.95 21.68
CA THR C 64 8.26 24.51 21.79
C THR C 64 9.09 23.98 22.96
N LEU C 65 9.11 22.66 23.12
CA LEU C 65 9.85 22.07 24.23
C LEU C 65 11.36 22.15 24.01
N LEU C 66 11.82 21.87 22.79
CA LEU C 66 13.26 21.82 22.55
C LEU C 66 13.88 23.20 22.60
N GLY C 67 13.27 24.18 21.95
CA GLY C 67 13.74 25.54 22.11
C GLY C 67 12.97 26.28 23.18
N SER C 68 13.48 26.25 24.41
CA SER C 68 12.82 26.85 25.56
C SER C 68 13.66 26.65 26.82
N SER C 69 13.19 27.21 27.94
CA SER C 69 13.70 26.83 29.25
C SER C 69 13.03 25.55 29.76
N GLU C 70 12.10 24.98 28.98
CA GLU C 70 11.40 23.77 29.41
C GLU C 70 12.30 22.55 29.35
N ARG C 71 13.25 22.51 28.42
CA ARG C 71 14.14 21.36 28.32
C ARG C 71 15.12 21.27 29.48
N ASP C 72 15.21 22.31 30.32
CA ASP C 72 16.02 22.22 31.52
C ASP C 72 15.46 21.21 32.51
N PHE C 73 14.19 20.82 32.35
CA PHE C 73 13.62 19.76 33.17
C PHE C 73 14.16 18.40 32.76
N PHE C 74 14.51 18.23 31.49
CA PHE C 74 14.99 16.97 30.97
C PHE C 74 16.51 16.90 30.88
N TYR C 75 17.21 17.90 31.37
CA TYR C 75 18.67 17.89 31.36
C TYR C 75 19.18 16.92 32.41
N HIS C 76 20.10 16.04 32.01
CA HIS C 76 20.74 15.12 32.93
C HIS C 76 22.14 15.65 33.21
N PRO C 77 22.41 16.16 34.41
CA PRO C 77 23.63 16.97 34.59
C PRO C 77 24.92 16.18 34.57
N GLU C 78 24.99 15.04 35.25
CA GLU C 78 26.25 14.31 35.33
C GLU C 78 26.70 13.74 34.00
N THR C 79 25.78 13.48 33.08
CA THR C 79 26.14 13.01 31.75
C THR C 79 26.26 14.13 30.74
N GLN C 80 25.93 15.37 31.12
CA GLN C 80 26.02 16.54 30.24
C GLN C 80 25.23 16.33 28.95
N GLN C 81 24.01 15.82 29.10
CA GLN C 81 23.16 15.56 27.95
C GLN C 81 21.70 15.65 28.37
N TYR C 82 20.83 15.90 27.39
CA TYR C 82 19.40 15.92 27.60
C TYR C 82 18.85 14.53 27.30
N PHE C 83 18.24 13.90 28.30
CA PHE C 83 17.69 12.55 28.15
C PHE C 83 16.17 12.63 28.12
N PHE C 84 15.59 12.29 26.97
CA PHE C 84 14.16 12.14 26.82
C PHE C 84 13.81 10.66 26.72
N ASP C 85 12.65 10.30 27.28
CA ASP C 85 12.19 8.91 27.28
C ASP C 85 11.17 8.64 26.17
N ARG C 86 11.32 9.29 25.03
CA ARG C 86 10.35 9.24 23.96
C ARG C 86 10.80 8.28 22.86
N ASP C 87 10.03 8.24 21.78
CA ASP C 87 10.33 7.36 20.66
C ASP C 87 11.58 7.83 19.92
N PRO C 88 12.56 6.96 19.69
CA PRO C 88 13.79 7.41 19.01
C PRO C 88 13.60 7.67 17.53
N ASP C 89 12.67 6.97 16.86
CA ASP C 89 12.49 7.12 15.42
C ASP C 89 11.37 8.08 15.06
N ILE C 90 10.72 8.71 16.03
CA ILE C 90 9.74 9.76 15.75
C ILE C 90 10.37 11.09 16.13
N PHE C 91 11.31 11.07 17.07
CA PHE C 91 12.06 12.28 17.40
C PHE C 91 12.98 12.70 16.26
N ARG C 92 13.25 11.80 15.31
CA ARG C 92 14.04 12.17 14.14
C ARG C 92 13.34 13.24 13.32
N HIS C 93 12.02 13.15 13.19
CA HIS C 93 11.26 14.16 12.47
C HIS C 93 11.05 15.43 13.28
N ILE C 94 11.29 15.38 14.60
CA ILE C 94 11.23 16.60 15.40
C ILE C 94 12.43 17.49 15.09
N LEU C 95 13.63 16.89 14.98
CA LEU C 95 14.82 17.68 14.70
C LEU C 95 14.80 18.22 13.27
N ASN C 96 14.24 17.45 12.32
CA ASN C 96 14.14 17.94 10.95
C ASN C 96 13.27 19.18 10.87
N PHE C 97 12.36 19.38 11.82
CA PHE C 97 11.59 20.61 11.88
C PHE C 97 12.47 21.80 12.26
N TYR C 98 13.34 21.62 13.25
CA TYR C 98 14.17 22.72 13.72
C TYR C 98 15.22 23.16 12.71
N ARG C 99 15.50 22.35 11.69
CA ARG C 99 16.43 22.74 10.64
C ARG C 99 15.72 23.47 9.51
N THR C 100 14.71 22.83 8.92
CA THR C 100 13.98 23.42 7.80
C THR C 100 12.81 24.28 8.28
N GLY C 101 11.88 23.68 9.00
CA GLY C 101 10.72 24.40 9.47
C GLY C 101 9.41 23.69 9.15
N LYS C 102 9.49 22.58 8.41
CA LYS C 102 8.32 21.82 8.00
C LYS C 102 8.43 20.41 8.55
N LEU C 103 7.37 19.94 9.20
CA LEU C 103 7.31 18.58 9.70
C LEU C 103 7.02 17.61 8.57
N HIS C 104 7.56 16.40 8.69
CA HIS C 104 7.33 15.33 7.74
C HIS C 104 6.63 14.18 8.44
N TYR C 105 5.57 13.66 7.82
CA TYR C 105 4.80 12.58 8.40
C TYR C 105 5.35 11.23 7.93
N PRO C 106 5.71 10.33 8.83
CA PRO C 106 6.17 9.00 8.40
C PRO C 106 4.99 8.13 8.01
N ARG C 107 5.00 7.62 6.79
CA ARG C 107 3.91 6.78 6.31
C ARG C 107 3.83 5.45 7.04
N HIS C 108 4.90 5.02 7.70
CA HIS C 108 4.97 3.73 8.37
C HIS C 108 4.71 3.81 9.86
N GLU C 109 4.42 4.98 10.41
CA GLU C 109 4.25 5.18 11.84
C GLU C 109 2.78 5.41 12.17
N CYS C 110 2.35 4.83 13.29
CA CYS C 110 0.97 5.03 13.75
C CYS C 110 0.72 6.50 14.07
N ILE C 111 -0.42 7.00 13.63
CA ILE C 111 -0.73 8.42 13.81
C ILE C 111 -1.10 8.74 15.25
N SER C 112 -1.51 7.75 16.05
CA SER C 112 -1.77 8.00 17.46
C SER C 112 -0.49 8.17 18.26
N ALA C 113 0.63 7.61 17.77
CA ALA C 113 1.93 7.84 18.40
C ALA C 113 2.63 9.05 17.82
N TYR C 114 2.41 9.37 16.55
CA TYR C 114 2.98 10.58 15.97
C TYR C 114 2.42 11.82 16.64
N ASP C 115 1.11 11.85 16.88
CA ASP C 115 0.50 12.99 17.56
C ASP C 115 0.94 13.08 19.01
N GLU C 116 1.28 11.95 19.63
CA GLU C 116 1.76 11.96 21.01
C GLU C 116 3.10 12.69 21.12
N GLU C 117 3.99 12.48 20.15
CA GLU C 117 5.29 13.14 20.20
C GLU C 117 5.17 14.62 19.84
N LEU C 118 4.27 14.95 18.92
CA LEU C 118 4.06 16.36 18.57
C LEU C 118 3.52 17.13 19.78
N ALA C 119 2.56 16.55 20.50
CA ALA C 119 2.04 17.20 21.69
C ALA C 119 3.10 17.31 22.78
N PHE C 120 3.93 16.27 22.92
CA PHE C 120 4.96 16.29 23.95
C PHE C 120 5.96 17.41 23.72
N PHE C 121 6.47 17.52 22.49
CA PHE C 121 7.56 18.45 22.19
C PHE C 121 7.07 19.84 21.84
N GLY C 122 5.77 20.09 21.88
CA GLY C 122 5.22 21.42 21.66
C GLY C 122 4.84 21.72 20.23
N LEU C 123 5.14 20.84 19.28
CA LEU C 123 4.75 21.09 17.91
C LEU C 123 3.24 20.88 17.74
N ILE C 124 2.71 21.40 16.65
CA ILE C 124 1.28 21.35 16.37
C ILE C 124 1.05 20.74 14.99
N PRO C 125 -0.08 20.08 14.74
CA PRO C 125 -0.35 19.53 13.41
C PRO C 125 -0.61 20.57 12.35
N GLU C 126 -0.62 21.86 12.69
CA GLU C 126 -0.86 22.92 11.72
C GLU C 126 0.41 23.36 10.99
N ILE C 127 1.59 22.93 11.45
CA ILE C 127 2.85 23.36 10.85
C ILE C 127 3.50 22.27 10.01
N ILE C 128 2.86 21.11 9.88
CA ILE C 128 3.40 20.03 9.06
C ILE C 128 3.39 20.45 7.60
N GLY C 129 4.44 20.08 6.87
CA GLY C 129 4.63 20.59 5.52
C GLY C 129 3.53 20.15 4.57
N ASP C 130 3.35 20.95 3.52
CA ASP C 130 2.34 20.67 2.52
C ASP C 130 2.64 19.41 1.72
N CYS C 131 3.90 18.98 1.69
CA CYS C 131 4.26 17.78 0.93
C CYS C 131 3.51 16.56 1.45
N CYS C 132 3.47 16.38 2.77
CA CYS C 132 2.70 15.31 3.41
C CYS C 132 1.80 15.95 4.46
N TYR C 133 0.64 16.44 4.01
CA TYR C 133 -0.39 16.95 4.90
C TYR C 133 -1.73 16.36 4.47
N GLU C 134 -1.87 16.09 3.17
CA GLU C 134 -3.06 15.44 2.67
C GLU C 134 -3.19 14.04 3.24
N GLU C 135 -2.09 13.29 3.28
CA GLU C 135 -2.13 11.94 3.85
C GLU C 135 -2.19 11.96 5.36
N TYR C 136 -1.59 12.98 5.99
CA TYR C 136 -1.67 13.08 7.45
C TYR C 136 -3.10 13.26 7.92
N LYS C 137 -3.87 14.11 7.24
CA LYS C 137 -5.28 14.26 7.59
C LYS C 137 -6.08 13.02 7.22
N ASP C 138 -5.72 12.37 6.10
CA ASP C 138 -6.42 11.14 5.71
C ASP C 138 -6.24 10.04 6.75
N ARG C 139 -5.03 9.89 7.27
CA ARG C 139 -4.80 8.92 8.34
C ARG C 139 -5.37 9.42 9.66
N ARG C 140 -5.48 10.73 9.84
CA ARG C 140 -6.10 11.27 11.04
C ARG C 140 -7.61 11.04 11.03
N ARG C 141 -8.22 11.10 9.84
CA ARG C 141 -9.66 10.86 9.74
C ARG C 141 -10.02 9.43 10.14
N GLU C 142 -9.22 8.46 9.69
CA GLU C 142 -9.50 7.06 10.03
C GLU C 142 -9.38 6.83 11.53
N ASN C 143 -8.38 7.42 12.17
CA ASN C 143 -8.26 7.33 13.62
C ASN C 143 -9.42 8.02 14.31
N ALA C 144 -9.85 9.18 13.79
CA ALA C 144 -10.97 9.89 14.37
C ALA C 144 -12.26 9.08 14.25
N GLU C 145 -12.47 8.44 13.09
CA GLU C 145 -13.65 7.58 12.93
C GLU C 145 -13.58 6.38 13.86
N ARG C 146 -12.38 5.88 14.14
CA ARG C 146 -12.24 4.77 15.09
C ARG C 146 -12.69 5.18 16.48
N LEU C 147 -12.35 6.41 16.89
CA LEU C 147 -12.81 6.91 18.18
C LEU C 147 -14.33 7.07 18.22
N GLN C 148 -14.91 7.62 17.14
CA GLN C 148 -16.34 7.86 17.12
C GLN C 148 -17.14 6.56 17.16
N ASP C 149 -16.72 5.56 16.39
CA ASP C 149 -17.42 4.28 16.38
C ASP C 149 -17.30 3.58 17.73
N ASP C 150 -16.13 3.65 18.36
CA ASP C 150 -15.92 3.03 19.66
C ASP C 150 -16.66 3.74 20.78
N ALA C 151 -16.99 5.02 20.61
CA ALA C 151 -17.65 5.82 21.62
C ALA C 151 -19.05 6.23 21.17
N ASP C 152 -19.78 5.30 20.57
CA ASP C 152 -21.14 5.57 20.11
C ASP C 152 -22.19 5.35 21.19
N THR C 153 -21.78 4.90 22.38
CA THR C 153 -22.68 4.70 23.52
C THR C 153 -23.81 3.73 23.17
N ASP C 154 -23.40 2.49 22.91
CA ASP C 154 -24.32 1.40 22.62
C ASP C 154 -24.74 0.63 23.85
N THR C 155 -24.34 1.08 25.03
CA THR C 155 -24.69 0.38 26.27
C THR C 155 -26.21 0.36 26.47
N ALA C 156 -26.74 -0.80 26.81
CA ALA C 156 -28.18 -0.95 27.02
C ALA C 156 -28.46 -2.10 27.99
N PRO C 162 -33.08 0.69 34.21
CA PRO C 162 -34.50 0.58 34.55
C PRO C 162 -34.85 1.27 35.87
N THR C 163 -34.09 2.32 36.22
CA THR C 163 -34.35 3.05 37.45
C THR C 163 -35.60 3.91 37.38
N MET C 164 -36.07 4.28 36.18
CA MET C 164 -37.32 5.01 36.03
C MET C 164 -38.34 4.18 35.25
N THR C 165 -39.42 4.82 34.80
CA THR C 165 -40.58 4.10 34.27
C THR C 165 -40.31 3.29 33.01
N ALA C 166 -41.32 2.54 32.57
CA ALA C 166 -41.18 1.54 31.52
C ALA C 166 -40.92 2.12 30.14
N ARG C 167 -40.98 3.45 29.97
CA ARG C 167 -40.78 4.03 28.66
C ARG C 167 -39.44 3.62 28.05
N GLN C 168 -38.36 3.79 28.80
CA GLN C 168 -37.03 3.45 28.29
C GLN C 168 -36.87 1.95 28.13
N ARG C 169 -37.41 1.16 29.05
CA ARG C 169 -37.23 -0.28 28.96
C ARG C 169 -38.12 -0.94 27.91
N VAL C 170 -39.06 -0.19 27.32
CA VAL C 170 -39.80 -0.71 26.17
C VAL C 170 -39.22 -0.10 24.90
N TRP C 171 -38.61 1.09 25.01
CA TRP C 171 -37.95 1.68 23.85
C TRP C 171 -36.68 0.91 23.49
N ARG C 172 -35.94 0.44 24.50
CA ARG C 172 -34.78 -0.39 24.22
C ARG C 172 -35.17 -1.70 23.54
N ALA C 173 -36.39 -2.19 23.80
CA ALA C 173 -36.88 -3.34 23.07
C ALA C 173 -37.29 -2.95 21.65
N PHE C 174 -37.93 -1.78 21.50
CA PHE C 174 -38.31 -1.31 20.17
C PHE C 174 -37.10 -1.04 19.30
N GLU C 175 -36.10 -0.35 19.87
CA GLU C 175 -34.89 -0.04 19.10
C GLU C 175 -34.09 -1.29 18.79
N ASN C 176 -33.99 -2.21 19.75
CA ASN C 176 -33.23 -3.45 19.59
C ASN C 176 -34.17 -4.63 19.79
N PRO C 177 -34.80 -5.13 18.72
CA PRO C 177 -35.73 -6.25 18.88
C PRO C 177 -35.06 -7.60 19.03
N HIS C 178 -33.73 -7.69 18.83
CA HIS C 178 -33.03 -8.96 18.94
C HIS C 178 -32.81 -9.39 20.39
N THR C 179 -32.97 -8.48 21.35
CA THR C 179 -32.81 -8.81 22.76
C THR C 179 -34.16 -9.14 23.39
N SER C 180 -34.10 -9.53 24.67
CA SER C 180 -35.29 -9.89 25.44
C SER C 180 -36.08 -11.00 24.77
N THR C 181 -37.35 -11.14 25.14
CA THR C 181 -38.21 -12.16 24.54
C THR C 181 -39.48 -11.54 23.98
N MET C 182 -39.93 -10.44 24.57
CA MET C 182 -41.10 -9.74 24.06
C MET C 182 -40.76 -8.92 22.81
N ALA C 183 -39.54 -8.37 22.76
CA ALA C 183 -39.13 -7.60 21.59
C ALA C 183 -39.08 -8.46 20.34
N LEU C 184 -38.54 -9.67 20.45
CA LEU C 184 -38.48 -10.57 19.30
C LEU C 184 -39.87 -10.97 18.84
N VAL C 185 -40.77 -11.22 19.79
CA VAL C 185 -42.15 -11.59 19.43
C VAL C 185 -42.82 -10.43 18.71
N PHE C 186 -42.64 -9.21 19.21
CA PHE C 186 -43.24 -8.05 18.56
C PHE C 186 -42.66 -7.85 17.16
N TYR C 187 -41.35 -8.03 17.01
CA TYR C 187 -40.72 -7.91 15.70
C TYR C 187 -41.28 -8.92 14.72
N TYR C 188 -41.38 -10.19 15.15
CA TYR C 188 -41.90 -11.23 14.28
C TYR C 188 -43.36 -10.97 13.91
N VAL C 189 -44.17 -10.54 14.86
CA VAL C 189 -45.59 -10.34 14.57
C VAL C 189 -45.79 -9.13 13.66
N THR C 190 -44.99 -8.08 13.83
CA THR C 190 -45.08 -6.94 12.92
C THR C 190 -44.66 -7.34 11.51
N GLY C 191 -43.57 -8.09 11.38
CA GLY C 191 -43.17 -8.57 10.06
C GLY C 191 -44.22 -9.44 9.42
N PHE C 192 -44.83 -10.33 10.21
CA PHE C 192 -45.87 -11.21 9.66
C PHE C 192 -47.08 -10.42 9.22
N PHE C 193 -47.48 -9.40 9.99
CA PHE C 193 -48.61 -8.56 9.57
C PHE C 193 -48.30 -7.79 8.30
N ILE C 194 -47.09 -7.24 8.17
CA ILE C 194 -46.74 -6.52 6.95
C ILE C 194 -46.78 -7.47 5.76
N ALA C 195 -46.18 -8.65 5.91
CA ALA C 195 -46.17 -9.62 4.81
C ALA C 195 -47.57 -10.06 4.43
N VAL C 196 -48.41 -10.37 5.42
CA VAL C 196 -49.75 -10.83 5.12
C VAL C 196 -50.57 -9.71 4.49
N SER C 197 -50.36 -8.45 4.91
CA SER C 197 -51.08 -7.34 4.31
C SER C 197 -50.73 -7.18 2.84
N VAL C 198 -49.44 -7.19 2.52
CA VAL C 198 -49.05 -7.01 1.12
C VAL C 198 -49.48 -8.21 0.27
N ILE C 199 -49.36 -9.42 0.82
CA ILE C 199 -49.80 -10.60 0.10
C ILE C 199 -51.30 -10.56 -0.16
N ALA C 200 -52.08 -10.18 0.86
CA ALA C 200 -53.52 -10.08 0.70
C ALA C 200 -53.90 -9.05 -0.35
N ASN C 201 -53.20 -7.90 -0.36
CA ASN C 201 -53.44 -6.91 -1.40
C ASN C 201 -53.20 -7.50 -2.78
N VAL C 202 -52.10 -8.25 -2.92
CA VAL C 202 -51.84 -8.94 -4.19
C VAL C 202 -52.99 -9.88 -4.53
N VAL C 203 -53.53 -10.57 -3.52
CA VAL C 203 -54.62 -11.52 -3.77
C VAL C 203 -55.87 -10.81 -4.27
N GLU C 204 -56.27 -9.71 -3.62
CA GLU C 204 -57.49 -9.09 -4.12
C GLU C 204 -57.28 -8.36 -5.44
N THR C 205 -56.03 -8.03 -5.78
CA THR C 205 -55.80 -7.44 -7.10
C THR C 205 -55.96 -8.47 -8.21
N VAL C 206 -55.62 -9.72 -7.97
CA VAL C 206 -55.72 -10.77 -8.98
C VAL C 206 -57.12 -11.36 -8.98
N PRO C 207 -57.71 -11.61 -10.15
CA PRO C 207 -59.03 -12.24 -10.17
C PRO C 207 -58.99 -13.65 -9.58
N CYS C 208 -60.11 -14.05 -8.98
CA CYS C 208 -60.25 -15.36 -8.36
C CYS C 208 -61.17 -16.30 -9.13
N GLY C 209 -62.23 -15.78 -9.74
CA GLY C 209 -63.15 -16.60 -10.49
C GLY C 209 -63.12 -16.34 -11.98
N HIS C 214 -70.44 -17.36 -16.24
CA HIS C 214 -70.48 -16.18 -15.37
C HIS C 214 -70.77 -14.92 -16.16
N ILE C 215 -71.30 -13.90 -15.48
CA ILE C 215 -71.61 -12.63 -16.14
C ILE C 215 -70.33 -11.97 -16.63
N LYS C 216 -69.29 -11.97 -15.81
CA LYS C 216 -68.02 -11.35 -16.18
C LYS C 216 -66.92 -11.99 -15.34
N GLU C 217 -65.67 -11.80 -15.79
CA GLU C 217 -64.51 -12.30 -15.07
C GLU C 217 -64.28 -11.38 -13.87
N LEU C 218 -65.12 -11.57 -12.85
CA LEU C 218 -65.10 -10.70 -11.69
C LEU C 218 -63.84 -10.93 -10.86
N PRO C 219 -63.10 -9.88 -10.49
CA PRO C 219 -61.92 -10.07 -9.65
C PRO C 219 -62.29 -10.43 -8.21
N CYS C 220 -61.27 -10.55 -7.36
CA CYS C 220 -61.47 -10.92 -5.96
C CYS C 220 -61.83 -9.73 -5.08
N GLY C 221 -62.30 -8.63 -5.67
CA GLY C 221 -62.62 -7.44 -4.90
C GLY C 221 -64.08 -7.03 -4.92
N GLU C 222 -64.91 -7.75 -5.67
CA GLU C 222 -66.33 -7.44 -5.77
C GLU C 222 -67.20 -8.48 -5.08
N ARG C 223 -67.09 -9.75 -5.48
CA ARG C 223 -67.79 -10.80 -4.75
C ARG C 223 -67.10 -11.10 -3.43
N TYR C 224 -65.78 -11.17 -3.45
CA TYR C 224 -64.97 -11.30 -2.26
C TYR C 224 -64.67 -9.90 -1.70
N ALA C 225 -63.69 -9.81 -0.80
CA ALA C 225 -63.19 -8.59 -0.15
C ALA C 225 -64.10 -8.15 0.99
N VAL C 226 -65.10 -8.95 1.36
CA VAL C 226 -65.83 -8.67 2.59
C VAL C 226 -64.92 -8.85 3.81
N ALA C 227 -64.01 -9.82 3.76
CA ALA C 227 -63.03 -10.03 4.82
C ALA C 227 -61.68 -9.37 4.53
N PHE C 228 -61.40 -9.05 3.27
CA PHE C 228 -60.17 -8.34 2.94
C PHE C 228 -60.15 -6.95 3.58
N PHE C 229 -61.30 -6.29 3.61
CA PHE C 229 -61.40 -5.02 4.32
C PHE C 229 -61.13 -5.19 5.81
N CYS C 230 -61.64 -6.28 6.40
CA CYS C 230 -61.36 -6.55 7.80
C CYS C 230 -59.88 -6.77 8.06
N LEU C 231 -59.21 -7.53 7.18
CA LEU C 231 -57.78 -7.74 7.32
C LEU C 231 -57.01 -6.44 7.17
N ASP C 232 -57.40 -5.61 6.21
CA ASP C 232 -56.72 -4.33 6.00
C ASP C 232 -56.89 -3.42 7.21
N THR C 233 -58.11 -3.33 7.76
CA THR C 233 -58.31 -2.46 8.91
C THR C 233 -57.64 -3.02 10.15
N ALA C 234 -57.55 -4.35 10.29
CA ALA C 234 -56.79 -4.92 11.39
C ALA C 234 -55.31 -4.57 11.29
N CYS C 235 -54.74 -4.68 10.09
CA CYS C 235 -53.33 -4.32 9.90
C CYS C 235 -53.10 -2.84 10.17
N VAL C 236 -54.02 -1.98 9.71
CA VAL C 236 -53.88 -0.55 9.93
C VAL C 236 -53.98 -0.24 11.42
N MET C 237 -54.89 -0.90 12.14
CA MET C 237 -55.00 -0.70 13.57
C MET C 237 -53.74 -1.14 14.30
N ILE C 238 -53.16 -2.27 13.88
CA ILE C 238 -51.92 -2.73 14.50
C ILE C 238 -50.80 -1.73 14.25
N PHE C 239 -50.71 -1.21 13.02
CA PHE C 239 -49.67 -0.22 12.72
C PHE C 239 -49.87 1.04 13.55
N THR C 240 -51.11 1.50 13.69
CA THR C 240 -51.36 2.71 14.48
C THR C 240 -51.03 2.49 15.95
N VAL C 241 -51.41 1.35 16.51
CA VAL C 241 -51.16 1.13 17.93
C VAL C 241 -49.66 0.95 18.18
N GLU C 242 -48.94 0.30 17.27
CA GLU C 242 -47.50 0.19 17.47
C GLU C 242 -46.80 1.54 17.30
N TYR C 243 -47.30 2.39 16.40
CA TYR C 243 -46.77 3.75 16.30
C TYR C 243 -47.03 4.53 17.59
N LEU C 244 -48.21 4.36 18.18
CA LEU C 244 -48.52 5.04 19.44
C LEU C 244 -47.63 4.54 20.57
N LEU C 245 -47.38 3.23 20.63
CA LEU C 245 -46.47 2.70 21.63
C LEU C 245 -45.05 3.22 21.44
N ARG C 246 -44.62 3.34 20.18
CA ARG C 246 -43.31 3.94 19.91
C ARG C 246 -43.27 5.39 20.36
N LEU C 247 -44.35 6.13 20.12
CA LEU C 247 -44.43 7.52 20.56
C LEU C 247 -44.37 7.63 22.08
N ALA C 248 -45.02 6.71 22.79
CA ALA C 248 -45.05 6.71 24.25
C ALA C 248 -43.71 6.31 24.86
N ALA C 249 -42.66 6.10 24.07
CA ALA C 249 -41.36 5.73 24.61
C ALA C 249 -40.22 6.48 23.93
N ALA C 250 -40.51 7.57 23.23
CA ALA C 250 -39.48 8.32 22.51
C ALA C 250 -39.15 9.59 23.27
N PRO C 251 -37.95 9.71 23.85
CA PRO C 251 -37.57 10.98 24.50
C PRO C 251 -37.51 12.15 23.53
N SER C 252 -37.32 11.88 22.24
CA SER C 252 -37.25 12.92 21.20
C SER C 252 -38.54 12.97 20.39
N ARG C 253 -39.69 12.86 21.06
CA ARG C 253 -40.99 12.71 20.42
C ARG C 253 -41.16 13.58 19.17
N TYR C 254 -40.91 14.89 19.28
CA TYR C 254 -41.00 15.76 18.11
C TYR C 254 -39.92 15.42 17.10
N ARG C 255 -38.67 15.27 17.55
CA ARG C 255 -37.60 14.88 16.64
C ARG C 255 -37.81 13.48 16.10
N PHE C 256 -38.35 12.58 16.92
CA PHE C 256 -38.65 11.23 16.44
C PHE C 256 -39.70 11.26 15.34
N VAL C 257 -40.72 12.12 15.49
CA VAL C 257 -41.71 12.29 14.42
C VAL C 257 -41.04 12.87 13.17
N ARG C 258 -40.15 13.84 13.36
CA ARG C 258 -39.41 14.42 12.25
C ARG C 258 -38.46 13.43 11.57
N SER C 259 -38.20 12.28 12.20
CA SER C 259 -37.31 11.30 11.61
C SER C 259 -37.97 10.63 10.41
N VAL C 260 -37.14 10.02 9.56
CA VAL C 260 -37.62 9.43 8.32
C VAL C 260 -38.50 8.21 8.61
N MET C 261 -38.16 7.42 9.64
CA MET C 261 -38.93 6.22 9.93
C MET C 261 -40.36 6.56 10.35
N SER C 262 -40.54 7.59 11.18
CA SER C 262 -41.87 8.00 11.58
C SER C 262 -42.64 8.57 10.39
N ILE C 263 -41.95 9.26 9.48
CA ILE C 263 -42.61 9.75 8.28
C ILE C 263 -43.11 8.59 7.43
N ILE C 264 -42.29 7.55 7.28
CA ILE C 264 -42.71 6.37 6.53
C ILE C 264 -43.91 5.71 7.21
N ASP C 265 -43.87 5.62 8.55
CA ASP C 265 -44.97 5.00 9.28
C ASP C 265 -46.27 5.77 9.10
N VAL C 266 -46.23 7.11 9.21
CA VAL C 266 -47.45 7.89 9.06
C VAL C 266 -47.95 7.84 7.63
N VAL C 267 -47.04 7.83 6.66
CA VAL C 267 -47.46 7.69 5.26
C VAL C 267 -48.13 6.33 5.04
N ALA C 268 -47.63 5.29 5.69
CA ALA C 268 -48.22 3.96 5.54
C ALA C 268 -49.60 3.90 6.20
N ILE C 269 -49.77 4.56 7.34
CA ILE C 269 -51.04 4.45 8.07
C ILE C 269 -52.10 5.44 7.60
N LEU C 270 -51.71 6.51 6.90
CA LEU C 270 -52.69 7.50 6.45
C LEU C 270 -53.75 6.96 5.50
N PRO C 271 -53.42 6.17 4.46
CA PRO C 271 -54.42 5.93 3.40
C PRO C 271 -55.74 5.33 3.87
N TYR C 272 -55.72 4.44 4.86
CA TYR C 272 -56.97 3.85 5.33
C TYR C 272 -57.89 4.92 5.93
N TYR C 273 -57.35 5.75 6.83
CA TYR C 273 -58.16 6.79 7.44
C TYR C 273 -58.58 7.82 6.41
N ILE C 274 -57.70 8.16 5.46
CA ILE C 274 -58.07 9.12 4.42
C ILE C 274 -59.23 8.58 3.60
N GLY C 275 -59.16 7.31 3.20
CA GLY C 275 -60.24 6.72 2.44
C GLY C 275 -61.54 6.65 3.22
N LEU C 276 -61.45 6.36 4.52
CA LEU C 276 -62.65 6.37 5.35
C LEU C 276 -63.27 7.75 5.41
N VAL C 277 -62.44 8.79 5.54
CA VAL C 277 -62.95 10.16 5.58
C VAL C 277 -63.63 10.51 4.26
N MET C 278 -62.99 10.17 3.13
CA MET C 278 -63.59 10.47 1.84
C MET C 278 -64.89 9.70 1.61
N THR C 279 -64.95 8.45 2.04
CA THR C 279 -66.15 7.66 1.82
C THR C 279 -67.26 7.96 2.82
N ASP C 280 -66.96 8.65 3.92
CA ASP C 280 -68.01 9.07 4.84
C ASP C 280 -68.96 10.07 4.18
N ASN C 281 -68.41 11.03 3.42
CA ASN C 281 -69.20 12.03 2.72
C ASN C 281 -68.93 11.89 1.23
N GLU C 282 -69.96 11.46 0.48
CA GLU C 282 -69.86 11.23 -0.96
C GLU C 282 -68.82 10.18 -1.30
N ASP C 283 -68.63 9.91 -2.59
CA ASP C 283 -67.66 8.90 -3.02
C ASP C 283 -67.36 9.10 -4.50
N VAL C 284 -66.08 9.25 -4.83
CA VAL C 284 -65.63 9.35 -6.21
C VAL C 284 -64.40 8.45 -6.38
N SER C 285 -64.13 8.11 -7.63
CA SER C 285 -63.02 7.23 -7.97
C SER C 285 -61.73 7.98 -8.30
N GLY C 286 -61.73 9.31 -8.18
CA GLY C 286 -60.53 10.07 -8.50
C GLY C 286 -59.37 9.77 -7.57
N ALA C 287 -59.63 9.72 -6.28
CA ALA C 287 -58.62 9.44 -5.28
C ALA C 287 -58.59 7.98 -4.85
N PHE C 288 -59.45 7.14 -5.43
CA PHE C 288 -59.47 5.72 -5.06
C PHE C 288 -58.19 5.03 -5.52
N VAL C 289 -57.81 5.22 -6.78
CA VAL C 289 -56.61 4.57 -7.31
C VAL C 289 -55.36 5.14 -6.65
N THR C 290 -55.35 6.44 -6.34
CA THR C 290 -54.21 7.04 -5.67
C THR C 290 -54.01 6.43 -4.28
N LEU C 291 -55.10 6.27 -3.53
CA LEU C 291 -54.99 5.67 -2.20
C LEU C 291 -54.60 4.20 -2.28
N ARG C 292 -55.14 3.49 -3.28
CA ARG C 292 -54.74 2.09 -3.47
C ARG C 292 -53.25 1.97 -3.80
N VAL C 293 -52.74 2.90 -4.61
CA VAL C 293 -51.31 2.92 -4.89
C VAL C 293 -50.51 3.21 -3.62
N PHE C 294 -50.97 4.19 -2.83
CA PHE C 294 -50.28 4.53 -1.59
C PHE C 294 -50.34 3.41 -0.57
N ARG C 295 -51.30 2.49 -0.69
CA ARG C 295 -51.44 1.42 0.28
C ARG C 295 -50.22 0.50 0.31
N VAL C 296 -49.54 0.33 -0.83
CA VAL C 296 -48.39 -0.58 -0.88
C VAL C 296 -47.18 -0.01 -0.17
N PHE C 297 -47.23 1.26 0.23
CA PHE C 297 -46.10 1.90 0.91
C PHE C 297 -45.80 1.29 2.27
N ARG C 298 -46.57 0.30 2.72
CA ARG C 298 -46.22 -0.47 3.90
C ARG C 298 -44.99 -1.34 3.67
N ILE C 299 -44.56 -1.49 2.42
CA ILE C 299 -43.36 -2.26 2.11
C ILE C 299 -42.13 -1.62 2.73
N PHE C 300 -42.03 -0.29 2.67
CA PHE C 300 -40.87 0.42 3.19
C PHE C 300 -40.74 0.33 4.70
N LYS C 301 -41.77 -0.16 5.41
CA LYS C 301 -41.65 -0.38 6.84
C LYS C 301 -40.68 -1.50 7.17
N PHE C 302 -40.25 -2.29 6.19
CA PHE C 302 -39.25 -3.34 6.39
C PHE C 302 -37.85 -2.78 6.64
N SER C 303 -37.68 -1.45 6.61
CA SER C 303 -36.35 -0.88 6.82
C SER C 303 -35.82 -1.22 8.21
N ARG C 304 -36.68 -1.15 9.23
CA ARG C 304 -36.25 -1.54 10.57
C ARG C 304 -35.90 -3.02 10.63
N HIS C 305 -36.66 -3.86 9.94
CA HIS C 305 -36.45 -5.31 10.02
C HIS C 305 -35.14 -5.72 9.38
N SER C 306 -34.81 -5.17 8.22
CA SER C 306 -33.64 -5.58 7.45
C SER C 306 -32.61 -4.46 7.43
N GLN C 307 -31.37 -4.80 7.81
CA GLN C 307 -30.28 -3.82 7.76
C GLN C 307 -29.94 -3.44 6.33
N GLY C 308 -30.23 -4.30 5.35
CA GLY C 308 -29.91 -3.98 3.97
C GLY C 308 -30.66 -2.75 3.47
N LEU C 309 -31.93 -2.63 3.84
CA LEU C 309 -32.70 -1.44 3.44
C LEU C 309 -32.11 -0.18 4.05
N ARG C 310 -31.70 -0.23 5.32
CA ARG C 310 -31.09 0.94 5.94
C ARG C 310 -29.76 1.29 5.28
N ILE C 311 -28.95 0.29 4.94
CA ILE C 311 -27.68 0.55 4.27
C ILE C 311 -27.93 1.16 2.89
N LEU C 312 -28.92 0.64 2.16
CA LEU C 312 -29.25 1.19 0.85
C LEU C 312 -29.72 2.63 0.95
N GLY C 313 -30.57 2.93 1.95
CA GLY C 313 -30.99 4.31 2.14
C GLY C 313 -29.83 5.22 2.49
N TYR C 314 -28.92 4.75 3.35
CA TYR C 314 -27.76 5.55 3.72
C TYR C 314 -26.87 5.83 2.51
N THR C 315 -26.65 4.82 1.66
CA THR C 315 -25.76 5.03 0.52
C THR C 315 -26.42 5.87 -0.57
N LEU C 316 -27.75 5.82 -0.69
CA LEU C 316 -28.42 6.75 -1.60
C LEU C 316 -28.39 8.18 -1.07
N LYS C 317 -28.52 8.35 0.24
CA LYS C 317 -28.49 9.70 0.81
C LYS C 317 -27.08 10.28 0.76
N SER C 318 -26.04 9.44 0.90
CA SER C 318 -24.68 9.95 0.93
C SER C 318 -24.27 10.54 -0.42
N CYS C 319 -24.46 9.79 -1.49
CA CYS C 319 -24.14 10.25 -2.84
C CYS C 319 -25.37 10.81 -3.54
N ALA C 320 -25.99 11.80 -2.88
CA ALA C 320 -27.17 12.43 -3.46
C ALA C 320 -26.79 13.35 -4.63
N SER C 321 -25.61 13.96 -4.58
CA SER C 321 -25.16 14.81 -5.66
C SER C 321 -24.97 14.01 -6.95
N GLU C 322 -24.41 12.80 -6.84
CA GLU C 322 -24.19 11.98 -8.02
C GLU C 322 -25.52 11.57 -8.66
N LEU C 323 -26.54 11.30 -7.85
CA LEU C 323 -27.85 11.00 -8.39
C LEU C 323 -28.44 12.21 -9.11
N GLY C 324 -28.20 13.42 -8.59
CA GLY C 324 -28.64 14.61 -9.27
C GLY C 324 -27.98 14.78 -10.63
N PHE C 325 -26.67 14.51 -10.70
CA PHE C 325 -25.98 14.55 -11.99
C PHE C 325 -26.51 13.47 -12.92
N LEU C 326 -26.80 12.28 -12.39
CA LEU C 326 -27.41 11.23 -13.19
C LEU C 326 -28.71 11.71 -13.82
N LEU C 327 -29.59 12.31 -12.99
CA LEU C 327 -30.88 12.79 -13.50
C LEU C 327 -30.68 13.89 -14.53
N PHE C 328 -29.76 14.82 -14.26
CA PHE C 328 -29.54 15.93 -15.19
C PHE C 328 -29.03 15.43 -16.54
N SER C 329 -28.02 14.57 -16.53
CA SER C 329 -27.48 14.03 -17.78
C SER C 329 -28.50 13.16 -18.50
N LEU C 330 -29.29 12.39 -17.74
CA LEU C 330 -30.33 11.57 -18.34
C LEU C 330 -31.36 12.43 -19.07
N THR C 331 -31.81 13.51 -18.42
CA THR C 331 -32.77 14.41 -19.05
C THR C 331 -32.16 15.09 -20.27
N MET C 332 -30.89 15.50 -20.16
CA MET C 332 -30.21 16.15 -21.28
C MET C 332 -30.16 15.24 -22.50
N ALA C 333 -29.65 14.00 -22.30
CA ALA C 333 -29.54 13.06 -23.41
C ALA C 333 -30.91 12.68 -23.95
N ILE C 334 -31.90 12.49 -23.06
CA ILE C 334 -33.24 12.13 -23.51
C ILE C 334 -33.81 13.21 -24.40
N ILE C 335 -33.69 14.48 -23.99
CA ILE C 335 -34.22 15.59 -24.77
C ILE C 335 -33.52 15.66 -26.12
N ILE C 336 -32.18 15.59 -26.11
CA ILE C 336 -31.42 15.74 -27.35
C ILE C 336 -31.78 14.62 -28.34
N PHE C 337 -31.75 13.38 -27.87
CA PHE C 337 -32.00 12.26 -28.77
C PHE C 337 -33.46 12.19 -29.20
N ALA C 338 -34.40 12.56 -28.32
CA ALA C 338 -35.79 12.59 -28.73
C ALA C 338 -36.02 13.63 -29.81
N THR C 339 -35.42 14.81 -29.67
CA THR C 339 -35.53 15.82 -30.72
C THR C 339 -34.95 15.31 -32.03
N VAL C 340 -33.76 14.69 -31.96
CA VAL C 340 -33.10 14.21 -33.17
C VAL C 340 -33.94 13.15 -33.87
N MET C 341 -34.45 12.18 -33.10
CA MET C 341 -35.24 11.11 -33.69
C MET C 341 -36.58 11.63 -34.22
N PHE C 342 -37.20 12.58 -33.52
CA PHE C 342 -38.46 13.13 -34.00
C PHE C 342 -38.27 13.85 -35.33
N TYR C 343 -37.25 14.71 -35.40
CA TYR C 343 -37.02 15.43 -36.66
C TYR C 343 -36.41 14.56 -37.74
N ALA C 344 -35.90 13.38 -37.39
CA ALA C 344 -35.35 12.46 -38.39
C ALA C 344 -36.32 11.37 -38.82
N GLU C 345 -37.38 11.12 -38.05
CA GLU C 345 -38.34 10.06 -38.32
C GLU C 345 -39.76 10.64 -38.22
N LYS C 346 -39.97 11.76 -38.89
CA LYS C 346 -41.25 12.47 -38.86
C LYS C 346 -42.11 12.21 -40.09
N GLY C 347 -41.51 12.15 -41.27
CA GLY C 347 -42.27 12.03 -42.50
C GLY C 347 -42.54 10.60 -42.94
N SER C 348 -42.39 9.65 -42.03
CA SER C 348 -42.64 8.25 -42.36
C SER C 348 -44.14 8.01 -42.57
N SER C 349 -44.43 6.94 -43.31
CA SER C 349 -45.83 6.61 -43.61
C SER C 349 -46.60 6.29 -42.32
N ALA C 350 -46.19 5.23 -41.63
CA ALA C 350 -46.82 4.81 -40.37
C ALA C 350 -45.76 4.98 -39.27
N SER C 351 -45.69 6.18 -38.71
CA SER C 351 -44.69 6.51 -37.70
C SER C 351 -45.38 6.80 -36.38
N LYS C 352 -44.86 6.20 -35.31
CA LYS C 352 -45.33 6.47 -33.96
C LYS C 352 -44.61 7.64 -33.30
N PHE C 353 -43.63 8.23 -33.99
CA PHE C 353 -42.91 9.40 -33.47
C PHE C 353 -43.70 10.66 -33.79
N THR C 354 -44.83 10.80 -33.11
CA THR C 354 -45.71 11.94 -33.36
C THR C 354 -45.15 13.23 -32.78
N SER C 355 -44.36 13.14 -31.71
CA SER C 355 -43.87 14.33 -31.04
C SER C 355 -42.63 13.98 -30.22
N ILE C 356 -41.94 15.02 -29.75
CA ILE C 356 -40.81 14.82 -28.85
C ILE C 356 -41.23 14.10 -27.56
N PRO C 357 -42.32 14.50 -26.89
CA PRO C 357 -42.78 13.68 -25.75
C PRO C 357 -43.12 12.26 -26.14
N ALA C 358 -43.61 12.04 -27.37
CA ALA C 358 -43.84 10.68 -27.84
C ALA C 358 -42.52 9.95 -28.09
N ALA C 359 -41.48 10.68 -28.51
CA ALA C 359 -40.16 10.09 -28.68
C ALA C 359 -39.42 9.93 -27.36
N PHE C 360 -39.93 10.50 -26.27
CA PHE C 360 -39.32 10.29 -24.97
C PHE C 360 -39.36 8.81 -24.58
N TRP C 361 -40.47 8.14 -24.86
CA TRP C 361 -40.60 6.72 -24.55
C TRP C 361 -39.54 5.91 -25.30
N TYR C 362 -39.41 6.14 -26.61
CA TYR C 362 -38.41 5.41 -27.39
C TYR C 362 -37.01 5.72 -26.90
N THR C 363 -36.72 6.99 -26.59
CA THR C 363 -35.39 7.37 -26.14
C THR C 363 -35.03 6.68 -24.82
N ILE C 364 -35.98 6.66 -23.87
CA ILE C 364 -35.67 6.06 -22.57
C ILE C 364 -35.64 4.54 -22.68
N VAL C 365 -36.37 3.96 -23.63
CA VAL C 365 -36.28 2.52 -23.85
C VAL C 365 -34.93 2.14 -24.45
N THR C 366 -34.47 2.94 -25.43
CA THR C 366 -33.22 2.62 -26.12
C THR C 366 -32.01 2.89 -25.24
N MET C 367 -32.03 3.99 -24.48
CA MET C 367 -30.87 4.35 -23.67
C MET C 367 -30.58 3.30 -22.61
N THR C 368 -31.61 2.74 -22.00
CA THR C 368 -31.46 1.71 -20.97
C THR C 368 -31.19 0.33 -21.57
N THR C 369 -31.02 0.23 -22.89
CA THR C 369 -30.84 -1.05 -23.58
C THR C 369 -31.95 -2.03 -23.22
N LEU C 370 -33.18 -1.54 -23.23
CA LEU C 370 -34.34 -2.37 -22.90
C LEU C 370 -34.95 -3.00 -24.16
N GLY C 371 -35.44 -2.16 -25.07
CA GLY C 371 -35.93 -2.66 -26.33
C GLY C 371 -37.34 -3.20 -26.26
N TYR C 372 -38.23 -2.71 -27.10
CA TYR C 372 -39.58 -3.25 -27.12
C TYR C 372 -40.04 -3.65 -28.50
N GLY C 373 -39.64 -2.92 -29.54
CA GLY C 373 -39.98 -3.25 -30.90
C GLY C 373 -41.28 -2.67 -31.40
N ASP C 374 -42.10 -2.08 -30.53
CA ASP C 374 -43.32 -1.44 -30.97
C ASP C 374 -43.06 -0.10 -31.64
N MET C 375 -42.09 0.66 -31.13
CA MET C 375 -41.72 1.97 -31.66
C MET C 375 -40.27 1.90 -32.09
N VAL C 376 -40.03 1.71 -33.39
CA VAL C 376 -38.68 1.59 -33.92
C VAL C 376 -38.51 2.54 -35.10
N PRO C 377 -37.31 3.04 -35.34
CA PRO C 377 -37.09 3.88 -36.52
C PRO C 377 -37.19 3.06 -37.80
N LYS C 378 -37.63 3.73 -38.87
CA LYS C 378 -37.77 3.08 -40.18
C LYS C 378 -37.09 3.90 -41.26
N THR C 379 -36.08 4.68 -40.89
CA THR C 379 -35.33 5.50 -41.82
C THR C 379 -33.84 5.29 -41.60
N ILE C 380 -33.05 5.49 -42.66
CA ILE C 380 -31.61 5.32 -42.56
C ILE C 380 -31.03 6.34 -41.58
N ALA C 381 -31.51 7.58 -41.63
CA ALA C 381 -31.02 8.60 -40.70
C ALA C 381 -31.40 8.27 -39.26
N GLY C 382 -32.62 7.76 -39.06
CA GLY C 382 -33.08 7.47 -37.71
C GLY C 382 -32.31 6.34 -37.05
N LYS C 383 -31.90 5.33 -37.81
CA LYS C 383 -31.26 4.15 -37.21
C LYS C 383 -29.88 4.49 -36.66
N ILE C 384 -29.11 5.33 -37.36
CA ILE C 384 -27.79 5.71 -36.87
C ILE C 384 -27.92 6.45 -35.55
N PHE C 385 -28.85 7.40 -35.48
CA PHE C 385 -29.05 8.14 -34.24
C PHE C 385 -29.64 7.27 -33.14
N GLY C 386 -30.42 6.25 -33.50
CA GLY C 386 -30.89 5.31 -32.48
C GLY C 386 -29.77 4.50 -31.88
N SER C 387 -28.85 4.01 -32.73
CA SER C 387 -27.68 3.29 -32.22
C SER C 387 -26.80 4.19 -31.37
N ILE C 388 -26.59 5.43 -31.82
CA ILE C 388 -25.82 6.39 -31.04
C ILE C 388 -26.52 6.67 -29.71
N CYS C 389 -27.85 6.72 -29.72
CA CYS C 389 -28.61 6.93 -28.49
C CYS C 389 -28.42 5.76 -27.53
N SER C 390 -28.42 4.53 -28.05
CA SER C 390 -28.20 3.37 -27.20
C SER C 390 -26.81 3.41 -26.57
N LEU C 391 -25.79 3.71 -27.39
CA LEU C 391 -24.42 3.77 -26.86
C LEU C 391 -24.27 4.89 -25.84
N SER C 392 -24.87 6.06 -26.12
CA SER C 392 -24.79 7.17 -25.19
C SER C 392 -25.55 6.89 -23.90
N GLY C 393 -26.66 6.16 -23.98
CA GLY C 393 -27.35 5.75 -22.77
C GLY C 393 -26.51 4.82 -21.93
N VAL C 394 -25.83 3.87 -22.58
CA VAL C 394 -24.90 3.00 -21.86
C VAL C 394 -23.84 3.84 -21.17
N LEU C 395 -23.26 4.79 -21.89
CA LEU C 395 -22.21 5.63 -21.32
C LEU C 395 -22.71 6.45 -20.14
N VAL C 396 -23.91 7.04 -20.28
CA VAL C 396 -24.42 7.93 -19.24
C VAL C 396 -24.81 7.14 -17.99
N ILE C 397 -25.51 6.01 -18.17
CA ILE C 397 -25.93 5.22 -17.02
C ILE C 397 -24.73 4.56 -16.34
N ALA C 398 -23.73 4.16 -17.13
CA ALA C 398 -22.59 3.44 -16.57
C ALA C 398 -21.68 4.31 -15.70
N LEU C 399 -21.86 5.63 -15.70
CA LEU C 399 -20.97 6.49 -14.92
C LEU C 399 -21.31 6.46 -13.42
N PRO C 400 -22.55 6.72 -13.00
CA PRO C 400 -22.83 6.76 -11.57
C PRO C 400 -23.12 5.41 -10.95
N VAL C 401 -23.24 4.34 -11.73
CA VAL C 401 -23.50 3.02 -11.15
C VAL C 401 -22.36 2.55 -10.27
N PRO C 402 -21.08 2.57 -10.70
CA PRO C 402 -20.01 2.07 -9.81
C PRO C 402 -19.89 2.83 -8.51
N VAL C 403 -20.09 4.16 -8.52
CA VAL C 403 -19.91 4.93 -7.29
C VAL C 403 -20.99 4.60 -6.28
N ILE C 404 -22.22 4.34 -6.74
CA ILE C 404 -23.29 3.92 -5.83
C ILE C 404 -22.95 2.56 -5.21
N VAL C 405 -22.50 1.63 -6.05
CA VAL C 405 -22.16 0.30 -5.57
C VAL C 405 -20.93 0.37 -4.65
N SER C 406 -19.94 1.18 -5.01
CA SER C 406 -18.76 1.32 -4.17
C SER C 406 -19.12 1.89 -2.80
N ASN C 407 -19.94 2.93 -2.77
CA ASN C 407 -20.37 3.50 -1.50
C ASN C 407 -21.20 2.51 -0.69
N PHE C 408 -22.06 1.75 -1.36
CA PHE C 408 -22.85 0.75 -0.65
C PHE C 408 -21.95 -0.31 -0.02
N SER C 409 -20.96 -0.79 -0.78
CA SER C 409 -20.05 -1.80 -0.25
C SER C 409 -19.22 -1.25 0.90
N ARG C 410 -18.75 0.00 0.77
CA ARG C 410 -17.96 0.60 1.84
C ARG C 410 -18.78 0.78 3.10
N ILE C 411 -20.04 1.24 2.96
CA ILE C 411 -20.90 1.43 4.11
C ILE C 411 -21.21 0.08 4.77
N TYR C 412 -21.49 -0.95 3.97
CA TYR C 412 -21.78 -2.26 4.52
C TYR C 412 -20.58 -2.82 5.27
N HIS C 413 -19.38 -2.67 4.69
CA HIS C 413 -18.16 -3.16 5.35
C HIS C 413 -17.89 -2.40 6.65
N GLN C 414 -18.08 -1.08 6.64
CA GLN C 414 -17.83 -0.30 7.85
C GLN C 414 -18.88 -0.57 8.92
N ASN C 415 -20.10 -0.96 8.50
CA ASN C 415 -21.10 -1.38 9.48
C ASN C 415 -20.75 -2.75 10.06
N GLN C 416 -20.24 -3.66 9.24
CA GLN C 416 -19.71 -4.91 9.78
C GLN C 416 -18.43 -4.67 10.58
N ARG C 417 -17.63 -3.68 10.18
CA ARG C 417 -16.43 -3.34 10.93
C ARG C 417 -16.78 -2.82 12.32
N ALA C 418 -17.83 -2.00 12.42
CA ALA C 418 -18.23 -1.47 13.72
C ALA C 418 -18.80 -2.56 14.62
N ASP C 419 -19.23 -3.69 14.03
CA ASP C 419 -19.74 -4.79 14.84
C ASP C 419 -18.64 -5.41 15.69
N LYS C 420 -17.48 -5.69 15.09
CA LYS C 420 -16.35 -6.20 15.85
C LYS C 420 -15.64 -5.12 16.64
N ARG C 421 -15.79 -3.85 16.26
CA ARG C 421 -15.25 -2.76 17.06
C ARG C 421 -15.92 -2.70 18.42
N ARG C 422 -17.23 -2.91 18.46
CA ARG C 422 -17.93 -2.98 19.74
C ARG C 422 -17.53 -4.22 20.53
N ALA C 423 -17.23 -5.32 19.84
CA ALA C 423 -16.83 -6.54 20.53
C ALA C 423 -15.53 -6.36 21.29
N GLN C 424 -14.55 -5.66 20.68
CA GLN C 424 -13.28 -5.43 21.35
C GLN C 424 -13.41 -4.44 22.50
N LYS C 425 -14.41 -3.56 22.46
CA LYS C 425 -14.63 -2.63 23.57
C LYS C 425 -15.10 -3.36 24.82
N LYS C 426 -16.04 -4.30 24.66
CA LYS C 426 -16.52 -5.06 25.80
C LYS C 426 -15.41 -5.94 26.38
N ALA C 427 -14.58 -6.53 25.51
CA ALA C 427 -13.45 -7.31 25.99
C ALA C 427 -12.44 -6.43 26.71
N ARG C 428 -12.21 -5.21 26.19
CA ARG C 428 -11.27 -4.30 26.84
C ARG C 428 -11.75 -3.89 28.22
N LEU C 429 -13.04 -3.63 28.37
CA LEU C 429 -13.59 -3.30 29.69
C LEU C 429 -13.50 -4.49 30.64
N ALA C 430 -13.64 -5.71 30.13
CA ALA C 430 -13.48 -6.89 30.96
C ALA C 430 -12.05 -6.99 31.50
N ARG C 431 -11.06 -6.68 30.66
CA ARG C 431 -9.68 -6.68 31.10
C ARG C 431 -9.44 -5.59 32.16
N ILE C 432 -10.05 -4.42 31.97
CA ILE C 432 -9.94 -3.35 32.95
C ILE C 432 -10.55 -3.79 34.28
N ARG C 433 -11.74 -4.40 34.22
CA ARG C 433 -12.38 -4.89 35.44
C ARG C 433 -11.57 -6.02 36.06
N ALA C 434 -10.98 -6.89 35.23
CA ALA C 434 -10.13 -7.96 35.76
C ALA C 434 -8.91 -7.39 36.47
N ALA C 435 -8.31 -6.34 35.91
CA ALA C 435 -7.18 -5.69 36.58
C ALA C 435 -7.62 -5.05 37.89
N LYS C 436 -8.80 -4.41 37.90
CA LYS C 436 -9.32 -3.84 39.13
C LYS C 436 -9.57 -4.91 40.19
N SER C 437 -10.15 -6.04 39.77
CA SER C 437 -10.35 -7.15 40.70
C SER C 437 -9.01 -7.73 41.15
N GLY C 438 -8.05 -7.86 40.23
CA GLY C 438 -6.74 -8.35 40.61
C GLY C 438 -6.00 -7.42 41.54
N SER C 439 -6.10 -6.11 41.30
CA SER C 439 -5.47 -5.14 42.20
C SER C 439 -6.11 -5.18 43.58
N ALA C 440 -7.44 -5.30 43.63
CA ALA C 440 -8.11 -5.41 44.93
C ALA C 440 -7.76 -6.71 45.63
N ASN C 441 -7.71 -7.81 44.87
CA ASN C 441 -7.37 -9.11 45.47
C ASN C 441 -5.92 -9.13 45.94
N ALA C 442 -5.03 -8.45 45.21
CA ALA C 442 -3.62 -8.43 45.60
C ALA C 442 -3.44 -7.78 46.96
N TYR C 443 -4.23 -6.75 47.26
CA TYR C 443 -4.16 -6.10 48.57
C TYR C 443 -4.58 -7.06 49.68
N MET C 444 -5.62 -7.87 49.43
CA MET C 444 -6.09 -8.81 50.44
C MET C 444 -5.02 -9.86 50.75
N GLN C 445 -4.33 -10.35 49.72
CA GLN C 445 -3.24 -11.30 49.94
C GLN C 445 -2.13 -10.69 50.78
N SER C 446 -1.82 -9.42 50.54
CA SER C 446 -0.84 -8.74 51.39
C SER C 446 -1.35 -8.60 52.82
N LYS C 447 -2.64 -8.29 52.97
CA LYS C 447 -3.22 -8.15 54.31
C LYS C 447 -3.21 -9.48 55.06
N ARG C 448 -3.53 -10.57 54.36
CA ARG C 448 -3.53 -11.89 55.01
C ARG C 448 -2.14 -12.27 55.49
N SER C 449 -1.12 -12.00 54.67
CA SER C 449 0.25 -12.33 55.04
C SER C 449 0.98 -11.09 55.55
N SER C 469 6.28 -6.29 46.15
CA SER C 469 7.01 -5.49 45.17
C SER C 469 7.45 -4.15 45.77
N SER C 470 7.99 -3.28 44.92
CA SER C 470 8.45 -1.98 45.38
C SER C 470 7.29 -1.00 45.49
N PHE C 471 6.63 -0.71 44.38
CA PHE C 471 5.50 0.22 44.40
C PHE C 471 4.29 -0.39 45.11
N GLU C 472 4.11 -1.70 44.99
CA GLU C 472 2.96 -2.36 45.60
C GLU C 472 2.94 -2.18 47.11
N THR C 473 4.12 -2.12 47.75
CA THR C 473 4.18 -1.89 49.18
C THR C 473 3.66 -0.50 49.54
N GLN C 474 4.02 0.50 48.75
CA GLN C 474 3.57 1.86 49.04
C GLN C 474 2.10 2.06 48.69
N HIS C 475 1.66 1.45 47.57
CA HIS C 475 0.26 1.57 47.18
C HIS C 475 -0.66 0.95 48.22
N HIS C 476 -0.29 -0.23 48.73
CA HIS C 476 -1.10 -0.89 49.76
C HIS C 476 -1.15 -0.09 51.05
N HIS C 477 -0.16 0.76 51.31
CA HIS C 477 -0.21 1.63 52.47
C HIS C 477 -1.30 2.68 52.32
N LEU C 478 -1.51 3.18 51.10
CA LEU C 478 -2.58 4.14 50.86
C LEU C 478 -3.95 3.51 51.12
N LEU C 479 -4.15 2.28 50.65
CA LEU C 479 -5.40 1.58 50.95
C LEU C 479 -5.54 1.31 52.44
N HIS C 480 -4.43 1.01 53.11
CA HIS C 480 -4.46 0.81 54.56
C HIS C 480 -4.87 2.09 55.27
N CYS C 481 -4.39 3.24 54.79
CA CYS C 481 -4.81 4.52 55.34
C CYS C 481 -6.30 4.77 55.09
N LEU C 482 -6.78 4.39 53.91
CA LEU C 482 -8.20 4.55 53.61
C LEU C 482 -9.07 3.65 54.49
N GLU C 483 -8.56 2.47 54.86
CA GLU C 483 -9.30 1.61 55.79
C GLU C 483 -9.47 2.30 57.15
N LYS C 484 -8.41 2.91 57.66
CA LYS C 484 -8.36 3.33 59.04
C LYS C 484 -8.78 4.78 59.25
N THR C 485 -9.11 5.50 58.17
CA THR C 485 -9.75 6.80 58.32
C THR C 485 -11.26 6.68 58.44
N THR C 486 -11.83 5.51 58.16
CA THR C 486 -13.27 5.27 58.25
C THR C 486 -13.59 4.04 59.09
N ASN C 487 -12.62 3.52 59.86
CA ASN C 487 -12.73 2.31 60.67
C ASN C 487 -13.46 1.20 59.94
N HIS C 488 -13.15 1.01 58.66
CA HIS C 488 -13.72 -0.07 57.86
C HIS C 488 -12.58 -0.82 57.19
N GLU C 489 -12.86 -2.07 56.80
CA GLU C 489 -11.86 -2.94 56.18
C GLU C 489 -12.44 -3.61 54.95
N PHE C 490 -11.67 -3.64 53.86
CA PHE C 490 -12.05 -4.43 52.71
C PHE C 490 -11.96 -5.91 53.03
N VAL C 491 -12.94 -6.68 52.55
CA VAL C 491 -12.94 -8.14 52.68
C VAL C 491 -13.22 -8.73 51.31
N ASP C 492 -12.91 -10.02 51.18
CA ASP C 492 -13.07 -10.73 49.91
C ASP C 492 -14.52 -10.71 49.42
N ALA D 1 36.92 4.21 -15.31
CA ALA D 1 36.46 5.40 -14.59
C ALA D 1 36.89 5.35 -13.13
N ALA D 2 36.47 6.34 -12.36
CA ALA D 2 36.81 6.40 -10.94
C ALA D 2 35.92 5.51 -10.08
N GLY D 3 34.79 5.04 -10.62
CA GLY D 3 33.94 4.16 -9.84
C GLY D 3 34.62 2.85 -9.51
N VAL D 4 35.25 2.23 -10.50
CA VAL D 4 36.06 1.02 -10.27
C VAL D 4 37.49 1.51 -10.03
N ALA D 5 37.76 1.89 -8.79
CA ALA D 5 39.08 2.37 -8.40
C ALA D 5 39.88 1.34 -7.61
N ALA D 6 39.20 0.42 -6.92
CA ALA D 6 39.91 -0.65 -6.22
C ALA D 6 40.48 -1.68 -7.16
N TRP D 7 40.12 -1.65 -8.44
CA TRP D 7 40.64 -2.57 -9.44
C TRP D 7 41.80 -1.98 -10.22
N LEU D 8 42.36 -0.86 -9.76
CA LEU D 8 43.55 -0.32 -10.40
C LEU D 8 44.72 -1.29 -10.41
N PRO D 9 45.05 -2.00 -9.31
CA PRO D 9 46.11 -3.03 -9.43
C PRO D 9 45.79 -4.10 -10.45
N PHE D 10 44.51 -4.43 -10.64
CA PHE D 10 44.14 -5.37 -11.69
C PHE D 10 44.45 -4.79 -13.07
N ALA D 11 44.10 -3.52 -13.29
CA ALA D 11 44.38 -2.88 -14.57
C ALA D 11 45.88 -2.73 -14.78
N ARG D 12 46.63 -2.42 -13.73
CA ARG D 12 48.08 -2.34 -13.85
C ARG D 12 48.69 -3.70 -14.11
N ALA D 13 48.11 -4.76 -13.53
CA ALA D 13 48.57 -6.11 -13.82
C ALA D 13 48.30 -6.49 -15.27
N ALA D 14 47.14 -6.06 -15.80
CA ALA D 14 46.84 -6.33 -17.20
C ALA D 14 47.80 -5.61 -18.14
N ALA D 15 48.28 -4.44 -17.75
CA ALA D 15 49.22 -3.68 -18.58
C ALA D 15 50.56 -4.38 -18.75
N ILE D 16 50.85 -5.40 -17.93
CA ILE D 16 52.12 -6.11 -18.06
C ILE D 16 52.20 -6.82 -19.40
N GLY D 17 51.06 -7.26 -19.93
CA GLY D 17 51.04 -7.94 -21.23
C GLY D 17 51.48 -7.06 -22.38
N TRP D 18 51.37 -5.73 -22.24
CA TRP D 18 51.80 -4.85 -23.31
C TRP D 18 53.31 -4.78 -23.41
N MET D 19 54.01 -4.91 -22.29
CA MET D 19 55.47 -4.71 -22.28
C MET D 19 56.24 -5.60 -23.26
N PRO D 20 55.95 -6.90 -23.40
CA PRO D 20 56.70 -7.68 -24.40
C PRO D 20 56.54 -7.16 -25.82
N VAL D 21 55.36 -6.64 -26.18
CA VAL D 21 55.12 -6.16 -27.53
C VAL D 21 55.18 -4.63 -27.61
N ALA D 22 55.89 -3.99 -26.69
CA ALA D 22 55.98 -2.54 -26.62
C ALA D 22 57.39 -2.08 -26.99
N SER D 23 57.58 -0.76 -26.91
CA SER D 23 58.88 -0.11 -27.10
C SER D 23 59.04 0.86 -25.94
N GLY D 24 59.64 0.38 -24.84
CA GLY D 24 59.66 1.09 -23.59
C GLY D 24 60.30 2.45 -23.63
N PRO D 25 59.50 3.49 -23.45
CA PRO D 25 60.01 4.87 -23.40
C PRO D 25 60.23 5.42 -21.99
N MET D 26 60.18 4.58 -20.95
CA MET D 26 60.21 5.00 -19.55
C MET D 26 58.97 5.89 -19.34
N PRO D 27 57.78 5.29 -19.25
CA PRO D 27 56.54 6.08 -19.20
C PRO D 27 56.32 6.88 -17.93
N ALA D 28 57.32 6.92 -17.04
CA ALA D 28 57.32 7.82 -15.88
C ALA D 28 56.12 7.59 -14.96
N PRO D 29 56.12 6.52 -14.17
CA PRO D 29 55.01 6.30 -13.25
C PRO D 29 54.88 7.45 -12.27
N PRO D 30 53.65 7.78 -11.84
CA PRO D 30 53.44 9.00 -11.06
C PRO D 30 54.17 9.04 -9.73
N ARG D 31 54.47 7.89 -9.13
CA ARG D 31 55.14 7.83 -7.82
C ARG D 31 54.32 8.56 -6.76
N GLN D 32 53.15 7.98 -6.48
CA GLN D 32 52.18 8.57 -5.55
C GLN D 32 52.73 8.62 -4.12
N GLU D 33 51.95 9.23 -3.21
CA GLU D 33 52.41 9.40 -1.84
C GLU D 33 52.61 8.07 -1.14
N ARG D 34 51.62 7.18 -1.23
CA ARG D 34 51.68 5.88 -0.57
C ARG D 34 50.73 4.88 -1.22
N ASP D 39 44.88 5.30 5.19
CA ASP D 39 43.66 4.77 4.61
C ASP D 39 42.62 4.48 5.70
N ALA D 40 42.81 5.09 6.86
CA ALA D 40 41.89 4.87 7.98
C ALA D 40 40.50 5.38 7.64
N LEU D 41 39.49 4.64 8.10
CA LEU D 41 38.11 5.02 7.85
C LEU D 41 37.75 6.29 8.61
N ILE D 42 36.90 7.11 8.00
CA ILE D 42 36.53 8.40 8.56
C ILE D 42 35.09 8.33 9.05
N VAL D 43 34.74 9.29 9.90
CA VAL D 43 33.44 9.35 10.57
C VAL D 43 32.61 10.45 9.93
N LEU D 44 31.36 10.14 9.62
CA LEU D 44 30.40 11.10 9.06
C LEU D 44 29.21 11.14 10.00
N ASN D 45 29.28 12.01 11.01
CA ASN D 45 28.26 12.09 12.06
C ASN D 45 27.15 13.00 11.59
N VAL D 46 26.10 12.40 11.01
CA VAL D 46 24.95 13.17 10.51
C VAL D 46 23.94 13.25 11.66
N SER D 47 24.12 14.26 12.51
CA SER D 47 23.20 14.56 13.61
C SER D 47 23.04 13.36 14.55
N GLY D 48 24.14 12.98 15.17
CA GLY D 48 24.10 11.97 16.22
C GLY D 48 24.49 10.57 15.79
N THR D 49 24.00 10.15 14.63
CA THR D 49 24.26 8.79 14.13
C THR D 49 25.54 8.82 13.30
N ARG D 50 26.63 8.33 13.88
CA ARG D 50 27.91 8.34 13.17
C ARG D 50 27.91 7.31 12.05
N PHE D 51 28.42 7.72 10.90
CA PHE D 51 28.57 6.86 9.74
C PHE D 51 30.04 6.76 9.39
N GLN D 52 30.53 5.54 9.20
CA GLN D 52 31.95 5.28 9.00
C GLN D 52 32.16 4.65 7.63
N THR D 53 32.95 5.31 6.79
CA THR D 53 33.37 4.77 5.50
C THR D 53 34.80 5.19 5.26
N TRP D 54 35.50 4.42 4.42
CA TRP D 54 36.86 4.80 4.03
C TRP D 54 36.83 6.06 3.18
N GLN D 55 37.88 6.87 3.32
CA GLN D 55 37.97 8.11 2.54
C GLN D 55 38.05 7.81 1.05
N ASP D 56 38.67 6.69 0.67
CA ASP D 56 38.75 6.33 -0.74
C ASP D 56 37.38 6.01 -1.32
N THR D 57 36.44 5.56 -0.48
CA THR D 57 35.08 5.29 -0.95
C THR D 57 34.41 6.58 -1.41
N LEU D 58 34.58 7.66 -0.66
CA LEU D 58 33.93 8.91 -1.03
C LEU D 58 34.62 9.59 -2.21
N GLU D 59 35.95 9.45 -2.31
CA GLU D 59 36.71 10.16 -3.33
C GLU D 59 36.49 9.61 -4.74
N ARG D 60 35.81 8.48 -4.89
CA ARG D 60 35.62 7.90 -6.20
C ARG D 60 34.56 8.63 -7.02
N TYR D 61 33.83 9.57 -6.42
CA TYR D 61 32.88 10.42 -7.12
C TYR D 61 33.20 11.87 -6.77
N PRO D 62 34.25 12.44 -7.38
CA PRO D 62 34.74 13.78 -7.01
C PRO D 62 33.98 14.93 -7.68
N ASP D 63 32.66 14.85 -7.66
CA ASP D 63 31.83 15.94 -8.14
C ASP D 63 30.60 16.18 -7.26
N THR D 64 30.57 15.62 -6.06
CA THR D 64 29.48 15.79 -5.11
C THR D 64 30.02 16.42 -3.83
N LEU D 65 29.17 16.52 -2.81
CA LEU D 65 29.58 17.14 -1.57
C LEU D 65 30.54 16.24 -0.78
N LEU D 66 30.23 14.94 -0.71
CA LEU D 66 31.04 14.04 0.11
C LEU D 66 32.43 13.83 -0.48
N GLY D 67 32.50 13.56 -1.79
CA GLY D 67 33.81 13.51 -2.41
C GLY D 67 34.18 14.84 -3.05
N SER D 68 34.88 15.68 -2.29
CA SER D 68 35.26 17.02 -2.72
C SER D 68 36.06 17.73 -1.64
N SER D 69 36.52 18.94 -1.96
CA SER D 69 36.99 19.85 -0.92
C SER D 69 35.85 20.57 -0.23
N GLU D 70 34.61 20.32 -0.65
CA GLU D 70 33.45 20.99 -0.07
C GLU D 70 33.15 20.50 1.34
N ARG D 71 33.43 19.22 1.62
CA ARG D 71 33.16 18.70 2.95
C ARG D 71 34.11 19.25 4.01
N ASP D 72 35.17 19.97 3.61
CA ASP D 72 36.02 20.64 4.58
C ASP D 72 35.27 21.75 5.30
N PHE D 73 34.14 22.21 4.74
CA PHE D 73 33.31 23.18 5.44
C PHE D 73 32.58 22.53 6.62
N PHE D 74 32.26 21.25 6.51
CA PHE D 74 31.51 20.53 7.53
C PHE D 74 32.39 19.74 8.48
N TYR D 75 33.71 19.86 8.34
CA TYR D 75 34.63 19.16 9.23
C TYR D 75 34.63 19.82 10.60
N HIS D 76 34.47 19.02 11.65
CA HIS D 76 34.53 19.51 13.01
C HIS D 76 35.88 19.12 13.59
N PRO D 77 36.81 20.06 13.79
CA PRO D 77 38.21 19.65 14.01
C PRO D 77 38.48 19.01 15.35
N GLU D 78 37.95 19.55 16.45
CA GLU D 78 38.28 19.02 17.77
C GLU D 78 37.73 17.62 17.99
N THR D 79 36.65 17.24 17.32
CA THR D 79 36.12 15.89 17.41
C THR D 79 36.64 14.96 16.32
N GLN D 80 37.43 15.48 15.37
CA GLN D 80 38.01 14.69 14.29
C GLN D 80 36.94 13.92 13.52
N GLN D 81 35.85 14.62 13.19
CA GLN D 81 34.75 14.00 12.46
C GLN D 81 34.02 15.06 11.66
N TYR D 82 33.33 14.61 10.62
CA TYR D 82 32.49 15.48 9.80
C TYR D 82 31.07 15.45 10.36
N PHE D 83 30.57 16.60 10.78
CA PHE D 83 29.23 16.71 11.37
C PHE D 83 28.31 17.39 10.37
N PHE D 84 27.32 16.64 9.87
CA PHE D 84 26.25 17.18 9.05
C PHE D 84 24.97 17.23 9.87
N ASP D 85 24.16 18.26 9.62
CA ASP D 85 22.90 18.45 10.34
C ASP D 85 21.70 17.95 9.54
N ARG D 86 21.88 16.89 8.78
CA ARG D 86 20.86 16.40 7.86
C ARG D 86 20.12 15.20 8.43
N ASP D 87 19.25 14.60 7.62
CA ASP D 87 18.46 13.46 8.06
C ASP D 87 19.35 12.24 8.24
N PRO D 88 19.27 11.54 9.38
CA PRO D 88 20.13 10.37 9.58
C PRO D 88 19.70 9.15 8.78
N ASP D 89 18.41 8.98 8.51
CA ASP D 89 17.92 7.81 7.78
C ASP D 89 17.78 8.04 6.29
N ILE D 90 18.10 9.23 5.80
CA ILE D 90 18.22 9.47 4.37
C ILE D 90 19.67 9.56 3.92
N PHE D 91 20.59 9.95 4.81
CA PHE D 91 22.01 9.89 4.48
C PHE D 91 22.50 8.46 4.34
N ARG D 92 21.73 7.48 4.82
CA ARG D 92 22.08 6.09 4.64
C ARG D 92 22.12 5.72 3.16
N HIS D 93 21.16 6.22 2.39
CA HIS D 93 21.13 5.96 0.96
C HIS D 93 22.16 6.79 0.20
N ILE D 94 22.70 7.85 0.81
CA ILE D 94 23.77 8.61 0.18
C ILE D 94 25.06 7.78 0.18
N LEU D 95 25.37 7.11 1.29
CA LEU D 95 26.58 6.30 1.35
C LEU D 95 26.47 5.07 0.46
N ASN D 96 25.28 4.49 0.35
CA ASN D 96 25.11 3.34 -0.53
C ASN D 96 25.38 3.70 -1.98
N PHE D 97 25.26 4.97 -2.33
CA PHE D 97 25.65 5.41 -3.68
C PHE D 97 27.15 5.35 -3.86
N TYR D 98 27.91 5.80 -2.87
CA TYR D 98 29.37 5.84 -3.00
C TYR D 98 30.00 4.46 -3.01
N ARG D 99 29.28 3.43 -2.59
CA ARG D 99 29.79 2.06 -2.66
C ARG D 99 29.48 1.41 -4.01
N THR D 100 28.21 1.35 -4.37
CA THR D 100 27.78 0.73 -5.62
C THR D 100 27.80 1.72 -6.79
N GLY D 101 27.03 2.79 -6.68
CA GLY D 101 26.93 3.76 -7.75
C GLY D 101 25.50 4.08 -8.14
N LYS D 102 24.54 3.36 -7.56
CA LYS D 102 23.13 3.54 -7.86
C LYS D 102 22.38 3.95 -6.60
N LEU D 103 21.60 5.01 -6.70
CA LEU D 103 20.77 5.46 -5.60
C LEU D 103 19.54 4.58 -5.45
N HIS D 104 19.08 4.43 -4.22
CA HIS D 104 17.88 3.67 -3.91
C HIS D 104 16.85 4.59 -3.27
N TYR D 105 15.61 4.52 -3.74
CA TYR D 105 14.55 5.38 -3.22
C TYR D 105 13.80 4.67 -2.10
N PRO D 106 13.67 5.27 -0.92
CA PRO D 106 12.90 4.63 0.16
C PRO D 106 11.41 4.81 -0.06
N ARG D 107 10.68 3.69 -0.05
CA ARG D 107 9.24 3.74 -0.24
C ARG D 107 8.51 4.41 0.92
N HIS D 108 9.14 4.51 2.08
CA HIS D 108 8.50 5.05 3.28
C HIS D 108 8.86 6.50 3.56
N GLU D 109 9.63 7.15 2.69
CA GLU D 109 10.11 8.49 2.94
C GLU D 109 9.47 9.49 1.99
N CYS D 110 9.17 10.68 2.50
CA CYS D 110 8.59 11.74 1.67
C CYS D 110 9.57 12.15 0.58
N ILE D 111 9.05 12.34 -0.63
CA ILE D 111 9.90 12.68 -1.76
C ILE D 111 10.36 14.13 -1.73
N SER D 112 9.67 15.01 -0.98
CA SER D 112 10.15 16.38 -0.85
C SER D 112 11.34 16.47 0.08
N ALA D 113 11.50 15.52 0.99
CA ALA D 113 12.69 15.46 1.83
C ALA D 113 13.80 14.64 1.21
N TYR D 114 13.46 13.63 0.40
CA TYR D 114 14.48 12.87 -0.31
C TYR D 114 15.22 13.75 -1.31
N ASP D 115 14.47 14.58 -2.05
CA ASP D 115 15.11 15.49 -3.01
C ASP D 115 15.93 16.56 -2.31
N GLU D 116 15.55 16.92 -1.08
CA GLU D 116 16.32 17.92 -0.33
C GLU D 116 17.72 17.40 0.00
N GLU D 117 17.82 16.12 0.37
CA GLU D 117 19.13 15.55 0.70
C GLU D 117 19.97 15.33 -0.56
N LEU D 118 19.33 14.95 -1.66
CA LEU D 118 20.06 14.78 -2.91
C LEU D 118 20.65 16.10 -3.38
N ALA D 119 19.86 17.18 -3.30
CA ALA D 119 20.37 18.49 -3.67
C ALA D 119 21.48 18.95 -2.74
N PHE D 120 21.33 18.66 -1.45
CA PHE D 120 22.34 19.08 -0.48
C PHE D 120 23.69 18.43 -0.75
N PHE D 121 23.69 17.11 -0.94
CA PHE D 121 24.92 16.34 -1.04
C PHE D 121 25.48 16.30 -2.47
N GLY D 122 24.83 16.95 -3.42
CA GLY D 122 25.33 17.04 -4.77
C GLY D 122 24.83 15.97 -5.72
N LEU D 123 24.11 14.97 -5.23
CA LEU D 123 23.58 13.94 -6.12
C LEU D 123 22.43 14.52 -6.94
N ILE D 124 22.09 13.81 -8.02
CA ILE D 124 21.04 14.24 -8.93
C ILE D 124 20.03 13.12 -9.10
N PRO D 125 18.76 13.42 -9.40
CA PRO D 125 17.77 12.36 -9.62
C PRO D 125 18.00 11.56 -10.89
N GLU D 126 18.97 11.92 -11.72
CA GLU D 126 19.24 11.19 -12.96
C GLU D 126 20.10 9.96 -12.74
N ILE D 127 20.74 9.82 -11.58
CA ILE D 127 21.65 8.70 -11.32
C ILE D 127 21.03 7.65 -10.42
N ILE D 128 19.75 7.79 -10.05
CA ILE D 128 19.09 6.80 -9.22
C ILE D 128 18.93 5.50 -10.01
N GLY D 129 19.05 4.37 -9.31
CA GLY D 129 19.09 3.09 -10.00
C GLY D 129 17.80 2.77 -10.72
N ASP D 130 17.94 1.97 -11.78
CA ASP D 130 16.79 1.54 -12.57
C ASP D 130 15.84 0.64 -11.78
N CYS D 131 16.32 0.02 -10.71
CA CYS D 131 15.46 -0.86 -9.92
C CYS D 131 14.28 -0.09 -9.32
N CYS D 132 14.56 1.10 -8.78
CA CYS D 132 13.53 1.99 -8.26
C CYS D 132 13.73 3.37 -8.88
N TYR D 133 13.18 3.55 -10.08
CA TYR D 133 13.14 4.84 -10.74
C TYR D 133 11.73 5.05 -11.27
N GLU D 134 11.05 3.95 -11.58
CA GLU D 134 9.66 4.02 -12.00
C GLU D 134 8.78 4.55 -10.87
N GLU D 135 9.01 4.07 -9.65
CA GLU D 135 8.28 4.59 -8.50
C GLU D 135 8.70 6.01 -8.15
N TYR D 136 9.98 6.33 -8.28
CA TYR D 136 10.47 7.66 -7.90
C TYR D 136 9.79 8.75 -8.73
N LYS D 137 9.66 8.52 -10.04
CA LYS D 137 8.99 9.50 -10.88
C LYS D 137 7.50 9.56 -10.57
N ASP D 138 6.87 8.42 -10.31
CA ASP D 138 5.45 8.41 -9.97
C ASP D 138 5.17 9.18 -8.69
N ARG D 139 6.02 9.01 -7.67
CA ARG D 139 5.87 9.81 -6.46
C ARG D 139 6.31 11.25 -6.69
N ARG D 140 7.19 11.48 -7.66
CA ARG D 140 7.55 12.85 -8.01
C ARG D 140 6.42 13.55 -8.77
N ARG D 141 5.67 12.80 -9.59
CA ARG D 141 4.56 13.38 -10.31
C ARG D 141 3.47 13.87 -9.37
N GLU D 142 3.15 13.08 -8.35
CA GLU D 142 2.11 13.48 -7.39
C GLU D 142 2.52 14.74 -6.64
N ASN D 143 3.79 14.84 -6.25
CA ASN D 143 4.28 16.06 -5.62
C ASN D 143 4.25 17.23 -6.59
N ALA D 144 4.61 16.99 -7.85
CA ALA D 144 4.58 18.04 -8.85
C ALA D 144 3.15 18.53 -9.09
N GLU D 145 2.19 17.61 -9.16
CA GLU D 145 0.80 17.99 -9.31
C GLU D 145 0.30 18.75 -8.09
N ARG D 146 0.81 18.43 -6.90
CA ARG D 146 0.44 19.17 -5.70
C ARG D 146 0.89 20.62 -5.79
N LEU D 147 2.09 20.85 -6.33
CA LEU D 147 2.57 22.21 -6.52
C LEU D 147 1.72 22.96 -7.54
N GLN D 148 1.38 22.30 -8.65
CA GLN D 148 0.62 22.97 -9.71
C GLN D 148 -0.78 23.35 -9.25
N ASP D 149 -1.45 22.44 -8.53
CA ASP D 149 -2.80 22.75 -8.03
C ASP D 149 -2.76 23.87 -7.00
N ASP D 150 -1.75 23.87 -6.13
CA ASP D 150 -1.62 24.90 -5.11
C ASP D 150 -1.24 26.26 -5.70
N ALA D 151 -0.62 26.28 -6.87
CA ALA D 151 -0.15 27.51 -7.51
C ALA D 151 -0.91 27.77 -8.81
N ASP D 152 -2.23 27.57 -8.80
CA ASP D 152 -3.07 27.81 -9.96
C ASP D 152 -3.52 29.26 -10.08
N THR D 153 -3.19 30.10 -9.10
CA THR D 153 -3.52 31.53 -9.11
C THR D 153 -5.04 31.74 -9.22
N ASP D 154 -5.73 31.29 -8.17
CA ASP D 154 -7.17 31.44 -8.06
C ASP D 154 -7.57 32.72 -7.33
N THR D 155 -6.61 33.59 -7.00
CA THR D 155 -6.92 34.81 -6.29
C THR D 155 -7.83 35.71 -7.13
N ALA D 156 -8.88 36.24 -6.51
CA ALA D 156 -9.83 37.11 -7.20
C ALA D 156 -10.48 38.07 -6.22
N PRO D 162 -9.45 45.74 -8.89
CA PRO D 162 -10.33 46.71 -9.56
C PRO D 162 -9.63 48.03 -9.83
N THR D 163 -8.32 47.99 -10.01
CA THR D 163 -7.55 49.21 -10.32
C THR D 163 -7.78 49.69 -11.74
N MET D 164 -8.44 48.90 -12.59
CA MET D 164 -8.69 49.27 -13.98
C MET D 164 -10.19 49.18 -14.27
N THR D 165 -10.56 49.25 -15.55
CA THR D 165 -11.95 49.41 -15.95
C THR D 165 -12.82 48.22 -15.56
N ALA D 166 -14.12 48.31 -15.86
CA ALA D 166 -15.08 47.31 -15.42
C ALA D 166 -14.90 45.96 -16.10
N ARG D 167 -14.05 45.87 -17.13
CA ARG D 167 -13.89 44.62 -17.86
C ARG D 167 -13.46 43.48 -16.95
N GLN D 168 -12.39 43.69 -16.17
CA GLN D 168 -11.89 42.62 -15.30
C GLN D 168 -12.88 42.29 -14.19
N ARG D 169 -13.50 43.31 -13.60
CA ARG D 169 -14.42 43.09 -12.49
C ARG D 169 -15.77 42.55 -12.92
N VAL D 170 -16.06 42.52 -14.23
CA VAL D 170 -17.28 41.88 -14.70
C VAL D 170 -16.92 40.51 -15.25
N TRP D 171 -15.66 40.33 -15.68
CA TRP D 171 -15.22 39.01 -16.11
C TRP D 171 -15.04 38.07 -14.92
N ARG D 172 -14.57 38.61 -13.79
CA ARG D 172 -14.50 37.79 -12.58
C ARG D 172 -15.88 37.36 -12.12
N ALA D 173 -16.91 38.16 -12.41
CA ALA D 173 -18.28 37.74 -12.14
C ALA D 173 -18.74 36.70 -13.15
N PHE D 174 -18.40 36.89 -14.43
CA PHE D 174 -18.77 35.91 -15.44
C PHE D 174 -18.08 34.56 -15.20
N GLU D 175 -16.79 34.59 -14.88
CA GLU D 175 -16.06 33.35 -14.64
C GLU D 175 -16.53 32.65 -13.37
N ASN D 176 -16.81 33.43 -12.32
CA ASN D 176 -17.24 32.90 -11.02
C ASN D 176 -18.60 33.50 -10.68
N PRO D 177 -19.69 32.86 -11.08
CA PRO D 177 -21.02 33.40 -10.79
C PRO D 177 -21.48 33.19 -9.35
N HIS D 178 -20.75 32.39 -8.56
CA HIS D 178 -21.15 32.13 -7.19
C HIS D 178 -20.84 33.29 -6.25
N THR D 179 -19.98 34.21 -6.65
CA THR D 179 -19.64 35.38 -5.84
C THR D 179 -20.54 36.56 -6.19
N SER D 180 -20.36 37.65 -5.45
CA SER D 180 -21.10 38.88 -5.65
C SER D 180 -22.61 38.65 -5.56
N THR D 181 -23.41 39.57 -6.10
CA THR D 181 -24.86 39.43 -6.10
C THR D 181 -25.42 39.55 -7.51
N MET D 182 -24.74 40.31 -8.37
CA MET D 182 -25.18 40.41 -9.76
C MET D 182 -24.82 39.17 -10.55
N ALA D 183 -23.66 38.56 -10.25
CA ALA D 183 -23.24 37.37 -10.96
C ALA D 183 -24.21 36.21 -10.74
N LEU D 184 -24.68 36.03 -9.49
CA LEU D 184 -25.63 34.97 -9.21
C LEU D 184 -26.96 35.22 -9.92
N VAL D 185 -27.41 36.48 -9.95
CA VAL D 185 -28.65 36.80 -10.64
C VAL D 185 -28.52 36.51 -12.14
N PHE D 186 -27.39 36.91 -12.73
CA PHE D 186 -27.16 36.63 -14.15
C PHE D 186 -27.12 35.13 -14.43
N TYR D 187 -26.45 34.38 -13.54
CA TYR D 187 -26.40 32.92 -13.70
C TYR D 187 -27.79 32.31 -13.65
N TYR D 188 -28.59 32.71 -12.67
CA TYR D 188 -29.94 32.17 -12.54
C TYR D 188 -30.81 32.54 -13.73
N VAL D 189 -30.70 33.78 -14.21
CA VAL D 189 -31.55 34.21 -15.33
C VAL D 189 -31.14 33.49 -16.61
N THR D 190 -29.84 33.28 -16.82
CA THR D 190 -29.39 32.53 -17.99
C THR D 190 -29.87 31.08 -17.93
N GLY D 191 -29.76 30.45 -16.77
CA GLY D 191 -30.27 29.09 -16.63
C GLY D 191 -31.77 29.00 -16.88
N PHE D 192 -32.52 29.96 -16.33
CA PHE D 192 -33.97 29.97 -16.53
C PHE D 192 -34.33 30.19 -17.99
N PHE D 193 -33.59 31.07 -18.68
CA PHE D 193 -33.86 31.29 -20.09
C PHE D 193 -33.55 30.06 -20.93
N ILE D 194 -32.44 29.36 -20.64
CA ILE D 194 -32.14 28.13 -21.37
C ILE D 194 -33.24 27.10 -21.14
N ALA D 195 -33.65 26.94 -19.87
CA ALA D 195 -34.68 25.95 -19.55
C ALA D 195 -36.00 26.28 -20.23
N VAL D 196 -36.42 27.55 -20.20
CA VAL D 196 -37.70 27.90 -20.81
C VAL D 196 -37.62 27.76 -22.32
N SER D 197 -36.45 28.06 -22.92
CA SER D 197 -36.32 27.89 -24.37
C SER D 197 -36.46 26.42 -24.76
N VAL D 198 -35.76 25.52 -24.06
CA VAL D 198 -35.84 24.11 -24.44
C VAL D 198 -37.23 23.54 -24.15
N ILE D 199 -37.85 23.97 -23.05
CA ILE D 199 -39.20 23.51 -22.74
C ILE D 199 -40.20 24.02 -23.78
N ALA D 200 -40.01 25.27 -24.23
CA ALA D 200 -40.88 25.81 -25.27
C ALA D 200 -40.72 25.05 -26.58
N ASN D 201 -39.48 24.68 -26.92
CA ASN D 201 -39.28 23.85 -28.11
C ASN D 201 -39.99 22.51 -27.98
N VAL D 202 -39.86 21.87 -26.80
CA VAL D 202 -40.52 20.59 -26.58
C VAL D 202 -42.03 20.73 -26.70
N VAL D 203 -42.60 21.80 -26.13
CA VAL D 203 -44.05 21.99 -26.17
C VAL D 203 -44.52 22.31 -27.58
N GLU D 204 -43.79 23.15 -28.31
CA GLU D 204 -44.20 23.47 -29.67
C GLU D 204 -44.04 22.29 -30.62
N THR D 205 -43.22 21.31 -30.26
CA THR D 205 -43.14 20.09 -31.07
C THR D 205 -44.37 19.22 -30.86
N VAL D 206 -44.85 19.10 -29.63
CA VAL D 206 -45.98 18.22 -29.32
C VAL D 206 -47.28 18.87 -29.75
N PRO D 207 -48.22 18.10 -30.30
CA PRO D 207 -49.54 18.67 -30.62
C PRO D 207 -50.24 19.20 -29.37
N CYS D 208 -50.99 20.28 -29.56
CA CYS D 208 -51.75 20.90 -28.48
C CYS D 208 -53.24 20.60 -28.53
N GLY D 209 -53.82 20.46 -29.72
CA GLY D 209 -55.24 20.19 -29.86
C GLY D 209 -55.52 18.92 -30.65
N HIS D 214 -62.36 18.64 -35.93
CA HIS D 214 -61.28 19.45 -36.49
C HIS D 214 -60.84 18.92 -37.85
N ILE D 215 -60.24 19.80 -38.66
CA ILE D 215 -59.79 19.38 -39.99
C ILE D 215 -58.65 18.37 -39.87
N LYS D 216 -57.75 18.57 -38.91
CA LYS D 216 -56.62 17.66 -38.71
C LYS D 216 -56.10 17.85 -37.30
N GLU D 217 -55.32 16.88 -36.84
CA GLU D 217 -54.68 16.96 -35.52
C GLU D 217 -53.51 17.94 -35.63
N LEU D 218 -53.85 19.22 -35.65
CA LEU D 218 -52.85 20.26 -35.87
C LEU D 218 -51.94 20.37 -34.65
N PRO D 219 -50.61 20.39 -34.85
CA PRO D 219 -49.71 20.57 -33.71
C PRO D 219 -49.72 21.99 -33.17
N CYS D 220 -48.88 22.27 -32.19
CA CYS D 220 -48.79 23.59 -31.57
C CYS D 220 -47.91 24.55 -32.37
N GLY D 221 -47.66 24.27 -33.65
CA GLY D 221 -46.78 25.10 -34.44
C GLY D 221 -47.44 25.78 -35.63
N GLU D 222 -48.72 25.51 -35.87
CA GLU D 222 -49.44 26.09 -36.99
C GLU D 222 -50.49 27.10 -36.54
N ARG D 223 -51.44 26.70 -35.72
CA ARG D 223 -52.37 27.67 -35.13
C ARG D 223 -51.68 28.49 -34.05
N TYR D 224 -50.91 27.83 -33.20
CA TYR D 224 -50.05 28.49 -32.21
C TYR D 224 -48.71 28.84 -32.84
N ALA D 225 -47.72 29.12 -32.00
CA ALA D 225 -46.35 29.46 -32.36
C ALA D 225 -46.21 30.88 -32.90
N VAL D 226 -47.14 31.76 -32.57
CA VAL D 226 -46.95 33.19 -32.79
C VAL D 226 -46.14 33.81 -31.66
N ALA D 227 -46.50 33.51 -30.41
CA ALA D 227 -45.70 33.91 -29.27
C ALA D 227 -44.48 33.02 -29.07
N PHE D 228 -44.51 31.79 -29.59
CA PHE D 228 -43.34 30.92 -29.49
C PHE D 228 -42.16 31.51 -30.25
N PHE D 229 -42.42 32.09 -31.42
CA PHE D 229 -41.36 32.76 -32.17
C PHE D 229 -40.81 33.94 -31.38
N CYS D 230 -41.68 34.68 -30.69
CA CYS D 230 -41.22 35.79 -29.86
C CYS D 230 -40.34 35.29 -28.72
N LEU D 231 -40.74 34.19 -28.07
CA LEU D 231 -39.91 33.64 -27.00
C LEU D 231 -38.56 33.15 -27.54
N ASP D 232 -38.57 32.50 -28.71
CA ASP D 232 -37.32 32.02 -29.29
C ASP D 232 -36.39 33.17 -29.64
N THR D 233 -36.93 34.23 -30.25
CA THR D 233 -36.07 35.35 -30.62
C THR D 233 -35.61 36.12 -29.39
N ALA D 234 -36.42 36.18 -28.33
CA ALA D 234 -35.96 36.79 -27.08
C ALA D 234 -34.81 36.00 -26.47
N CYS D 235 -34.93 34.67 -26.46
CA CYS D 235 -33.85 33.84 -25.92
C CYS D 235 -32.58 33.98 -26.76
N VAL D 236 -32.73 34.02 -28.09
CA VAL D 236 -31.56 34.19 -28.96
C VAL D 236 -30.91 35.54 -28.73
N MET D 237 -31.73 36.59 -28.57
CA MET D 237 -31.18 37.92 -28.30
C MET D 237 -30.45 37.94 -26.96
N ILE D 238 -31.00 37.27 -25.95
CA ILE D 238 -30.33 37.21 -24.65
C ILE D 238 -28.99 36.49 -24.78
N PHE D 239 -28.98 35.38 -25.51
CA PHE D 239 -27.73 34.65 -25.71
C PHE D 239 -26.70 35.50 -26.43
N THR D 240 -27.12 36.22 -27.47
CA THR D 240 -26.18 37.06 -28.21
C THR D 240 -25.65 38.19 -27.34
N VAL D 241 -26.51 38.84 -26.55
CA VAL D 241 -26.03 39.96 -25.75
C VAL D 241 -25.11 39.47 -24.63
N GLU D 242 -25.40 38.31 -24.03
CA GLU D 242 -24.48 37.81 -23.01
C GLU D 242 -23.16 37.37 -23.62
N TYR D 243 -23.19 36.82 -24.84
CA TYR D 243 -21.93 36.52 -25.52
C TYR D 243 -21.14 37.79 -25.81
N LEU D 244 -21.82 38.86 -26.21
CA LEU D 244 -21.13 40.12 -26.45
C LEU D 244 -20.54 40.69 -25.16
N LEU D 245 -21.27 40.60 -24.05
CA LEU D 245 -20.74 41.06 -22.77
C LEU D 245 -19.54 40.22 -22.35
N ARG D 246 -19.58 38.91 -22.59
CA ARG D 246 -18.41 38.07 -22.31
C ARG D 246 -17.23 38.48 -23.18
N LEU D 247 -17.48 38.80 -24.46
CA LEU D 247 -16.42 39.25 -25.35
C LEU D 247 -15.81 40.56 -24.87
N ALA D 248 -16.64 41.46 -24.36
CA ALA D 248 -16.19 42.76 -23.89
C ALA D 248 -15.41 42.69 -22.58
N ALA D 249 -15.14 41.48 -22.08
CA ALA D 249 -14.38 41.33 -20.84
C ALA D 249 -13.35 40.21 -20.92
N ALA D 250 -13.00 39.76 -22.12
CA ALA D 250 -12.07 38.66 -22.28
C ALA D 250 -10.71 39.20 -22.72
N PRO D 251 -9.68 39.14 -21.88
CA PRO D 251 -8.34 39.55 -22.34
C PRO D 251 -7.80 38.70 -23.47
N SER D 252 -8.27 37.47 -23.61
CA SER D 252 -7.86 36.54 -24.66
C SER D 252 -8.91 36.43 -25.75
N ARG D 253 -9.51 37.57 -26.14
CA ARG D 253 -10.66 37.61 -27.05
C ARG D 253 -10.56 36.61 -28.19
N TYR D 254 -9.46 36.62 -28.93
CA TYR D 254 -9.29 35.66 -30.02
C TYR D 254 -9.17 34.24 -29.47
N ARG D 255 -8.34 34.05 -28.44
CA ARG D 255 -8.21 32.73 -27.83
C ARG D 255 -9.51 32.31 -27.13
N PHE D 256 -10.21 33.28 -26.54
CA PHE D 256 -11.50 32.99 -25.92
C PHE D 256 -12.50 32.50 -26.96
N VAL D 257 -12.52 33.13 -28.14
CA VAL D 257 -13.37 32.65 -29.23
C VAL D 257 -12.95 31.26 -29.66
N ARG D 258 -11.64 31.02 -29.74
CA ARG D 258 -11.13 29.70 -30.09
C ARG D 258 -11.44 28.64 -29.05
N SER D 259 -11.85 29.04 -27.85
CA SER D 259 -12.17 28.08 -26.80
C SER D 259 -13.45 27.33 -27.13
N VAL D 260 -13.62 26.18 -26.47
CA VAL D 260 -14.75 25.30 -26.78
C VAL D 260 -16.07 25.95 -26.35
N MET D 261 -16.08 26.66 -25.22
CA MET D 261 -17.31 27.25 -24.73
C MET D 261 -17.85 28.31 -25.70
N SER D 262 -16.96 29.16 -26.21
CA SER D 262 -17.39 30.17 -27.17
C SER D 262 -17.87 29.54 -28.47
N ILE D 263 -17.23 28.44 -28.88
CA ILE D 263 -17.67 27.72 -30.07
C ILE D 263 -19.08 27.17 -29.86
N ILE D 264 -19.34 26.59 -28.69
CA ILE D 264 -20.67 26.09 -28.38
C ILE D 264 -21.69 27.21 -28.38
N ASP D 265 -21.32 28.36 -27.80
CA ASP D 265 -22.23 29.51 -27.79
C ASP D 265 -22.55 29.98 -29.20
N VAL D 266 -21.53 30.05 -30.06
CA VAL D 266 -21.73 30.47 -31.44
C VAL D 266 -22.64 29.49 -32.17
N VAL D 267 -22.41 28.19 -31.96
CA VAL D 267 -23.25 27.18 -32.61
C VAL D 267 -24.69 27.28 -32.11
N ALA D 268 -24.87 27.62 -30.83
CA ALA D 268 -26.21 27.75 -30.28
C ALA D 268 -26.93 28.98 -30.82
N ILE D 269 -26.20 30.08 -31.03
CA ILE D 269 -26.84 31.31 -31.48
C ILE D 269 -26.98 31.41 -32.99
N LEU D 270 -26.22 30.63 -33.76
CA LEU D 270 -26.29 30.70 -35.22
C LEU D 270 -27.66 30.36 -35.80
N PRO D 271 -28.35 29.27 -35.38
CA PRO D 271 -29.50 28.81 -36.18
C PRO D 271 -30.60 29.84 -36.38
N TYR D 272 -30.87 30.69 -35.40
CA TYR D 272 -31.92 31.69 -35.58
C TYR D 272 -31.57 32.67 -36.69
N TYR D 273 -30.35 33.21 -36.66
CA TYR D 273 -29.93 34.14 -37.69
C TYR D 273 -29.83 33.46 -39.05
N ILE D 274 -29.36 32.22 -39.09
CA ILE D 274 -29.29 31.48 -40.35
C ILE D 274 -30.68 31.29 -40.93
N GLY D 275 -31.65 30.93 -40.09
CA GLY D 275 -33.02 30.77 -40.57
C GLY D 275 -33.62 32.07 -41.04
N LEU D 276 -33.36 33.17 -40.33
CA LEU D 276 -33.86 34.47 -40.76
C LEU D 276 -33.27 34.86 -42.11
N VAL D 277 -31.97 34.63 -42.30
CA VAL D 277 -31.33 34.94 -43.58
C VAL D 277 -31.91 34.07 -44.68
N MET D 278 -32.12 32.77 -44.40
CA MET D 278 -32.65 31.87 -45.42
C MET D 278 -34.08 32.26 -45.80
N THR D 279 -34.89 32.66 -44.82
CA THR D 279 -36.29 33.01 -45.09
C THR D 279 -36.45 34.42 -45.64
N ASP D 280 -35.42 35.27 -45.55
CA ASP D 280 -35.52 36.59 -46.18
C ASP D 280 -35.65 36.47 -47.70
N ASN D 281 -34.89 35.56 -48.31
CA ASN D 281 -34.93 35.32 -49.74
C ASN D 281 -35.33 33.87 -49.99
N GLU D 282 -36.52 33.67 -50.56
CA GLU D 282 -37.08 32.36 -50.83
C GLU D 282 -37.25 31.54 -49.56
N ASP D 283 -37.75 30.31 -49.69
CA ASP D 283 -37.97 29.44 -48.52
C ASP D 283 -38.15 28.02 -48.99
N VAL D 284 -37.33 27.10 -48.47
CA VAL D 284 -37.46 25.68 -48.72
C VAL D 284 -37.30 24.94 -47.41
N SER D 285 -37.77 23.69 -47.39
CA SER D 285 -37.76 22.86 -46.18
C SER D 285 -36.51 22.02 -46.05
N GLY D 286 -35.54 22.18 -46.96
CA GLY D 286 -34.34 21.35 -46.89
C GLY D 286 -33.52 21.60 -45.64
N ALA D 287 -33.31 22.88 -45.30
CA ALA D 287 -32.55 23.24 -44.12
C ALA D 287 -33.42 23.59 -42.93
N PHE D 288 -34.74 23.47 -43.06
CA PHE D 288 -35.63 23.77 -41.94
C PHE D 288 -35.45 22.75 -40.82
N VAL D 289 -35.50 21.46 -41.15
CA VAL D 289 -35.35 20.42 -40.14
C VAL D 289 -33.94 20.43 -39.55
N THR D 290 -32.94 20.72 -40.39
CA THR D 290 -31.57 20.77 -39.87
C THR D 290 -31.41 21.89 -38.84
N LEU D 291 -31.96 23.07 -39.13
CA LEU D 291 -31.88 24.18 -38.18
C LEU D 291 -32.69 23.89 -36.93
N ARG D 292 -33.86 23.25 -37.08
CA ARG D 292 -34.65 22.88 -35.91
C ARG D 292 -33.89 21.89 -35.03
N VAL D 293 -33.17 20.95 -35.65
CA VAL D 293 -32.34 20.02 -34.89
C VAL D 293 -31.22 20.78 -34.18
N PHE D 294 -30.56 21.70 -34.89
CA PHE D 294 -29.47 22.46 -34.30
C PHE D 294 -29.95 23.38 -33.19
N ARG D 295 -31.24 23.72 -33.16
CA ARG D 295 -31.76 24.62 -32.13
C ARG D 295 -31.60 24.05 -30.73
N VAL D 296 -31.60 22.71 -30.60
CA VAL D 296 -31.51 22.10 -29.28
C VAL D 296 -30.09 22.14 -28.72
N PHE D 297 -29.13 22.67 -29.48
CA PHE D 297 -27.74 22.71 -29.03
C PHE D 297 -27.52 23.69 -27.89
N ARG D 298 -28.54 24.44 -27.48
CA ARG D 298 -28.43 25.25 -26.27
C ARG D 298 -28.39 24.41 -25.01
N ILE D 299 -28.65 23.11 -25.11
CA ILE D 299 -28.49 22.21 -23.97
C ILE D 299 -27.04 22.21 -23.50
N PHE D 300 -26.09 22.15 -24.44
CA PHE D 300 -24.68 22.06 -24.08
C PHE D 300 -24.15 23.34 -23.43
N LYS D 301 -24.93 24.43 -23.45
CA LYS D 301 -24.52 25.64 -22.74
C LYS D 301 -24.61 25.48 -21.23
N PHE D 302 -25.21 24.39 -20.73
CA PHE D 302 -25.25 24.10 -19.30
C PHE D 302 -23.90 23.67 -18.75
N SER D 303 -22.85 23.60 -19.59
CA SER D 303 -21.54 23.18 -19.11
C SER D 303 -21.00 24.15 -18.07
N ARG D 304 -21.19 25.45 -18.29
CA ARG D 304 -20.76 26.43 -17.30
C ARG D 304 -21.54 26.27 -16.00
N HIS D 305 -22.85 26.00 -16.10
CA HIS D 305 -23.69 25.94 -14.91
C HIS D 305 -23.35 24.75 -14.03
N SER D 306 -23.14 23.58 -14.63
CA SER D 306 -22.93 22.35 -13.88
C SER D 306 -21.50 21.88 -14.06
N GLN D 307 -20.83 21.59 -12.94
CA GLN D 307 -19.47 21.06 -13.00
C GLN D 307 -19.44 19.65 -13.56
N GLY D 308 -20.55 18.92 -13.47
CA GLY D 308 -20.59 17.56 -13.98
C GLY D 308 -20.36 17.48 -15.47
N LEU D 309 -20.96 18.41 -16.22
CA LEU D 309 -20.74 18.44 -17.67
C LEU D 309 -19.29 18.72 -18.00
N ARG D 310 -18.66 19.65 -17.28
CA ARG D 310 -17.24 19.94 -17.52
C ARG D 310 -16.37 18.74 -17.20
N ILE D 311 -16.66 18.04 -16.11
CA ILE D 311 -15.89 16.85 -15.75
C ILE D 311 -16.07 15.76 -16.81
N LEU D 312 -17.31 15.58 -17.29
CA LEU D 312 -17.56 14.59 -18.33
C LEU D 312 -16.81 14.94 -19.61
N GLY D 313 -16.82 16.22 -20.01
CA GLY D 313 -16.07 16.62 -21.18
C GLY D 313 -14.57 16.39 -21.01
N TYR D 314 -14.04 16.71 -19.83
CA TYR D 314 -12.63 16.49 -19.57
C TYR D 314 -12.27 15.01 -19.64
N THR D 315 -13.12 14.14 -19.09
CA THR D 315 -12.80 12.72 -19.08
C THR D 315 -12.99 12.09 -20.47
N LEU D 316 -13.88 12.64 -21.30
CA LEU D 316 -13.97 12.17 -22.67
C LEU D 316 -12.77 12.63 -23.50
N LYS D 317 -12.31 13.87 -23.27
CA LYS D 317 -11.16 14.36 -24.01
C LYS D 317 -9.88 13.67 -23.58
N SER D 318 -9.75 13.31 -22.30
CA SER D 318 -8.52 12.69 -21.81
C SER D 318 -8.29 11.33 -22.46
N CYS D 319 -9.29 10.44 -22.40
CA CYS D 319 -9.17 9.12 -22.99
C CYS D 319 -9.81 9.09 -24.38
N ALA D 320 -9.34 9.98 -25.25
CA ALA D 320 -9.85 10.03 -26.61
C ALA D 320 -9.33 8.85 -27.44
N SER D 321 -8.14 8.35 -27.12
CA SER D 321 -7.60 7.20 -27.84
C SER D 321 -8.45 5.95 -27.59
N GLU D 322 -8.90 5.76 -26.35
CA GLU D 322 -9.72 4.60 -26.03
C GLU D 322 -11.06 4.65 -26.75
N LEU D 323 -11.64 5.85 -26.91
CA LEU D 323 -12.87 5.98 -27.67
C LEU D 323 -12.63 5.65 -29.15
N GLY D 324 -11.47 6.02 -29.68
CA GLY D 324 -11.14 5.65 -31.04
C GLY D 324 -11.04 4.15 -31.23
N PHE D 325 -10.42 3.46 -30.27
CA PHE D 325 -10.37 2.01 -30.32
C PHE D 325 -11.76 1.41 -30.18
N LEU D 326 -12.59 2.00 -29.33
CA LEU D 326 -13.99 1.56 -29.21
C LEU D 326 -14.68 1.63 -30.56
N LEU D 327 -14.56 2.78 -31.24
CA LEU D 327 -15.22 2.95 -32.53
C LEU D 327 -14.67 1.97 -33.56
N PHE D 328 -13.35 1.80 -33.60
CA PHE D 328 -12.74 0.91 -34.58
C PHE D 328 -13.19 -0.54 -34.37
N SER D 329 -13.13 -1.02 -33.13
CA SER D 329 -13.55 -2.38 -32.84
C SER D 329 -15.05 -2.56 -33.07
N LEU D 330 -15.84 -1.54 -32.74
CA LEU D 330 -17.28 -1.61 -32.98
C LEU D 330 -17.57 -1.76 -34.46
N THR D 331 -16.91 -0.95 -35.30
CA THR D 331 -17.11 -1.04 -36.74
C THR D 331 -16.62 -2.40 -37.27
N MET D 332 -15.50 -2.88 -36.76
CA MET D 332 -14.98 -4.18 -37.18
C MET D 332 -15.98 -5.29 -36.90
N ALA D 333 -16.47 -5.36 -35.66
CA ALA D 333 -17.42 -6.41 -35.28
C ALA D 333 -18.74 -6.25 -36.04
N ILE D 334 -19.19 -5.01 -36.21
CA ILE D 334 -20.45 -4.78 -36.92
C ILE D 334 -20.34 -5.27 -38.35
N ILE D 335 -19.25 -4.94 -39.04
CA ILE D 335 -19.08 -5.36 -40.42
C ILE D 335 -19.01 -6.89 -40.51
N ILE D 336 -18.20 -7.50 -39.64
CA ILE D 336 -18.03 -8.96 -39.71
C ILE D 336 -19.35 -9.67 -39.47
N PHE D 337 -20.06 -9.30 -38.39
CA PHE D 337 -21.29 -9.99 -38.05
C PHE D 337 -22.40 -9.68 -39.05
N ALA D 338 -22.45 -8.47 -39.58
CA ALA D 338 -23.46 -8.16 -40.59
C ALA D 338 -23.23 -8.98 -41.85
N THR D 339 -21.97 -9.12 -42.28
CA THR D 339 -21.68 -9.97 -43.43
C THR D 339 -22.09 -11.41 -43.16
N VAL D 340 -21.76 -11.92 -41.97
CA VAL D 340 -22.06 -13.31 -41.65
C VAL D 340 -23.56 -13.54 -41.63
N MET D 341 -24.31 -12.65 -40.98
CA MET D 341 -25.76 -12.82 -40.89
C MET D 341 -26.43 -12.64 -42.25
N PHE D 342 -25.93 -11.72 -43.07
CA PHE D 342 -26.52 -11.53 -44.40
C PHE D 342 -26.33 -12.78 -45.24
N TYR D 343 -25.10 -13.31 -45.28
CA TYR D 343 -24.86 -14.50 -46.08
C TYR D 343 -25.42 -15.77 -45.45
N ALA D 344 -25.83 -15.72 -44.19
CA ALA D 344 -26.43 -16.88 -43.53
C ALA D 344 -27.95 -16.82 -43.48
N GLU D 345 -28.55 -15.65 -43.67
CA GLU D 345 -29.99 -15.46 -43.60
C GLU D 345 -30.46 -14.68 -44.84
N LYS D 346 -30.03 -15.15 -46.01
CA LYS D 346 -30.34 -14.50 -47.27
C LYS D 346 -31.48 -15.19 -48.04
N GLY D 347 -31.54 -16.51 -48.01
CA GLY D 347 -32.51 -17.23 -48.81
C GLY D 347 -33.81 -17.54 -48.10
N SER D 348 -34.09 -16.82 -47.01
CA SER D 348 -35.33 -17.05 -46.28
C SER D 348 -36.53 -16.56 -47.07
N SER D 349 -37.70 -17.09 -46.73
CA SER D 349 -38.92 -16.72 -47.42
C SER D 349 -39.24 -15.23 -47.26
N ALA D 350 -39.46 -14.80 -46.02
CA ALA D 350 -39.73 -13.40 -45.70
C ALA D 350 -38.60 -12.92 -44.81
N SER D 351 -37.53 -12.43 -45.44
CA SER D 351 -36.34 -12.00 -44.73
C SER D 351 -36.15 -10.50 -44.90
N LYS D 352 -35.87 -9.81 -43.80
CA LYS D 352 -35.56 -8.39 -43.82
C LYS D 352 -34.07 -8.13 -43.99
N PHE D 353 -33.25 -9.18 -44.05
CA PHE D 353 -31.81 -9.04 -44.26
C PHE D 353 -31.52 -8.92 -45.76
N THR D 354 -31.93 -7.78 -46.31
CA THR D 354 -31.77 -7.56 -47.75
C THR D 354 -30.33 -7.30 -48.13
N SER D 355 -29.54 -6.72 -47.23
CA SER D 355 -28.17 -6.32 -47.57
C SER D 355 -27.37 -6.20 -46.29
N ILE D 356 -26.04 -6.10 -46.46
CA ILE D 356 -25.17 -5.84 -45.31
C ILE D 356 -25.51 -4.54 -44.60
N PRO D 357 -25.72 -3.41 -45.29
CA PRO D 357 -26.21 -2.22 -44.58
C PRO D 357 -27.56 -2.44 -43.90
N ALA D 358 -28.40 -3.29 -44.47
CA ALA D 358 -29.65 -3.64 -43.79
C ALA D 358 -29.39 -4.49 -42.56
N ALA D 359 -28.36 -5.33 -42.59
CA ALA D 359 -27.97 -6.11 -41.43
C ALA D 359 -27.19 -5.31 -40.41
N PHE D 360 -26.77 -4.08 -40.76
CA PHE D 360 -26.10 -3.23 -39.79
C PHE D 360 -27.02 -2.90 -38.62
N TRP D 361 -28.30 -2.64 -38.92
CA TRP D 361 -29.26 -2.33 -37.87
C TRP D 361 -29.41 -3.51 -36.90
N TYR D 362 -29.57 -4.72 -37.43
CA TYR D 362 -29.69 -5.89 -36.58
C TYR D 362 -28.42 -6.12 -35.78
N THR D 363 -27.26 -5.94 -36.41
CA THR D 363 -26.00 -6.18 -35.70
C THR D 363 -25.81 -5.19 -34.55
N ILE D 364 -26.12 -3.91 -34.79
CA ILE D 364 -25.93 -2.93 -33.73
C ILE D 364 -27.00 -3.07 -32.65
N VAL D 365 -28.18 -3.58 -33.01
CA VAL D 365 -29.20 -3.84 -32.00
C VAL D 365 -28.78 -5.01 -31.12
N THR D 366 -28.25 -6.08 -31.73
CA THR D 366 -27.91 -7.28 -30.98
C THR D 366 -26.65 -7.07 -30.14
N MET D 367 -25.66 -6.36 -30.67
CA MET D 367 -24.41 -6.18 -29.95
C MET D 367 -24.61 -5.41 -28.65
N THR D 368 -25.44 -4.37 -28.69
CA THR D 368 -25.73 -3.58 -27.51
C THR D 368 -26.73 -4.24 -26.56
N THR D 369 -27.11 -5.50 -26.84
CA THR D 369 -28.12 -6.22 -26.05
C THR D 369 -29.39 -5.40 -25.89
N LEU D 370 -29.84 -4.81 -27.00
CA LEU D 370 -31.05 -4.00 -26.99
C LEU D 370 -32.28 -4.85 -27.34
N GLY D 371 -32.31 -5.40 -28.55
CA GLY D 371 -33.37 -6.30 -28.92
C GLY D 371 -34.64 -5.59 -29.36
N TYR D 372 -35.13 -5.91 -30.55
CA TYR D 372 -36.39 -5.31 -30.99
C TYR D 372 -37.40 -6.35 -31.45
N GLY D 373 -36.95 -7.42 -32.11
CA GLY D 373 -37.83 -8.48 -32.55
C GLY D 373 -38.45 -8.27 -33.91
N ASP D 374 -38.30 -7.09 -34.51
CA ASP D 374 -38.82 -6.87 -35.86
C ASP D 374 -37.93 -7.52 -36.91
N MET D 375 -36.62 -7.53 -36.69
CA MET D 375 -35.64 -8.12 -37.61
C MET D 375 -34.89 -9.18 -36.83
N VAL D 376 -35.25 -10.45 -37.02
CA VAL D 376 -34.65 -11.55 -36.28
C VAL D 376 -34.25 -12.66 -37.25
N PRO D 377 -33.20 -13.43 -36.96
CA PRO D 377 -32.87 -14.57 -37.83
C PRO D 377 -33.92 -15.66 -37.72
N LYS D 378 -34.06 -16.41 -38.81
CA LYS D 378 -35.03 -17.51 -38.87
C LYS D 378 -34.38 -18.78 -39.41
N THR D 379 -33.07 -18.91 -39.22
CA THR D 379 -32.31 -20.08 -39.67
C THR D 379 -31.44 -20.58 -38.53
N ILE D 380 -31.13 -21.88 -38.57
CA ILE D 380 -30.28 -22.47 -37.54
C ILE D 380 -28.89 -21.86 -37.59
N ALA D 381 -28.36 -21.62 -38.79
CA ALA D 381 -27.06 -20.98 -38.93
C ALA D 381 -27.10 -19.55 -38.43
N GLY D 382 -28.19 -18.83 -38.73
CA GLY D 382 -28.27 -17.43 -38.33
C GLY D 382 -28.36 -17.21 -36.84
N LYS D 383 -29.08 -18.09 -36.13
CA LYS D 383 -29.28 -17.90 -34.69
C LYS D 383 -27.99 -18.06 -33.91
N ILE D 384 -27.16 -19.03 -34.30
CA ILE D 384 -25.89 -19.25 -33.61
C ILE D 384 -25.00 -18.02 -33.75
N PHE D 385 -24.90 -17.49 -34.97
CA PHE D 385 -24.09 -16.31 -35.19
C PHE D 385 -24.70 -15.07 -34.54
N GLY D 386 -26.03 -15.02 -34.41
CA GLY D 386 -26.64 -13.92 -33.67
C GLY D 386 -26.30 -13.94 -32.20
N SER D 387 -26.33 -15.14 -31.59
CA SER D 387 -25.93 -15.26 -30.20
C SER D 387 -24.45 -14.92 -30.01
N ILE D 388 -23.60 -15.40 -30.93
CA ILE D 388 -22.19 -15.05 -30.88
C ILE D 388 -22.00 -13.55 -31.04
N CYS D 389 -22.81 -12.93 -31.89
CA CYS D 389 -22.76 -11.48 -32.07
C CYS D 389 -23.13 -10.74 -30.79
N SER D 390 -24.16 -11.22 -30.09
CA SER D 390 -24.55 -10.60 -28.83
C SER D 390 -23.42 -10.71 -27.80
N LEU D 391 -22.83 -11.90 -27.67
CA LEU D 391 -21.75 -12.08 -26.71
C LEU D 391 -20.54 -11.23 -27.07
N SER D 392 -20.20 -11.16 -28.36
CA SER D 392 -19.07 -10.36 -28.81
C SER D 392 -19.34 -8.88 -28.61
N GLY D 393 -20.58 -8.44 -28.80
CA GLY D 393 -20.90 -7.04 -28.51
C GLY D 393 -20.75 -6.72 -27.04
N VAL D 394 -21.18 -7.64 -26.17
CA VAL D 394 -20.95 -7.45 -24.73
C VAL D 394 -19.46 -7.32 -24.46
N LEU D 395 -18.66 -8.22 -25.04
CA LEU D 395 -17.22 -8.20 -24.81
C LEU D 395 -16.59 -6.89 -25.31
N VAL D 396 -16.98 -6.44 -26.49
CA VAL D 396 -16.36 -5.25 -27.09
C VAL D 396 -16.76 -3.99 -26.32
N ILE D 397 -18.04 -3.85 -26.02
CA ILE D 397 -18.48 -2.65 -25.31
C ILE D 397 -17.97 -2.64 -23.87
N ALA D 398 -17.85 -3.80 -23.25
CA ALA D 398 -17.45 -3.86 -21.85
C ALA D 398 -15.98 -3.51 -21.62
N LEU D 399 -15.17 -3.40 -22.68
CA LEU D 399 -13.75 -3.12 -22.49
C LEU D 399 -13.50 -1.65 -22.16
N PRO D 400 -13.97 -0.69 -22.97
CA PRO D 400 -13.64 0.72 -22.67
C PRO D 400 -14.57 1.38 -21.67
N VAL D 401 -15.64 0.72 -21.24
CA VAL D 401 -16.54 1.33 -20.25
C VAL D 401 -15.84 1.56 -18.92
N PRO D 402 -15.16 0.58 -18.31
CA PRO D 402 -14.54 0.85 -17.00
C PRO D 402 -13.49 1.96 -17.02
N VAL D 403 -12.71 2.06 -18.09
CA VAL D 403 -11.66 3.08 -18.12
C VAL D 403 -12.27 4.48 -18.19
N ILE D 404 -13.37 4.64 -18.91
CA ILE D 404 -14.06 5.93 -18.94
C ILE D 404 -14.59 6.28 -17.57
N VAL D 405 -15.23 5.31 -16.91
CA VAL D 405 -15.77 5.55 -15.57
C VAL D 405 -14.65 5.78 -14.57
N SER D 406 -13.56 5.01 -14.66
CA SER D 406 -12.44 5.18 -13.76
C SER D 406 -11.81 6.56 -13.93
N ASN D 407 -11.63 7.00 -15.17
CA ASN D 407 -11.08 8.34 -15.41
C ASN D 407 -12.02 9.42 -14.91
N PHE D 408 -13.34 9.24 -15.12
CA PHE D 408 -14.30 10.22 -14.62
C PHE D 408 -14.24 10.32 -13.10
N SER D 409 -14.20 9.17 -12.42
CA SER D 409 -14.12 9.17 -10.97
C SER D 409 -12.83 9.81 -10.48
N ARG D 410 -11.71 9.49 -11.12
CA ARG D 410 -10.43 10.09 -10.72
C ARG D 410 -10.44 11.60 -10.93
N ILE D 411 -10.97 12.07 -12.05
CA ILE D 411 -11.02 13.50 -12.32
C ILE D 411 -11.93 14.20 -11.31
N TYR D 412 -13.08 13.60 -11.01
CA TYR D 412 -13.99 14.20 -10.03
C TYR D 412 -13.34 14.26 -8.65
N HIS D 413 -12.66 13.19 -8.25
CA HIS D 413 -12.00 13.17 -6.95
C HIS D 413 -10.89 14.22 -6.88
N GLN D 414 -10.08 14.33 -7.94
CA GLN D 414 -9.00 15.32 -7.94
C GLN D 414 -9.53 16.74 -8.05
N ASN D 415 -10.71 16.94 -8.63
CA ASN D 415 -11.31 18.26 -8.66
C ASN D 415 -11.91 18.64 -7.32
N GLN D 416 -12.46 17.67 -6.59
CA GLN D 416 -12.93 17.93 -5.24
C GLN D 416 -11.81 17.84 -4.20
N ARG D 417 -10.63 17.34 -4.60
CA ARG D 417 -9.47 17.36 -3.73
C ARG D 417 -8.71 18.69 -3.85
N ALA D 418 -8.66 19.27 -5.06
CA ALA D 418 -8.07 20.59 -5.22
C ALA D 418 -8.90 21.67 -4.55
N ASP D 419 -10.17 21.39 -4.24
CA ASP D 419 -11.00 22.36 -3.54
C ASP D 419 -10.49 22.60 -2.12
N LYS D 420 -10.19 21.52 -1.39
CA LYS D 420 -9.61 21.67 -0.07
C LYS D 420 -8.13 22.01 -0.12
N ARG D 421 -7.46 21.77 -1.25
CA ARG D 421 -6.08 22.22 -1.41
C ARG D 421 -6.02 23.74 -1.43
N ARG D 422 -6.99 24.39 -2.07
CA ARG D 422 -7.06 25.84 -2.02
C ARG D 422 -7.41 26.33 -0.63
N ALA D 423 -8.23 25.58 0.12
CA ALA D 423 -8.59 25.99 1.47
C ALA D 423 -7.38 25.98 2.39
N GLN D 424 -6.51 24.98 2.25
CA GLN D 424 -5.30 24.94 3.08
C GLN D 424 -4.31 26.01 2.69
N LYS D 425 -4.38 26.52 1.46
CA LYS D 425 -3.49 27.61 1.07
C LYS D 425 -3.89 28.92 1.73
N LYS D 426 -5.19 29.22 1.77
CA LYS D 426 -5.66 30.44 2.42
C LYS D 426 -5.36 30.41 3.92
N ALA D 427 -5.55 29.24 4.55
CA ALA D 427 -5.20 29.11 5.96
C ALA D 427 -3.71 29.28 6.18
N ARG D 428 -2.89 28.74 5.27
CA ARG D 428 -1.44 28.88 5.40
C ARG D 428 -1.01 30.34 5.30
N LEU D 429 -1.60 31.09 4.37
CA LEU D 429 -1.29 32.51 4.25
C LEU D 429 -1.74 33.28 5.48
N ALA D 430 -2.85 32.87 6.10
CA ALA D 430 -3.29 33.51 7.33
C ALA D 430 -2.27 33.31 8.45
N ARG D 431 -1.70 32.11 8.54
CA ARG D 431 -0.66 31.85 9.54
C ARG D 431 0.59 32.68 9.26
N ILE D 432 0.95 32.83 7.98
CA ILE D 432 2.08 33.67 7.63
C ILE D 432 1.82 35.11 8.02
N ARG D 433 0.61 35.62 7.72
CA ARG D 433 0.27 36.98 8.10
C ARG D 433 0.20 37.13 9.61
N ALA D 434 -0.31 36.10 10.31
CA ALA D 434 -0.33 36.14 11.77
C ALA D 434 1.07 36.20 12.35
N ALA D 435 2.01 35.44 11.77
CA ALA D 435 3.40 35.51 12.21
C ALA D 435 4.00 36.88 11.94
N LYS D 436 3.69 37.46 10.77
CA LYS D 436 4.16 38.81 10.46
C LYS D 436 3.60 39.82 11.44
N SER D 437 2.31 39.72 11.77
CA SER D 437 1.71 40.61 12.76
C SER D 437 2.30 40.37 14.14
N GLY D 438 2.53 39.10 14.49
CA GLY D 438 3.15 38.80 15.77
C GLY D 438 4.57 39.29 15.88
N SER D 439 5.34 39.15 14.79
CA SER D 439 6.71 39.67 14.78
C SER D 439 6.72 41.18 14.89
N ALA D 440 5.83 41.86 14.19
CA ALA D 440 5.74 43.31 14.30
C ALA D 440 5.28 43.74 15.69
N ASN D 441 4.30 43.03 16.26
CA ASN D 441 3.82 43.37 17.59
C ASN D 441 4.87 43.10 18.66
N ALA D 442 5.68 42.05 18.45
CA ALA D 442 6.72 41.73 19.42
C ALA D 442 7.74 42.86 19.54
N TYR D 443 8.04 43.52 18.42
CA TYR D 443 8.96 44.65 18.45
C TYR D 443 8.38 45.81 19.27
N MET D 444 7.08 46.06 19.12
CA MET D 444 6.45 47.14 19.88
C MET D 444 6.51 46.89 21.38
N GLN D 445 6.28 45.64 21.79
CA GLN D 445 6.37 45.31 23.21
C GLN D 445 7.78 45.54 23.74
N SER D 446 8.80 45.21 22.94
CA SER D 446 10.17 45.51 23.32
C SER D 446 10.41 47.01 23.40
N LYS D 447 9.84 47.77 22.46
CA LYS D 447 10.00 49.22 22.47
C LYS D 447 9.33 49.84 23.69
N ARG D 448 8.13 49.35 24.03
CA ARG D 448 7.43 49.89 25.20
C ARG D 448 8.19 49.65 26.48
N SER D 449 8.77 48.46 26.64
CA SER D 449 9.55 48.12 27.82
C SER D 449 11.05 48.26 27.55
N SER D 469 14.70 37.57 24.10
CA SER D 469 15.40 36.38 23.63
C SER D 469 16.81 36.73 23.15
N SER D 470 17.49 35.74 22.56
CA SER D 470 18.84 35.96 22.06
C SER D 470 18.83 36.63 20.70
N PHE D 471 18.24 35.96 19.70
CA PHE D 471 18.17 36.54 18.36
C PHE D 471 17.20 37.71 18.31
N GLU D 472 16.13 37.67 19.09
CA GLU D 472 15.14 38.74 19.08
C GLU D 472 15.75 40.08 19.45
N THR D 473 16.75 40.09 20.34
CA THR D 473 17.42 41.33 20.70
C THR D 473 18.17 41.92 19.51
N GLN D 474 18.84 41.07 18.74
CA GLN D 474 19.60 41.56 17.59
C GLN D 474 18.67 41.95 16.44
N HIS D 475 17.61 41.17 16.23
CA HIS D 475 16.67 41.49 15.15
C HIS D 475 15.98 42.82 15.41
N HIS D 476 15.57 43.08 16.64
CA HIS D 476 14.93 44.35 16.97
C HIS D 476 15.88 45.53 16.82
N HIS D 477 17.19 45.30 16.91
CA HIS D 477 18.15 46.37 16.64
C HIS D 477 18.12 46.77 15.17
N LEU D 478 17.95 45.81 14.28
CA LEU D 478 17.85 46.11 12.85
C LEU D 478 16.63 46.99 12.56
N LEU D 479 15.49 46.65 13.16
CA LEU D 479 14.30 47.48 13.00
C LEU D 479 14.50 48.85 13.62
N HIS D 480 15.22 48.91 14.74
CA HIS D 480 15.54 50.21 15.35
C HIS D 480 16.39 51.05 14.41
N CYS D 481 17.35 50.42 13.72
CA CYS D 481 18.15 51.14 12.73
C CYS D 481 17.29 51.62 11.56
N LEU D 482 16.33 50.79 11.14
CA LEU D 482 15.43 51.19 10.06
C LEU D 482 14.56 52.37 10.47
N GLU D 483 14.16 52.43 11.75
CA GLU D 483 13.42 53.59 12.24
C GLU D 483 14.24 54.86 12.11
N LYS D 484 15.50 54.81 12.50
CA LYS D 484 16.31 56.00 12.70
C LYS D 484 17.12 56.40 11.48
N THR D 485 17.04 55.64 10.39
CA THR D 485 17.58 56.10 9.11
C THR D 485 16.58 56.93 8.32
N THR D 486 15.30 56.91 8.71
CA THR D 486 14.26 57.65 8.01
C THR D 486 13.47 58.55 8.97
N ASN D 487 13.98 58.76 10.19
CA ASN D 487 13.34 59.50 11.27
C ASN D 487 11.84 59.18 11.39
N HIS D 488 11.48 57.90 11.31
CA HIS D 488 10.12 57.46 11.50
C HIS D 488 10.08 56.34 12.54
N GLU D 489 8.90 56.06 13.06
CA GLU D 489 8.71 55.06 14.09
C GLU D 489 7.47 54.22 13.80
N PHE D 490 7.59 52.90 13.91
CA PHE D 490 6.42 52.05 13.84
C PHE D 490 5.56 52.22 15.10
N VAL D 491 4.24 52.26 14.89
CA VAL D 491 3.29 52.34 15.99
C VAL D 491 2.22 51.27 15.77
N ASP D 492 1.48 50.98 16.83
CA ASP D 492 0.45 49.93 16.81
C ASP D 492 -0.62 50.21 15.76
N PRO E 1 41.63 -19.95 0.27
CA PRO E 1 40.52 -19.11 0.73
C PRO E 1 40.48 -18.98 2.24
N GLU E 2 41.58 -18.50 2.84
CA GLU E 2 41.67 -18.38 4.27
C GLU E 2 42.06 -16.97 4.69
N GLY E 3 42.90 -16.32 3.89
CA GLY E 3 43.44 -15.03 4.25
C GLY E 3 44.85 -15.15 4.77
N LEU E 4 45.11 -16.22 5.52
CA LEU E 4 46.46 -16.56 5.94
C LEU E 4 47.13 -17.53 4.99
N GLU E 5 46.34 -18.33 4.27
CA GLU E 5 46.93 -19.24 3.28
C GLU E 5 47.54 -18.48 2.12
N GLN E 6 46.86 -17.44 1.63
CA GLN E 6 47.38 -16.60 0.56
C GLN E 6 48.14 -15.39 1.07
N LEU E 7 48.70 -15.49 2.28
CA LEU E 7 49.53 -14.44 2.87
C LEU E 7 50.91 -14.51 2.23
N GLU E 8 51.92 -13.90 2.84
CA GLU E 8 53.25 -13.90 2.23
C GLU E 8 53.82 -15.31 2.28
N ALA E 9 53.23 -16.20 1.49
CA ALA E 9 53.54 -17.63 1.40
C ALA E 9 53.61 -18.03 -0.06
N GLN E 10 54.45 -17.33 -0.83
CA GLN E 10 54.55 -17.30 -2.29
C GLN E 10 53.50 -16.37 -2.90
N THR E 11 52.76 -15.63 -2.07
CA THR E 11 51.92 -14.53 -2.52
C THR E 11 52.51 -13.24 -1.99
N ASN E 12 52.77 -12.28 -2.90
CA ASN E 12 53.52 -11.08 -2.56
C ASN E 12 52.66 -9.99 -1.94
N PHE E 13 51.49 -10.31 -1.39
CA PHE E 13 50.62 -9.34 -0.77
C PHE E 13 50.59 -9.55 0.74
N THR E 14 50.60 -8.45 1.49
CA THR E 14 50.53 -8.51 2.94
C THR E 14 49.10 -8.75 3.40
N LYS E 15 48.92 -8.85 4.72
CA LYS E 15 47.58 -9.07 5.27
C LYS E 15 46.66 -7.88 4.98
N ARG E 16 47.15 -6.67 5.17
CA ARG E 16 46.34 -5.49 4.90
C ARG E 16 46.04 -5.35 3.41
N GLU E 17 47.04 -5.61 2.56
CA GLU E 17 46.83 -5.52 1.13
C GLU E 17 45.83 -6.56 0.64
N LEU E 18 45.87 -7.75 1.23
CA LEU E 18 44.87 -8.77 0.90
C LEU E 18 43.47 -8.33 1.30
N GLN E 19 43.35 -7.72 2.48
CA GLN E 19 42.04 -7.24 2.93
C GLN E 19 41.50 -6.16 2.01
N VAL E 20 42.37 -5.24 1.58
CA VAL E 20 41.95 -4.18 0.67
C VAL E 20 41.49 -4.76 -0.67
N LEU E 21 42.22 -5.76 -1.18
CA LEU E 21 41.86 -6.36 -2.45
C LEU E 21 40.51 -7.08 -2.37
N TYR E 22 40.27 -7.82 -1.28
CA TYR E 22 39.03 -8.55 -1.16
C TYR E 22 37.83 -7.62 -0.99
N ARG E 23 38.02 -6.52 -0.27
CA ARG E 23 36.94 -5.55 -0.10
C ARG E 23 36.52 -4.96 -1.44
N GLY E 24 37.50 -4.62 -2.29
CA GLY E 24 37.18 -4.13 -3.62
C GLY E 24 36.73 -5.21 -4.58
N PHE E 25 37.28 -6.41 -4.44
CA PHE E 25 36.89 -7.52 -5.32
C PHE E 25 35.44 -7.92 -5.07
N LYS E 26 35.10 -8.16 -3.81
CA LYS E 26 33.73 -8.55 -3.47
C LYS E 26 32.73 -7.43 -3.67
N ASN E 27 33.22 -6.19 -3.81
CA ASN E 27 32.30 -5.06 -4.02
C ASN E 27 31.56 -5.19 -5.35
N GLU E 28 32.26 -5.58 -6.40
CA GLU E 28 31.63 -5.71 -7.72
C GLU E 28 30.98 -7.07 -7.90
N CYS E 29 31.64 -8.14 -7.43
CA CYS E 29 31.10 -9.50 -7.50
C CYS E 29 30.96 -10.04 -6.09
N PRO E 30 29.80 -9.85 -5.46
CA PRO E 30 29.63 -10.33 -4.08
C PRO E 30 29.73 -11.84 -3.93
N SER E 31 29.51 -12.60 -5.00
CA SER E 31 29.55 -14.06 -4.92
C SER E 31 30.95 -14.59 -4.65
N GLY E 32 31.98 -13.76 -4.75
CA GLY E 32 33.34 -14.20 -4.56
C GLY E 32 34.04 -14.68 -5.82
N VAL E 33 33.31 -14.81 -6.92
CA VAL E 33 33.88 -15.20 -8.21
C VAL E 33 33.40 -14.22 -9.27
N VAL E 34 34.30 -13.82 -10.15
CA VAL E 34 33.99 -12.91 -11.24
C VAL E 34 34.11 -13.67 -12.56
N ASN E 35 33.16 -13.44 -13.46
CA ASN E 35 33.10 -14.16 -14.72
C ASN E 35 33.54 -13.26 -15.87
N GLU E 36 33.57 -13.83 -17.08
CA GLU E 36 34.07 -13.10 -18.24
C GLU E 36 33.21 -11.89 -18.55
N ASP E 37 31.88 -12.03 -18.43
CA ASP E 37 31.00 -10.91 -18.74
C ASP E 37 31.25 -9.73 -17.81
N THR E 38 31.43 -10.00 -16.51
CA THR E 38 31.78 -8.94 -15.58
C THR E 38 33.24 -8.52 -15.74
N PHE E 39 34.11 -9.46 -16.10
CA PHE E 39 35.53 -9.14 -16.30
C PHE E 39 35.73 -8.04 -17.32
N LYS E 40 34.87 -7.97 -18.34
CA LYS E 40 34.96 -6.92 -19.35
C LYS E 40 34.31 -5.62 -18.91
N GLN E 41 33.50 -5.64 -17.85
CA GLN E 41 32.84 -4.42 -17.41
C GLN E 41 33.83 -3.47 -16.73
N ILE E 42 34.67 -3.99 -15.84
CA ILE E 42 35.65 -3.14 -15.16
C ILE E 42 36.75 -2.72 -16.13
N TYR E 43 37.22 -3.64 -16.97
CA TYR E 43 38.33 -3.32 -17.85
C TYR E 43 37.94 -2.25 -18.87
N ALA E 44 36.73 -2.32 -19.39
CA ALA E 44 36.27 -1.31 -20.35
C ALA E 44 36.12 0.06 -19.74
N GLN E 45 36.03 0.16 -18.40
CA GLN E 45 35.89 1.45 -17.76
C GLN E 45 37.21 2.21 -17.74
N PHE E 46 38.34 1.50 -17.66
CA PHE E 46 39.64 2.16 -17.63
C PHE E 46 40.03 2.73 -18.97
N PHE E 47 39.48 2.20 -20.07
CA PHE E 47 39.85 2.61 -21.42
C PHE E 47 38.58 2.94 -22.20
N PRO E 48 38.07 4.16 -22.05
CA PRO E 48 36.79 4.51 -22.68
C PRO E 48 36.90 4.92 -24.15
N HIS E 49 38.12 5.13 -24.66
CA HIS E 49 38.27 5.57 -26.05
C HIS E 49 37.76 4.52 -27.03
N GLY E 50 38.08 3.25 -26.79
CA GLY E 50 37.61 2.16 -27.61
C GLY E 50 36.89 1.12 -26.78
N ASP E 51 37.01 -0.13 -27.20
CA ASP E 51 36.45 -1.26 -26.47
C ASP E 51 37.57 -2.22 -26.06
N ALA E 52 37.53 -2.65 -24.81
CA ALA E 52 38.51 -3.58 -24.26
C ALA E 52 37.96 -4.99 -24.12
N SER E 53 36.77 -5.26 -24.67
CA SER E 53 36.18 -6.59 -24.55
C SER E 53 37.01 -7.63 -25.31
N THR E 54 37.56 -7.24 -26.46
CA THR E 54 38.39 -8.17 -27.23
C THR E 54 39.64 -8.57 -26.46
N TYR E 55 40.29 -7.60 -25.81
CA TYR E 55 41.50 -7.90 -25.04
C TYR E 55 41.18 -8.58 -23.71
N ALA E 56 40.07 -8.19 -23.08
CA ALA E 56 39.69 -8.80 -21.82
C ALA E 56 39.34 -10.28 -21.99
N HIS E 57 38.83 -10.66 -23.16
CA HIS E 57 38.54 -12.07 -23.42
C HIS E 57 39.81 -12.91 -23.36
N TYR E 58 40.90 -12.42 -23.97
CA TYR E 58 42.17 -13.13 -23.88
C TYR E 58 42.78 -12.99 -22.49
N LEU E 59 42.59 -11.83 -21.85
CA LEU E 59 43.08 -11.64 -20.49
C LEU E 59 42.38 -12.58 -19.52
N PHE E 60 41.07 -12.76 -19.68
CA PHE E 60 40.32 -13.63 -18.78
C PHE E 60 40.80 -15.07 -18.87
N ASN E 61 41.10 -15.54 -20.08
CA ASN E 61 41.57 -16.92 -20.25
C ASN E 61 42.88 -17.15 -19.53
N ALA E 62 43.79 -16.16 -19.56
CA ALA E 62 45.03 -16.27 -18.81
C ALA E 62 44.76 -16.33 -17.31
N PHE E 63 43.84 -15.48 -16.83
CA PHE E 63 43.46 -15.55 -15.42
C PHE E 63 42.76 -16.85 -15.08
N ASP E 64 41.86 -17.30 -15.96
CA ASP E 64 41.05 -18.49 -15.71
C ASP E 64 41.86 -19.73 -16.10
N THR E 65 42.69 -20.18 -15.17
CA THR E 65 43.46 -21.39 -15.37
C THR E 65 42.52 -22.60 -15.37
N THR E 66 42.86 -23.61 -16.17
CA THR E 66 42.12 -24.86 -16.34
C THR E 66 40.77 -24.66 -17.01
N GLN E 67 40.47 -23.45 -17.48
CA GLN E 67 39.23 -23.15 -18.20
C GLN E 67 38.00 -23.58 -17.40
N THR E 68 38.01 -23.22 -16.11
CA THR E 68 36.89 -23.56 -15.24
C THR E 68 35.63 -22.81 -15.68
N GLY E 69 35.76 -21.58 -16.14
CA GLY E 69 34.62 -20.77 -16.53
C GLY E 69 34.53 -19.49 -15.73
N SER E 70 34.87 -19.57 -14.44
CA SER E 70 34.91 -18.41 -13.56
C SER E 70 36.21 -18.42 -12.78
N VAL E 71 36.78 -17.24 -12.56
CA VAL E 71 38.04 -17.09 -11.86
C VAL E 71 37.77 -16.70 -10.42
N LYS E 72 38.37 -17.43 -9.49
CA LYS E 72 38.13 -17.23 -8.07
C LYS E 72 39.17 -16.28 -7.47
N PHE E 73 38.81 -15.71 -6.32
CA PHE E 73 39.69 -14.76 -5.65
C PHE E 73 41.01 -15.41 -5.23
N GLU E 74 40.99 -16.71 -4.94
CA GLU E 74 42.21 -17.40 -4.53
C GLU E 74 43.26 -17.37 -5.63
N ASP E 75 42.84 -17.64 -6.87
CA ASP E 75 43.74 -17.61 -8.01
C ASP E 75 43.63 -16.32 -8.82
N PHE E 76 42.76 -15.39 -8.42
CA PHE E 76 42.79 -14.05 -8.98
C PHE E 76 43.93 -13.24 -8.37
N VAL E 77 44.19 -13.42 -7.07
CA VAL E 77 45.27 -12.69 -6.42
C VAL E 77 46.64 -13.19 -6.89
N THR E 78 46.81 -14.50 -7.00
CA THR E 78 48.09 -15.05 -7.41
C THR E 78 48.46 -14.64 -8.83
N ALA E 79 47.48 -14.27 -9.65
CA ALA E 79 47.79 -13.69 -10.95
C ALA E 79 48.26 -12.25 -10.81
N LEU E 80 47.61 -11.49 -9.92
CA LEU E 80 48.05 -10.12 -9.65
C LEU E 80 49.44 -10.10 -9.02
N SER E 81 49.69 -10.99 -8.06
CA SER E 81 50.98 -11.00 -7.39
C SER E 81 52.11 -11.33 -8.37
N ILE E 82 51.88 -12.30 -9.26
CA ILE E 82 52.89 -12.65 -10.26
C ILE E 82 53.12 -11.48 -11.20
N LEU E 83 52.04 -10.84 -11.66
CA LEU E 83 52.18 -9.76 -12.63
C LEU E 83 52.74 -8.49 -11.99
N LEU E 84 52.24 -8.12 -10.81
CA LEU E 84 52.62 -6.86 -10.20
C LEU E 84 53.95 -6.96 -9.46
N ARG E 85 54.00 -7.82 -8.44
CA ARG E 85 55.16 -7.92 -7.56
C ARG E 85 55.92 -9.23 -7.74
N GLY E 86 55.66 -9.95 -8.82
CA GLY E 86 56.36 -11.19 -9.08
C GLY E 86 57.76 -10.97 -9.62
N THR E 87 58.47 -12.09 -9.80
CA THR E 87 59.83 -12.06 -10.30
C THR E 87 59.83 -11.95 -11.83
N VAL E 88 61.03 -11.83 -12.40
CA VAL E 88 61.16 -11.73 -13.85
C VAL E 88 60.65 -13.00 -14.53
N HIS E 89 61.05 -14.16 -14.01
CA HIS E 89 60.71 -15.42 -14.66
C HIS E 89 59.20 -15.65 -14.66
N GLU E 90 58.53 -15.39 -13.54
CA GLU E 90 57.11 -15.66 -13.45
C GLU E 90 56.30 -14.74 -14.36
N LYS E 91 56.73 -13.49 -14.52
CA LYS E 91 56.01 -12.56 -15.37
C LYS E 91 56.03 -13.01 -16.84
N LEU E 92 57.19 -13.49 -17.31
CA LEU E 92 57.32 -13.82 -18.73
C LEU E 92 56.48 -15.04 -19.10
N ARG E 93 56.48 -16.07 -18.25
CA ARG E 93 55.66 -17.24 -18.54
C ARG E 93 54.18 -16.90 -18.53
N TRP E 94 53.75 -16.03 -17.61
CA TRP E 94 52.35 -15.61 -17.58
C TRP E 94 51.97 -14.88 -18.86
N THR E 95 52.83 -13.97 -19.32
CA THR E 95 52.56 -13.27 -20.57
C THR E 95 52.68 -14.19 -21.77
N PHE E 96 53.59 -15.15 -21.73
CA PHE E 96 53.72 -16.11 -22.82
C PHE E 96 52.44 -16.92 -22.99
N ASN E 97 51.85 -17.36 -21.88
CA ASN E 97 50.58 -18.10 -21.95
C ASN E 97 49.42 -17.19 -22.33
N LEU E 98 49.54 -15.89 -22.08
CA LEU E 98 48.51 -14.96 -22.52
C LEU E 98 48.45 -14.89 -24.05
N TYR E 99 49.60 -14.84 -24.70
CA TYR E 99 49.64 -14.87 -26.16
C TYR E 99 49.33 -16.26 -26.69
N ASP E 100 49.72 -17.31 -25.96
CA ASP E 100 49.52 -18.70 -26.38
C ASP E 100 48.05 -19.05 -26.13
N ILE E 101 47.22 -18.81 -27.16
CA ILE E 101 45.78 -19.03 -27.00
C ILE E 101 45.46 -20.52 -26.91
N ASN E 102 46.11 -21.34 -27.73
CA ASN E 102 45.79 -22.76 -27.78
C ASN E 102 46.43 -23.49 -26.60
N LYS E 103 46.33 -24.82 -26.59
CA LYS E 103 46.84 -25.61 -25.47
C LYS E 103 48.37 -25.66 -25.49
N ASP E 104 48.94 -26.21 -26.56
CA ASP E 104 50.38 -26.31 -26.67
C ASP E 104 51.02 -24.92 -26.75
N GLY E 105 52.23 -24.82 -26.22
CA GLY E 105 52.91 -23.53 -26.16
C GLY E 105 53.70 -23.20 -27.40
N TYR E 106 53.11 -22.40 -28.29
CA TYR E 106 53.75 -22.00 -29.52
C TYR E 106 53.07 -20.75 -30.04
N ILE E 107 53.88 -19.83 -30.58
CA ILE E 107 53.39 -18.60 -31.20
C ILE E 107 53.76 -18.64 -32.67
N ASN E 108 52.77 -18.49 -33.54
CA ASN E 108 52.95 -18.68 -34.98
C ASN E 108 52.45 -17.48 -35.78
N LYS E 109 52.55 -16.28 -35.20
CA LYS E 109 52.18 -15.00 -35.81
C LYS E 109 50.67 -14.88 -36.04
N GLU E 110 49.90 -15.94 -35.79
CA GLU E 110 48.46 -15.90 -35.94
C GLU E 110 47.71 -15.94 -34.63
N GLU E 111 48.26 -16.63 -33.61
CA GLU E 111 47.64 -16.62 -32.29
C GLU E 111 47.66 -15.21 -31.69
N MET E 112 48.79 -14.52 -31.84
CA MET E 112 48.92 -13.16 -31.33
C MET E 112 48.58 -12.10 -32.38
N MET E 113 48.11 -12.51 -33.56
CA MET E 113 47.57 -11.54 -34.50
C MET E 113 46.40 -10.78 -33.89
N ASP E 114 45.55 -11.49 -33.14
CA ASP E 114 44.46 -10.83 -32.44
C ASP E 114 44.93 -10.13 -31.17
N ILE E 115 46.01 -10.59 -30.56
CA ILE E 115 46.50 -9.98 -29.32
C ILE E 115 46.94 -8.54 -29.59
N VAL E 116 47.78 -8.34 -30.61
CA VAL E 116 48.20 -7.00 -30.96
C VAL E 116 47.04 -6.20 -31.53
N LYS E 117 46.16 -6.87 -32.29
CA LYS E 117 44.97 -6.19 -32.81
C LYS E 117 44.08 -5.71 -31.68
N ALA E 118 43.96 -6.50 -30.60
CA ALA E 118 43.15 -6.09 -29.46
C ALA E 118 43.73 -4.84 -28.80
N ILE E 119 45.06 -4.77 -28.69
CA ILE E 119 45.70 -3.59 -28.10
C ILE E 119 45.42 -2.35 -28.95
N TYR E 120 45.48 -2.50 -30.27
CA TYR E 120 45.15 -1.37 -31.14
C TYR E 120 43.66 -1.12 -31.21
N ASP E 121 42.84 -2.15 -31.04
CA ASP E 121 41.39 -1.98 -31.07
C ASP E 121 40.91 -1.17 -29.87
N MET E 122 41.51 -1.38 -28.69
CA MET E 122 41.08 -0.74 -27.47
C MET E 122 41.50 0.72 -27.37
N MET E 123 41.98 1.30 -28.47
CA MET E 123 42.22 2.74 -28.58
C MET E 123 41.14 3.46 -29.37
N GLY E 124 40.14 2.74 -29.87
CA GLY E 124 39.12 3.34 -30.71
C GLY E 124 39.71 3.81 -32.03
N LYS E 125 39.02 4.77 -32.65
CA LYS E 125 39.53 5.46 -33.84
C LYS E 125 39.49 6.95 -33.53
N TYR E 126 40.51 7.42 -32.81
CA TYR E 126 40.66 8.83 -32.49
C TYR E 126 42.11 9.28 -32.49
N THR E 127 43.06 8.42 -32.88
CA THR E 127 44.47 8.72 -32.72
C THR E 127 44.97 9.67 -33.80
N TYR E 128 46.13 10.27 -33.55
CA TYR E 128 46.72 11.21 -34.49
C TYR E 128 47.07 10.55 -35.84
N PRO E 129 47.74 9.40 -35.89
CA PRO E 129 48.00 8.78 -37.20
C PRO E 129 46.77 8.21 -37.88
N VAL E 130 45.61 8.25 -37.22
CA VAL E 130 44.33 7.80 -37.78
C VAL E 130 44.42 6.30 -38.03
N LEU E 131 45.45 5.67 -37.47
CA LEU E 131 45.68 4.23 -37.58
C LEU E 131 45.72 3.77 -39.04
N LYS E 132 45.54 2.47 -39.25
CA LYS E 132 45.52 1.87 -40.58
C LYS E 132 45.02 0.44 -40.44
N GLU E 133 44.65 -0.15 -41.57
CA GLU E 133 44.19 -1.54 -41.55
C GLU E 133 45.36 -2.50 -41.31
N ASP E 134 46.54 -2.16 -41.80
CA ASP E 134 47.70 -3.03 -41.73
C ASP E 134 48.71 -2.64 -40.65
N THR E 135 48.38 -1.67 -39.81
CA THR E 135 49.34 -1.27 -38.77
C THR E 135 49.51 -2.31 -37.66
N PRO E 136 48.51 -3.13 -37.29
CA PRO E 136 48.81 -4.21 -36.34
C PRO E 136 49.78 -5.23 -36.90
N ARG E 137 49.72 -5.53 -38.19
CA ARG E 137 50.63 -6.50 -38.79
C ARG E 137 52.07 -5.99 -38.78
N GLN E 138 52.26 -4.69 -39.02
CA GLN E 138 53.61 -4.13 -38.97
C GLN E 138 54.19 -4.24 -37.57
N HIS E 139 53.38 -4.03 -36.54
CA HIS E 139 53.85 -4.20 -35.17
C HIS E 139 54.24 -5.63 -34.89
N VAL E 140 53.47 -6.59 -35.40
CA VAL E 140 53.81 -8.00 -35.23
C VAL E 140 55.05 -8.35 -36.03
N ASP E 141 55.18 -7.80 -37.24
CA ASP E 141 56.32 -8.11 -38.09
C ASP E 141 57.63 -7.66 -37.45
N VAL E 142 57.65 -6.46 -36.88
CA VAL E 142 58.85 -6.00 -36.20
C VAL E 142 59.02 -6.72 -34.87
N PHE E 143 57.92 -7.19 -34.27
CA PHE E 143 58.02 -7.93 -33.02
C PHE E 143 58.75 -9.25 -33.23
N PHE E 144 58.44 -9.97 -34.31
CA PHE E 144 59.10 -11.23 -34.58
C PHE E 144 60.53 -11.06 -35.07
N GLN E 145 60.90 -9.86 -35.51
CA GLN E 145 62.23 -9.61 -36.05
C GLN E 145 63.33 -9.67 -34.99
N LYS E 146 62.97 -9.69 -33.70
CA LYS E 146 63.96 -9.64 -32.64
C LYS E 146 64.09 -10.93 -31.85
N MET E 147 63.15 -11.86 -31.98
CA MET E 147 63.26 -13.13 -31.26
C MET E 147 63.12 -14.34 -32.18
N ASP E 148 62.29 -14.22 -33.21
CA ASP E 148 62.08 -15.35 -34.12
C ASP E 148 63.30 -15.54 -35.01
N LYS E 149 64.23 -16.41 -34.58
CA LYS E 149 65.45 -16.63 -35.34
C LYS E 149 65.17 -17.46 -36.59
N ASN E 150 64.67 -18.68 -36.42
CA ASN E 150 64.35 -19.57 -37.53
C ASN E 150 62.86 -19.67 -37.78
N LYS E 151 62.09 -20.06 -36.78
CA LYS E 151 60.64 -20.19 -36.92
C LYS E 151 59.97 -20.36 -35.56
N THR E 156 59.62 -19.84 -29.59
CA THR E 156 59.22 -20.83 -28.59
C THR E 156 59.31 -20.26 -27.18
N LEU E 157 59.05 -21.10 -26.18
CA LEU E 157 59.12 -20.66 -24.79
C LEU E 157 60.53 -20.23 -24.42
N ASP E 158 61.54 -21.01 -24.83
CA ASP E 158 62.91 -20.66 -24.53
C ASP E 158 63.34 -19.40 -25.26
N GLU E 159 62.90 -19.24 -26.51
CA GLU E 159 63.27 -18.05 -27.28
C GLU E 159 62.69 -16.79 -26.66
N PHE E 160 61.44 -16.84 -26.18
CA PHE E 160 60.82 -15.68 -25.58
C PHE E 160 61.52 -15.27 -24.29
N LEU E 161 61.89 -16.25 -23.47
CA LEU E 161 62.53 -15.95 -22.18
C LEU E 161 63.88 -15.28 -22.37
N GLU E 162 64.70 -15.79 -23.28
CA GLU E 162 66.05 -15.23 -23.46
C GLU E 162 66.02 -13.91 -24.21
N SER E 163 65.05 -13.69 -25.08
CA SER E 163 65.01 -12.46 -25.87
C SER E 163 64.67 -11.25 -25.00
N CYS E 164 63.69 -11.39 -24.11
CA CYS E 164 63.33 -10.28 -23.25
C CYS E 164 64.47 -9.91 -22.29
N GLN E 165 65.18 -10.93 -21.78
CA GLN E 165 66.31 -10.65 -20.90
C GLN E 165 67.49 -10.05 -21.65
N GLU E 166 67.57 -10.27 -22.96
CA GLU E 166 68.69 -9.75 -23.75
C GLU E 166 68.67 -8.24 -23.80
N ASP E 167 67.50 -7.63 -23.98
CA ASP E 167 67.37 -6.18 -24.07
C ASP E 167 66.77 -5.65 -22.78
N ASP E 168 67.46 -4.68 -22.17
CA ASP E 168 67.06 -4.16 -20.87
C ASP E 168 65.92 -3.16 -20.95
N ASN E 169 65.53 -2.72 -22.14
CA ASN E 169 64.48 -1.72 -22.25
C ASN E 169 63.13 -2.29 -21.82
N ILE E 170 62.77 -3.47 -22.32
CA ILE E 170 61.56 -4.13 -21.86
C ILE E 170 61.72 -4.58 -20.41
N MET E 171 62.95 -4.93 -20.00
CA MET E 171 63.18 -5.36 -18.63
C MET E 171 62.82 -4.28 -17.62
N ARG E 172 63.20 -3.03 -17.89
CA ARG E 172 62.88 -1.95 -16.97
C ARG E 172 61.44 -1.48 -17.08
N SER E 173 60.69 -1.95 -18.07
CA SER E 173 59.27 -1.64 -18.19
C SER E 173 58.37 -2.70 -17.57
N LEU E 174 58.83 -3.95 -17.49
CA LEU E 174 58.06 -4.99 -16.83
C LEU E 174 57.90 -4.70 -15.34
N GLN E 175 58.95 -4.19 -14.70
CA GLN E 175 58.94 -3.89 -13.27
C GLN E 175 58.45 -2.48 -12.97
N LEU E 176 57.65 -1.90 -13.87
CA LEU E 176 57.20 -0.53 -13.70
C LEU E 176 56.29 -0.38 -12.49
N PHE E 177 55.39 -1.34 -12.27
CA PHE E 177 54.31 -1.20 -11.30
C PHE E 177 54.57 -1.89 -9.97
N GLN E 178 55.74 -2.51 -9.78
CA GLN E 178 56.00 -3.16 -8.50
C GLN E 178 56.28 -2.16 -7.39
N ASN E 179 56.81 -0.98 -7.73
CA ASN E 179 57.13 0.00 -6.71
C ASN E 179 55.87 0.67 -6.18
N VAL E 180 54.93 1.01 -7.07
CA VAL E 180 53.68 1.65 -6.70
C VAL E 180 52.58 0.59 -6.84
N MET E 181 52.14 0.05 -5.71
CA MET E 181 51.11 -0.97 -5.68
C MET E 181 51.46 -2.17 -6.56
N PRO F 1 12.78 -19.86 39.70
CA PRO F 1 12.82 -18.93 38.57
C PRO F 1 13.36 -17.57 38.97
N GLU F 2 14.59 -17.55 39.50
CA GLU F 2 15.19 -16.30 39.95
C GLU F 2 16.56 -16.08 39.33
N GLY F 3 17.29 -17.17 39.09
CA GLY F 3 18.65 -17.07 38.62
C GLY F 3 19.64 -17.28 39.74
N LEU F 4 19.30 -16.77 40.92
CA LEU F 4 20.07 -17.03 42.13
C LEU F 4 19.51 -18.22 42.91
N GLU F 5 18.21 -18.49 42.78
CA GLU F 5 17.62 -19.66 43.44
C GLU F 5 18.17 -20.96 42.86
N GLN F 6 18.30 -21.04 41.54
CA GLN F 6 18.86 -22.21 40.88
C GLN F 6 20.36 -22.09 40.66
N LEU F 7 21.05 -21.30 41.47
CA LEU F 7 22.50 -21.14 41.42
C LEU F 7 23.12 -22.37 42.10
N GLU F 8 24.39 -22.30 42.48
CA GLU F 8 25.04 -23.46 43.08
C GLU F 8 24.44 -23.72 44.46
N ALA F 9 23.19 -24.15 44.47
CA ALA F 9 22.36 -24.40 45.65
C ALA F 9 21.64 -25.73 45.48
N GLN F 10 22.42 -26.78 45.23
CA GLN F 10 22.03 -28.13 44.77
C GLN F 10 21.80 -28.14 43.25
N THR F 11 22.12 -27.06 42.56
CA THR F 11 22.19 -27.04 41.10
C THR F 11 23.64 -26.82 40.71
N ASN F 12 24.18 -27.72 39.88
CA ASN F 12 25.61 -27.76 39.58
C ASN F 12 26.03 -26.78 38.50
N PHE F 13 25.24 -25.75 38.21
CA PHE F 13 25.56 -24.77 37.19
C PHE F 13 25.89 -23.43 37.84
N THR F 14 26.89 -22.75 37.31
CA THR F 14 27.29 -21.44 37.81
C THR F 14 26.35 -20.37 37.26
N LYS F 15 26.61 -19.11 37.68
CA LYS F 15 25.77 -18.01 37.21
C LYS F 15 25.92 -17.81 35.71
N ARG F 16 27.15 -17.85 35.20
CA ARG F 16 27.37 -17.68 33.76
C ARG F 16 26.79 -18.85 32.98
N GLU F 17 26.97 -20.07 33.48
CA GLU F 17 26.43 -21.24 32.79
C GLU F 17 24.90 -21.21 32.77
N LEU F 18 24.29 -20.73 33.85
CA LEU F 18 22.83 -20.58 33.86
C LEU F 18 22.37 -19.55 32.83
N GLN F 19 23.11 -18.44 32.72
CA GLN F 19 22.75 -17.42 31.73
C GLN F 19 22.87 -17.96 30.32
N VAL F 20 23.92 -18.73 30.04
CA VAL F 20 24.09 -19.31 28.71
C VAL F 20 22.95 -20.28 28.40
N LEU F 21 22.57 -21.10 29.38
CA LEU F 21 21.49 -22.06 29.16
C LEU F 21 20.16 -21.36 28.88
N TYR F 22 19.86 -20.31 29.64
CA TYR F 22 18.58 -19.62 29.45
C TYR F 22 18.53 -18.90 28.11
N ARG F 23 19.65 -18.32 27.69
CA ARG F 23 19.69 -17.65 26.39
C ARG F 23 19.39 -18.62 25.25
N GLY F 24 19.97 -19.83 25.32
CA GLY F 24 19.68 -20.83 24.32
C GLY F 24 18.33 -21.49 24.49
N PHE F 25 17.88 -21.66 25.74
CA PHE F 25 16.57 -22.27 25.98
C PHE F 25 15.45 -21.37 25.48
N LYS F 26 15.47 -20.10 25.87
CA LYS F 26 14.44 -19.16 25.45
C LYS F 26 14.52 -18.84 23.96
N ASN F 27 15.64 -19.17 23.31
CA ASN F 27 15.79 -18.90 21.88
C ASN F 27 14.79 -19.72 21.07
N GLU F 28 14.61 -21.00 21.42
CA GLU F 28 13.70 -21.86 20.68
C GLU F 28 12.27 -21.74 21.19
N CYS F 29 12.10 -21.66 22.52
CA CYS F 29 10.79 -21.51 23.15
C CYS F 29 10.78 -20.21 23.93
N PRO F 30 10.38 -19.09 23.32
CA PRO F 30 10.40 -17.81 24.03
C PRO F 30 9.44 -17.76 25.22
N SER F 31 8.43 -18.63 25.27
CA SER F 31 7.48 -18.60 26.36
C SER F 31 8.07 -19.03 27.69
N GLY F 32 9.28 -19.59 27.69
CA GLY F 32 9.92 -20.06 28.90
C GLY F 32 9.61 -21.51 29.25
N VAL F 33 8.70 -22.15 28.54
CA VAL F 33 8.37 -23.55 28.74
C VAL F 33 8.43 -24.25 27.40
N VAL F 34 8.96 -25.47 27.38
CA VAL F 34 9.05 -26.29 26.17
C VAL F 34 8.15 -27.50 26.33
N ASN F 35 7.43 -27.83 25.26
CA ASN F 35 6.46 -28.91 25.28
C ASN F 35 7.01 -30.11 24.48
N GLU F 36 6.23 -31.19 24.48
CA GLU F 36 6.67 -32.43 23.85
C GLU F 36 6.88 -32.26 22.35
N ASP F 37 5.99 -31.52 21.69
CA ASP F 37 6.11 -31.34 20.24
C ASP F 37 7.40 -30.61 19.89
N THR F 38 7.74 -29.56 20.65
CA THR F 38 9.02 -28.90 20.45
C THR F 38 10.18 -29.74 20.96
N PHE F 39 9.95 -30.50 22.04
CA PHE F 39 11.01 -31.34 22.61
C PHE F 39 11.56 -32.32 21.58
N LYS F 40 10.71 -32.80 20.66
CA LYS F 40 11.17 -33.71 19.62
C LYS F 40 11.81 -32.99 18.45
N GLN F 41 11.61 -31.68 18.32
CA GLN F 41 12.18 -30.95 17.20
C GLN F 41 13.68 -30.80 17.34
N ILE F 42 14.16 -30.41 18.52
CA ILE F 42 15.60 -30.25 18.73
C ILE F 42 16.29 -31.61 18.76
N TYR F 43 15.68 -32.60 19.42
CA TYR F 43 16.33 -33.90 19.57
C TYR F 43 16.49 -34.59 18.22
N ALA F 44 15.49 -34.48 17.34
CA ALA F 44 15.58 -35.09 16.03
C ALA F 44 16.65 -34.44 15.15
N GLN F 45 17.09 -33.23 15.49
CA GLN F 45 18.12 -32.57 14.71
C GLN F 45 19.50 -33.16 14.96
N PHE F 46 19.75 -33.64 16.18
CA PHE F 46 21.06 -34.20 16.51
C PHE F 46 21.26 -35.57 15.89
N PHE F 47 20.19 -36.28 15.56
CA PHE F 47 20.27 -37.65 15.03
C PHE F 47 19.43 -37.71 13.76
N PRO F 48 20.00 -37.31 12.61
CA PRO F 48 19.22 -37.27 11.37
C PRO F 48 19.11 -38.60 10.64
N HIS F 49 19.87 -39.62 11.05
CA HIS F 49 19.81 -40.90 10.37
C HIS F 49 18.43 -41.54 10.47
N GLY F 50 17.83 -41.49 11.65
CA GLY F 50 16.51 -42.03 11.88
C GLY F 50 15.59 -40.98 12.48
N ASP F 51 14.65 -41.44 13.30
CA ASP F 51 13.73 -40.57 14.01
C ASP F 51 13.90 -40.77 15.51
N ALA F 52 14.10 -39.68 16.23
CA ALA F 52 14.24 -39.71 17.68
C ALA F 52 12.96 -39.32 18.39
N SER F 53 11.84 -39.22 17.66
CA SER F 53 10.57 -38.85 18.29
C SER F 53 10.11 -39.91 19.28
N THR F 54 10.33 -41.18 18.95
CA THR F 54 9.93 -42.25 19.87
C THR F 54 10.70 -42.19 21.17
N TYR F 55 12.02 -41.93 21.11
CA TYR F 55 12.81 -41.84 22.32
C TYR F 55 12.56 -40.53 23.05
N ALA F 56 12.35 -39.43 22.32
CA ALA F 56 12.09 -38.15 22.96
C ALA F 56 10.78 -38.16 23.75
N HIS F 57 9.81 -38.97 23.32
CA HIS F 57 8.56 -39.08 24.06
C HIS F 57 8.80 -39.65 25.46
N TYR F 58 9.63 -40.69 25.55
CA TYR F 58 9.98 -41.22 26.87
C TYR F 58 10.91 -40.29 27.61
N LEU F 59 11.81 -39.61 26.89
CA LEU F 59 12.70 -38.64 27.52
C LEU F 59 11.92 -37.47 28.10
N PHE F 60 10.91 -36.99 27.38
CA PHE F 60 10.11 -35.87 27.85
C PHE F 60 9.39 -36.20 29.15
N ASN F 61 8.86 -37.42 29.26
CA ASN F 61 8.14 -37.81 30.47
C ASN F 61 9.05 -37.80 31.68
N ALA F 62 10.31 -38.23 31.51
CA ALA F 62 11.27 -38.16 32.60
C ALA F 62 11.55 -36.72 32.99
N PHE F 63 11.71 -35.84 31.99
CA PHE F 63 11.89 -34.42 32.28
C PHE F 63 10.63 -33.82 32.91
N ASP F 64 9.46 -34.18 32.38
CA ASP F 64 8.20 -33.59 32.83
C ASP F 64 7.71 -34.34 34.07
N THR F 65 8.25 -33.93 35.22
CA THR F 65 7.81 -34.49 36.48
C THR F 65 6.38 -34.07 36.78
N THR F 66 5.63 -34.95 37.44
CA THR F 66 4.22 -34.78 37.82
C THR F 66 3.28 -34.72 36.64
N GLN F 67 3.78 -34.98 35.42
CA GLN F 67 2.96 -35.03 34.21
C GLN F 67 2.15 -33.75 34.04
N THR F 68 2.82 -32.61 34.22
CA THR F 68 2.16 -31.33 34.04
C THR F 68 1.73 -31.11 32.59
N GLY F 69 2.55 -31.54 31.64
CA GLY F 69 2.26 -31.36 30.24
C GLY F 69 3.36 -30.61 29.52
N SER F 70 3.93 -29.61 30.20
CA SER F 70 5.06 -28.85 29.70
C SER F 70 6.07 -28.68 30.82
N VAL F 71 7.36 -28.75 30.47
CA VAL F 71 8.44 -28.65 31.45
C VAL F 71 9.01 -27.23 31.40
N LYS F 72 9.13 -26.62 32.58
CA LYS F 72 9.62 -25.26 32.71
C LYS F 72 11.15 -25.23 32.72
N PHE F 73 11.70 -24.02 32.69
CA PHE F 73 13.16 -23.89 32.75
C PHE F 73 13.69 -24.26 34.13
N GLU F 74 12.88 -24.10 35.18
CA GLU F 74 13.35 -24.40 36.53
C GLU F 74 13.65 -25.88 36.69
N ASP F 75 12.75 -26.74 36.23
CA ASP F 75 12.95 -28.18 36.32
C ASP F 75 13.58 -28.78 35.06
N PHE F 76 13.82 -27.96 34.03
CA PHE F 76 14.64 -28.41 32.91
C PHE F 76 16.12 -28.41 33.26
N VAL F 77 16.55 -27.39 34.01
CA VAL F 77 17.96 -27.29 34.40
C VAL F 77 18.32 -28.36 35.42
N THR F 78 17.46 -28.56 36.42
CA THR F 78 17.76 -29.54 37.46
C THR F 78 17.84 -30.95 36.91
N ALA F 79 17.20 -31.22 35.77
CA ALA F 79 17.40 -32.50 35.10
C ALA F 79 18.75 -32.56 34.41
N LEU F 80 19.17 -31.45 33.78
CA LEU F 80 20.48 -31.41 33.16
C LEU F 80 21.59 -31.50 34.19
N SER F 81 21.44 -30.79 35.32
CA SER F 81 22.48 -30.81 36.34
C SER F 81 22.64 -32.20 36.93
N ILE F 82 21.53 -32.90 37.17
CA ILE F 82 21.60 -34.27 37.69
C ILE F 82 22.27 -35.19 36.68
N LEU F 83 21.88 -35.07 35.40
CA LEU F 83 22.41 -35.96 34.38
C LEU F 83 23.86 -35.64 34.05
N LEU F 84 24.18 -34.36 33.87
CA LEU F 84 25.50 -33.98 33.40
C LEU F 84 26.51 -33.95 34.55
N ARG F 85 26.29 -33.09 35.54
CA ARG F 85 27.25 -32.86 36.62
C ARG F 85 26.75 -33.40 37.96
N GLY F 86 25.73 -34.25 37.95
CA GLY F 86 25.22 -34.83 39.17
C GLY F 86 26.10 -35.96 39.69
N THR F 87 25.71 -36.47 40.85
CA THR F 87 26.44 -37.56 41.48
C THR F 87 26.02 -38.90 40.88
N VAL F 88 26.67 -39.97 41.32
CA VAL F 88 26.36 -41.30 40.82
C VAL F 88 24.94 -41.69 41.20
N HIS F 89 24.56 -41.45 42.45
CA HIS F 89 23.25 -41.90 42.92
C HIS F 89 22.11 -41.20 42.17
N GLU F 90 22.23 -39.88 41.96
CA GLU F 90 21.16 -39.13 41.33
C GLU F 90 20.98 -39.53 39.86
N LYS F 91 22.08 -39.85 39.18
CA LYS F 91 21.99 -40.25 37.78
C LYS F 91 21.21 -41.55 37.61
N LEU F 92 21.46 -42.53 38.49
CA LEU F 92 20.85 -43.85 38.31
C LEU F 92 19.35 -43.81 38.57
N ARG F 93 18.91 -43.08 39.59
CA ARG F 93 17.47 -42.97 39.83
C ARG F 93 16.77 -42.25 38.70
N TRP F 94 17.39 -41.22 38.14
CA TRP F 94 16.81 -40.53 37.00
C TRP F 94 16.66 -41.46 35.80
N THR F 95 17.69 -42.25 35.51
CA THR F 95 17.60 -43.21 34.41
C THR F 95 16.64 -44.34 34.73
N PHE F 96 16.56 -44.75 36.00
CA PHE F 96 15.63 -45.80 36.39
C PHE F 96 14.18 -45.36 36.13
N ASN F 97 13.85 -44.11 36.47
CA ASN F 97 12.52 -43.59 36.20
C ASN F 97 12.28 -43.35 34.72
N LEU F 98 13.35 -43.17 33.93
CA LEU F 98 13.19 -43.05 32.49
C LEU F 98 12.70 -44.37 31.90
N TYR F 99 13.26 -45.49 32.34
CA TYR F 99 12.78 -46.79 31.89
C TYR F 99 11.43 -47.13 32.52
N ASP F 100 11.21 -46.71 33.75
CA ASP F 100 9.97 -47.00 34.47
C ASP F 100 8.87 -46.10 33.93
N ILE F 101 8.17 -46.60 32.90
CA ILE F 101 7.15 -45.79 32.23
C ILE F 101 5.94 -45.58 33.15
N ASN F 102 5.51 -46.63 33.84
CA ASN F 102 4.30 -46.55 34.65
C ASN F 102 4.59 -45.82 35.97
N LYS F 103 3.60 -45.80 36.87
CA LYS F 103 3.75 -45.09 38.13
C LYS F 103 4.67 -45.84 39.08
N ASP F 104 4.30 -47.06 39.45
CA ASP F 104 5.12 -47.84 40.36
C ASP F 104 6.46 -48.18 39.73
N GLY F 105 7.49 -48.27 40.57
CA GLY F 105 8.83 -48.49 40.08
C GLY F 105 9.18 -49.96 39.90
N TYR F 106 9.06 -50.44 38.67
CA TYR F 106 9.35 -51.83 38.35
C TYR F 106 9.63 -51.94 36.86
N ILE F 107 10.60 -52.79 36.51
CA ILE F 107 10.94 -53.07 35.12
C ILE F 107 10.64 -54.54 34.86
N ASN F 108 9.82 -54.83 33.85
CA ASN F 108 9.34 -56.18 33.60
C ASN F 108 9.61 -56.64 32.18
N LYS F 109 10.67 -56.16 31.55
CA LYS F 109 11.18 -56.52 30.22
C LYS F 109 10.26 -55.97 29.12
N GLU F 110 9.11 -55.40 29.45
CA GLU F 110 8.22 -54.81 28.46
C GLU F 110 8.15 -53.30 28.53
N GLU F 111 8.31 -52.71 29.72
CA GLU F 111 8.35 -51.26 29.83
C GLU F 111 9.55 -50.70 29.09
N MET F 112 10.71 -51.36 29.20
CA MET F 112 11.90 -50.96 28.48
C MET F 112 12.07 -51.70 27.15
N MET F 113 11.08 -52.50 26.76
CA MET F 113 11.08 -53.07 25.42
C MET F 113 11.06 -51.97 24.37
N ASP F 114 10.27 -50.93 24.60
CA ASP F 114 10.24 -49.78 23.71
C ASP F 114 11.45 -48.87 23.91
N ILE F 115 12.03 -48.85 25.12
CA ILE F 115 13.17 -47.99 25.38
C ILE F 115 14.36 -48.40 24.54
N VAL F 116 14.70 -49.70 24.56
CA VAL F 116 15.79 -50.19 23.73
C VAL F 116 15.41 -50.13 22.26
N LYS F 117 14.14 -50.39 21.95
CA LYS F 117 13.68 -50.27 20.57
C LYS F 117 13.82 -48.84 20.07
N ALA F 118 13.53 -47.85 20.92
CA ALA F 118 13.68 -46.45 20.54
C ALA F 118 15.14 -46.12 20.21
N ILE F 119 16.06 -46.66 21.01
CA ILE F 119 17.48 -46.41 20.75
C ILE F 119 17.90 -46.99 19.41
N TYR F 120 17.41 -48.19 19.09
CA TYR F 120 17.70 -48.78 17.79
C TYR F 120 16.91 -48.13 16.67
N ASP F 121 15.71 -47.63 16.97
CA ASP F 121 14.88 -47.00 15.94
C ASP F 121 15.51 -45.70 15.46
N MET F 122 16.12 -44.94 16.36
CA MET F 122 16.68 -43.63 16.04
C MET F 122 18.00 -43.72 15.28
N MET F 123 18.35 -44.89 14.77
CA MET F 123 19.49 -45.05 13.87
C MET F 123 19.08 -45.22 12.42
N GLY F 124 17.78 -45.21 12.12
CA GLY F 124 17.30 -45.49 10.79
C GLY F 124 17.57 -46.95 10.42
N LYS F 125 17.56 -47.21 9.12
CA LYS F 125 18.00 -48.52 8.60
C LYS F 125 19.08 -48.27 7.57
N TYR F 126 20.28 -47.95 8.06
CA TYR F 126 21.46 -47.70 7.23
C TYR F 126 22.71 -48.37 7.80
N THR F 127 22.59 -49.13 8.88
CA THR F 127 23.76 -49.64 9.58
C THR F 127 24.40 -50.81 8.83
N TYR F 128 25.64 -51.11 9.21
CA TYR F 128 26.36 -52.21 8.57
C TYR F 128 25.70 -53.56 8.78
N PRO F 129 25.29 -53.96 10.00
CA PRO F 129 24.61 -55.26 10.15
C PRO F 129 23.20 -55.29 9.58
N VAL F 130 22.70 -54.17 9.05
CA VAL F 130 21.39 -54.08 8.41
C VAL F 130 20.31 -54.37 9.46
N LEU F 131 20.72 -54.37 10.73
CA LEU F 131 19.83 -54.60 11.86
C LEU F 131 19.05 -55.91 11.72
N LYS F 132 17.98 -56.04 12.49
CA LYS F 132 17.11 -57.21 12.44
C LYS F 132 15.85 -56.88 13.22
N GLU F 133 14.82 -57.71 13.03
CA GLU F 133 13.57 -57.51 13.76
C GLU F 133 13.74 -57.87 15.23
N ASP F 134 14.57 -58.86 15.55
CA ASP F 134 14.71 -59.36 16.91
C ASP F 134 15.98 -58.87 17.60
N THR F 135 16.73 -57.96 16.99
CA THR F 135 17.95 -57.50 17.64
C THR F 135 17.70 -56.62 18.87
N PRO F 136 16.61 -55.83 18.97
CA PRO F 136 16.36 -55.16 20.26
C PRO F 136 16.09 -56.12 21.40
N ARG F 137 15.43 -57.25 21.12
CA ARG F 137 15.13 -58.21 22.17
C ARG F 137 16.39 -58.88 22.69
N GLN F 138 17.35 -59.14 21.79
CA GLN F 138 18.62 -59.73 22.22
C GLN F 138 19.37 -58.77 23.15
N HIS F 139 19.33 -57.48 22.86
CA HIS F 139 19.97 -56.50 23.73
C HIS F 139 19.29 -56.45 25.10
N VAL F 140 17.97 -56.57 25.13
CA VAL F 140 17.26 -56.60 26.40
C VAL F 140 17.55 -57.92 27.14
N ASP F 141 17.62 -59.02 26.40
CA ASP F 141 17.86 -60.31 27.03
C ASP F 141 19.22 -60.35 27.72
N VAL F 142 20.26 -59.83 27.06
CA VAL F 142 21.58 -59.79 27.70
C VAL F 142 21.62 -58.74 28.79
N PHE F 143 20.78 -57.70 28.69
CA PHE F 143 20.73 -56.69 29.73
C PHE F 143 20.21 -57.27 31.04
N PHE F 144 19.16 -58.09 30.96
CA PHE F 144 18.59 -58.69 32.17
C PHE F 144 19.45 -59.81 32.72
N GLN F 145 20.42 -60.30 31.95
CA GLN F 145 21.28 -61.39 32.39
C GLN F 145 22.28 -60.97 33.44
N LYS F 146 22.47 -59.66 33.66
CA LYS F 146 23.48 -59.17 34.60
C LYS F 146 22.90 -58.51 35.84
N MET F 147 21.61 -58.19 35.86
CA MET F 147 21.01 -57.64 37.07
C MET F 147 19.79 -58.41 37.55
N ASP F 148 18.97 -58.94 36.65
CA ASP F 148 17.77 -59.65 37.06
C ASP F 148 18.14 -61.01 37.63
N LYS F 149 18.28 -61.08 38.96
CA LYS F 149 18.66 -62.33 39.61
C LYS F 149 17.51 -63.32 39.60
N ASN F 150 16.39 -62.96 40.23
CA ASN F 150 15.22 -63.83 40.30
C ASN F 150 14.09 -63.34 39.39
N LYS F 151 13.64 -62.10 39.56
CA LYS F 151 12.58 -61.55 38.72
C LYS F 151 12.47 -60.04 38.91
N THR F 156 14.53 -54.64 40.35
CA THR F 156 13.92 -53.60 41.17
C THR F 156 14.84 -52.39 41.28
N LEU F 157 14.42 -51.40 42.08
CA LEU F 157 15.24 -50.19 42.27
C LEU F 157 16.56 -50.53 42.94
N ASP F 158 16.53 -51.37 43.98
CA ASP F 158 17.76 -51.75 44.67
C ASP F 158 18.68 -52.56 43.75
N GLU F 159 18.11 -53.45 42.94
CA GLU F 159 18.91 -54.27 42.05
C GLU F 159 19.64 -53.41 41.01
N PHE F 160 18.95 -52.41 40.46
CA PHE F 160 19.56 -51.56 39.44
C PHE F 160 20.73 -50.76 40.01
N LEU F 161 20.57 -50.23 41.22
CA LEU F 161 21.62 -49.40 41.81
C LEU F 161 22.89 -50.20 42.07
N GLU F 162 22.76 -51.41 42.62
CA GLU F 162 23.93 -52.20 42.96
C GLU F 162 24.59 -52.83 41.73
N SER F 163 23.80 -53.12 40.69
CA SER F 163 24.37 -53.76 39.50
C SER F 163 25.28 -52.81 38.74
N CYS F 164 24.86 -51.56 38.57
CA CYS F 164 25.69 -50.59 37.87
C CYS F 164 26.98 -50.31 38.64
N GLN F 165 26.89 -50.22 39.97
CA GLN F 165 28.09 -49.98 40.76
C GLN F 165 29.01 -51.20 40.78
N GLU F 166 28.45 -52.39 40.56
CA GLU F 166 29.27 -53.59 40.56
C GLU F 166 30.25 -53.61 39.39
N ASP F 167 29.80 -53.19 38.21
CA ASP F 167 30.64 -53.19 37.02
C ASP F 167 31.13 -51.77 36.74
N ASP F 168 32.45 -51.59 36.75
CA ASP F 168 33.04 -50.27 36.60
C ASP F 168 32.96 -49.72 35.18
N ASN F 169 32.65 -50.56 34.19
CA ASN F 169 32.61 -50.08 32.81
C ASN F 169 31.46 -49.09 32.60
N ILE F 170 30.28 -49.40 33.16
CA ILE F 170 29.17 -48.45 33.11
C ILE F 170 29.49 -47.22 33.95
N MET F 171 30.21 -47.39 35.05
CA MET F 171 30.54 -46.27 35.92
C MET F 171 31.34 -45.21 35.18
N ARG F 172 32.35 -45.61 34.41
CA ARG F 172 33.18 -44.66 33.69
C ARG F 172 32.48 -44.10 32.45
N SER F 173 31.34 -44.66 32.06
CA SER F 173 30.56 -44.13 30.95
C SER F 173 29.53 -43.10 31.39
N LEU F 174 28.99 -43.25 32.61
CA LEU F 174 28.02 -42.27 33.11
C LEU F 174 28.67 -40.90 33.30
N GLN F 175 29.90 -40.86 33.80
CA GLN F 175 30.61 -39.62 34.06
C GLN F 175 31.37 -39.11 32.84
N LEU F 176 30.96 -39.51 31.64
CA LEU F 176 31.67 -39.11 30.42
C LEU F 176 31.58 -37.61 30.19
N PHE F 177 30.42 -37.01 30.42
CA PHE F 177 30.15 -35.64 30.01
C PHE F 177 30.25 -34.63 31.15
N GLN F 178 30.69 -35.04 32.34
CA GLN F 178 30.79 -34.08 33.43
C GLN F 178 32.00 -33.17 33.25
N ASN F 179 33.08 -33.67 32.63
CA ASN F 179 34.27 -32.86 32.45
C ASN F 179 34.08 -31.79 31.38
N VAL F 180 33.43 -32.14 30.28
CA VAL F 180 33.19 -31.22 29.18
C VAL F 180 31.71 -30.87 29.22
N MET F 181 31.41 -29.67 29.71
CA MET F 181 30.04 -29.17 29.83
C MET F 181 29.15 -30.13 30.62
N PRO G 1 7.29 28.56 35.55
CA PRO G 1 7.60 27.57 34.53
C PRO G 1 9.03 27.67 34.02
N GLU G 2 10.00 27.58 34.93
CA GLU G 2 11.40 27.71 34.57
C GLU G 2 12.22 26.51 35.03
N GLY G 3 11.84 25.94 36.17
CA GLY G 3 12.63 24.88 36.77
C GLY G 3 13.48 25.40 37.91
N LEU G 4 14.01 26.61 37.73
CA LEU G 4 14.71 27.31 38.81
C LEU G 4 13.78 28.23 39.58
N GLU G 5 12.71 28.72 38.94
CA GLU G 5 11.75 29.55 39.64
C GLU G 5 11.00 28.77 40.71
N GLN G 6 10.59 27.54 40.40
CA GLN G 6 9.92 26.68 41.36
C GLN G 6 10.89 25.77 42.11
N LEU G 7 12.15 26.18 42.24
CA LEU G 7 13.16 25.46 42.99
C LEU G 7 12.93 25.74 44.47
N GLU G 8 13.91 25.47 45.33
CA GLU G 8 13.72 25.68 46.76
C GLU G 8 13.61 27.17 47.05
N ALA G 9 12.50 27.75 46.60
CA ALA G 9 12.18 29.18 46.68
C ALA G 9 10.74 29.34 47.14
N GLN G 10 10.43 28.73 48.28
CA GLN G 10 9.09 28.49 48.85
C GLN G 10 8.44 27.27 48.20
N THR G 11 9.17 26.52 47.38
CA THR G 11 8.75 25.21 46.92
C THR G 11 9.70 24.17 47.51
N ASN G 12 9.15 23.18 48.20
CA ASN G 12 9.95 22.24 49.00
C ASN G 12 10.54 21.10 48.17
N PHE G 13 10.65 21.24 46.86
CA PHE G 13 11.21 20.21 46.01
C PHE G 13 12.56 20.66 45.46
N THR G 14 13.51 19.72 45.41
CA THR G 14 14.84 20.00 44.88
C THR G 14 14.82 19.99 43.36
N LYS G 15 15.98 20.26 42.75
CA LYS G 15 16.07 20.26 41.29
C LYS G 15 15.80 18.87 40.72
N ARG G 16 16.40 17.84 41.32
CA ARG G 16 16.18 16.48 40.84
C ARG G 16 14.74 16.03 41.06
N GLU G 17 14.17 16.37 42.22
CA GLU G 17 12.79 15.99 42.49
C GLU G 17 11.82 16.69 41.53
N LEU G 18 12.12 17.95 41.19
CA LEU G 18 11.29 18.65 40.20
C LEU G 18 11.38 17.97 38.83
N GLN G 19 12.59 17.55 38.45
CA GLN G 19 12.75 16.88 37.16
C GLN G 19 11.99 15.56 37.13
N VAL G 20 12.03 14.81 38.23
CA VAL G 20 11.31 13.54 38.29
C VAL G 20 9.80 13.78 38.19
N LEU G 21 9.31 14.81 38.88
CA LEU G 21 7.88 15.11 38.84
C LEU G 21 7.42 15.50 37.44
N TYR G 22 8.20 16.34 36.75
CA TYR G 22 7.80 16.78 35.42
C TYR G 22 7.84 15.65 34.41
N ARG G 23 8.82 14.75 34.54
CA ARG G 23 8.90 13.60 33.63
C ARG G 23 7.65 12.72 33.77
N GLY G 24 7.21 12.49 35.00
CA GLY G 24 5.99 11.73 35.20
C GLY G 24 4.73 12.51 34.91
N PHE G 25 4.73 13.81 35.20
CA PHE G 25 3.54 14.63 34.92
C PHE G 25 3.30 14.75 33.42
N LYS G 26 4.33 15.11 32.66
CA LYS G 26 4.19 15.24 31.22
C LYS G 26 3.97 13.89 30.53
N ASN G 27 4.27 12.79 31.22
CA ASN G 27 4.05 11.47 30.62
C ASN G 27 2.58 11.21 30.36
N GLU G 28 1.71 11.55 31.32
CA GLU G 28 0.29 11.33 31.15
C GLU G 28 -0.37 12.45 30.34
N CYS G 29 0.01 13.70 30.61
CA CYS G 29 -0.53 14.85 29.90
C CYS G 29 0.64 15.58 29.22
N PRO G 30 0.95 15.24 27.96
CA PRO G 30 2.07 15.89 27.27
C PRO G 30 1.90 17.39 27.08
N SER G 31 0.67 17.90 27.10
CA SER G 31 0.42 19.31 26.88
C SER G 31 0.94 20.19 28.01
N GLY G 32 1.32 19.61 29.15
CA GLY G 32 1.79 20.37 30.28
C GLY G 32 0.70 20.80 31.25
N VAL G 33 -0.57 20.59 30.91
CA VAL G 33 -1.69 20.88 31.78
C VAL G 33 -2.59 19.65 31.84
N VAL G 34 -3.07 19.33 33.03
CA VAL G 34 -3.98 18.20 33.24
C VAL G 34 -5.35 18.75 33.63
N ASN G 35 -6.39 18.18 33.07
CA ASN G 35 -7.75 18.64 33.27
C ASN G 35 -8.51 17.68 34.21
N GLU G 36 -9.75 18.03 34.51
CA GLU G 36 -10.54 17.25 35.46
C GLU G 36 -10.79 15.84 34.95
N ASP G 37 -11.08 15.70 33.65
CA ASP G 37 -11.35 14.37 33.10
C ASP G 37 -10.14 13.45 33.23
N THR G 38 -8.94 13.97 32.95
CA THR G 38 -7.73 13.18 33.17
C THR G 38 -7.39 13.07 34.65
N PHE G 39 -7.71 14.11 35.43
CA PHE G 39 -7.44 14.09 36.86
C PHE G 39 -8.09 12.90 37.56
N LYS G 40 -9.26 12.48 37.07
CA LYS G 40 -9.95 11.33 37.65
C LYS G 40 -9.43 9.99 37.12
N GLN G 41 -8.67 10.01 36.03
CA GLN G 41 -8.16 8.76 35.46
C GLN G 41 -7.04 8.18 36.33
N ILE G 42 -6.09 9.02 36.75
CA ILE G 42 -4.99 8.53 37.59
C ILE G 42 -5.50 8.21 38.99
N TYR G 43 -6.36 9.06 39.55
CA TYR G 43 -6.81 8.86 40.92
C TYR G 43 -7.62 7.57 41.05
N ALA G 44 -8.46 7.28 40.06
CA ALA G 44 -9.26 6.06 40.12
C ALA G 44 -8.41 4.80 39.99
N GLN G 45 -7.17 4.92 39.50
CA GLN G 45 -6.32 3.75 39.39
C GLN G 45 -5.76 3.32 40.74
N PHE G 46 -5.53 4.26 41.64
CA PHE G 46 -4.97 3.92 42.95
C PHE G 46 -6.00 3.24 43.85
N PHE G 47 -7.29 3.44 43.59
CA PHE G 47 -8.36 2.90 44.44
C PHE G 47 -9.36 2.17 43.54
N PRO G 48 -9.08 0.91 43.20
CA PRO G 48 -9.95 0.19 42.27
C PRO G 48 -11.20 -0.43 42.90
N HIS G 49 -11.29 -0.44 44.23
CA HIS G 49 -12.45 -1.05 44.88
C HIS G 49 -13.73 -0.31 44.53
N GLY G 50 -13.69 1.01 44.53
CA GLY G 50 -14.86 1.80 44.17
C GLY G 50 -14.54 2.82 43.08
N ASP G 51 -15.20 3.97 43.12
CA ASP G 51 -14.94 5.05 42.18
C ASP G 51 -14.46 6.29 42.95
N ALA G 52 -13.38 6.89 42.47
CA ALA G 52 -12.82 8.09 43.07
C ALA G 52 -13.15 9.34 42.28
N SER G 53 -14.04 9.24 41.29
CA SER G 53 -14.40 10.40 40.49
C SER G 53 -15.10 11.47 41.33
N THR G 54 -15.94 11.04 42.27
CA THR G 54 -16.63 12.01 43.12
C THR G 54 -15.65 12.78 43.99
N TYR G 55 -14.67 12.11 44.57
CA TYR G 55 -13.69 12.80 45.40
C TYR G 55 -12.69 13.59 44.57
N ALA G 56 -12.31 13.06 43.40
CA ALA G 56 -11.36 13.77 42.54
C ALA G 56 -11.95 15.08 42.02
N HIS G 57 -13.28 15.15 41.87
CA HIS G 57 -13.91 16.40 41.44
C HIS G 57 -13.69 17.49 42.47
N TYR G 58 -13.86 17.17 43.76
CA TYR G 58 -13.57 18.14 44.80
C TYR G 58 -12.08 18.38 44.96
N LEU G 59 -11.27 17.33 44.76
CA LEU G 59 -9.82 17.49 44.83
C LEU G 59 -9.31 18.39 43.71
N PHE G 60 -9.87 18.24 42.51
CA PHE G 60 -9.43 19.06 41.37
C PHE G 60 -9.71 20.54 41.62
N ASN G 61 -10.86 20.86 42.21
CA ASN G 61 -11.20 22.26 42.47
C ASN G 61 -10.21 22.89 43.43
N ALA G 62 -9.77 22.14 44.44
CA ALA G 62 -8.74 22.65 45.35
C ALA G 62 -7.44 22.88 44.61
N PHE G 63 -7.04 21.94 43.75
CA PHE G 63 -5.84 22.13 42.94
C PHE G 63 -6.02 23.29 41.96
N ASP G 64 -7.17 23.38 41.32
CA ASP G 64 -7.43 24.39 40.29
C ASP G 64 -7.86 25.69 40.96
N THR G 65 -6.86 26.46 41.37
CA THR G 65 -7.12 27.77 41.94
C THR G 65 -7.65 28.72 40.87
N THR G 66 -8.53 29.63 41.28
CA THR G 66 -9.18 30.64 40.44
C THR G 66 -10.14 30.04 39.42
N GLN G 67 -10.38 28.73 39.49
CA GLN G 67 -11.34 28.04 38.61
C GLN G 67 -11.02 28.31 37.14
N THR G 68 -9.74 28.18 36.79
CA THR G 68 -9.32 28.38 35.41
C THR G 68 -9.91 27.33 34.49
N GLY G 69 -10.02 26.08 34.97
CA GLY G 69 -10.51 25.00 34.16
C GLY G 69 -9.51 23.88 34.04
N SER G 70 -8.23 24.23 33.94
CA SER G 70 -7.13 23.27 33.90
C SER G 70 -6.04 23.73 34.84
N VAL G 71 -5.41 22.77 35.51
CA VAL G 71 -4.37 23.05 36.49
C VAL G 71 -3.01 22.83 35.84
N LYS G 72 -2.13 23.82 35.95
CA LYS G 72 -0.82 23.78 35.30
C LYS G 72 0.22 23.17 36.24
N PHE G 73 1.34 22.76 35.64
CA PHE G 73 2.42 22.16 36.42
C PHE G 73 3.00 23.15 37.43
N GLU G 74 2.96 24.45 37.12
CA GLU G 74 3.51 25.43 38.04
C GLU G 74 2.75 25.45 39.36
N ASP G 75 1.42 25.41 39.30
CA ASP G 75 0.59 25.38 40.50
C ASP G 75 0.13 23.96 40.87
N PHE G 76 0.49 22.96 40.08
CA PHE G 76 0.30 21.58 40.51
C PHE G 76 1.37 21.17 41.51
N VAL G 77 2.60 21.63 41.32
CA VAL G 77 3.69 21.29 42.24
C VAL G 77 3.51 21.99 43.57
N THR G 78 3.16 23.29 43.54
CA THR G 78 3.01 24.04 44.78
C THR G 78 1.88 23.49 45.65
N ALA G 79 0.91 22.78 45.06
CA ALA G 79 -0.08 22.08 45.87
C ALA G 79 0.52 20.82 46.49
N LEU G 80 1.35 20.10 45.74
CA LEU G 80 2.02 18.92 46.29
C LEU G 80 3.00 19.31 47.39
N SER G 81 3.77 20.39 47.17
CA SER G 81 4.75 20.81 48.17
C SER G 81 4.08 21.21 49.46
N ILE G 82 2.96 21.95 49.37
CA ILE G 82 2.23 22.33 50.57
C ILE G 82 1.68 21.11 51.29
N LEU G 83 1.10 20.18 50.53
CA LEU G 83 0.47 19.01 51.14
C LEU G 83 1.51 18.03 51.68
N LEU G 84 2.55 17.75 50.89
CA LEU G 84 3.51 16.71 51.27
C LEU G 84 4.55 17.25 52.25
N ARG G 85 5.33 18.25 51.83
CA ARG G 85 6.45 18.75 52.63
C ARG G 85 6.20 20.15 53.17
N GLY G 86 4.95 20.61 53.16
CA GLY G 86 4.62 21.91 53.68
C GLY G 86 4.56 21.93 55.20
N THR G 87 4.33 23.13 55.73
CA THR G 87 4.25 23.32 57.17
C THR G 87 2.85 22.97 57.67
N VAL G 88 2.67 23.02 58.99
CA VAL G 88 1.37 22.71 59.59
C VAL G 88 0.31 23.70 59.13
N HIS G 89 0.65 24.99 59.15
CA HIS G 89 -0.34 26.02 58.83
C HIS G 89 -0.82 25.91 57.39
N GLU G 90 0.11 25.70 56.44
CA GLU G 90 -0.27 25.66 55.03
C GLU G 90 -1.14 24.44 54.72
N LYS G 91 -0.88 23.32 55.39
CA LYS G 91 -1.67 22.12 55.13
C LYS G 91 -3.13 22.31 55.54
N LEU G 92 -3.36 22.94 56.70
CA LEU G 92 -4.72 23.05 57.22
C LEU G 92 -5.58 23.99 56.36
N ARG G 93 -5.01 25.11 55.91
CA ARG G 93 -5.78 26.01 55.04
C ARG G 93 -6.10 25.34 53.70
N TRP G 94 -5.16 24.57 53.16
CA TRP G 94 -5.43 23.86 51.91
C TRP G 94 -6.56 22.86 52.08
N THR G 95 -6.55 22.10 53.18
CA THR G 95 -7.63 21.15 53.44
C THR G 95 -8.93 21.87 53.78
N PHE G 96 -8.86 23.02 54.46
CA PHE G 96 -10.06 23.78 54.76
C PHE G 96 -10.75 24.25 53.49
N ASN G 97 -9.98 24.72 52.51
CA ASN G 97 -10.56 25.13 51.23
C ASN G 97 -11.02 23.94 50.41
N LEU G 98 -10.47 22.75 50.65
CA LEU G 98 -10.96 21.55 49.99
C LEU G 98 -12.38 21.23 50.42
N TYR G 99 -12.67 21.33 51.72
CA TYR G 99 -14.03 21.14 52.21
C TYR G 99 -14.91 22.31 51.86
N ASP G 100 -14.36 23.52 51.84
CA ASP G 100 -15.12 24.74 51.54
C ASP G 100 -15.38 24.80 50.04
N ILE G 101 -16.51 24.21 49.63
CA ILE G 101 -16.81 24.12 48.20
C ILE G 101 -17.14 25.49 47.63
N ASN G 102 -17.92 26.29 48.35
CA ASN G 102 -18.38 27.58 47.84
C ASN G 102 -17.26 28.62 47.94
N LYS G 103 -17.58 29.87 47.64
CA LYS G 103 -16.57 30.93 47.64
C LYS G 103 -16.19 31.32 49.06
N ASP G 104 -17.16 31.80 49.84
CA ASP G 104 -16.88 32.20 51.21
C ASP G 104 -16.46 31.00 52.06
N GLY G 105 -15.60 31.25 53.05
CA GLY G 105 -15.07 30.18 53.85
C GLY G 105 -15.94 29.84 55.05
N TYR G 106 -16.75 28.80 54.90
CA TYR G 106 -17.65 28.35 55.95
C TYR G 106 -18.04 26.90 55.69
N ILE G 107 -18.16 26.13 56.76
CA ILE G 107 -18.58 24.73 56.68
C ILE G 107 -19.88 24.60 57.48
N ASN G 108 -20.91 24.07 56.83
CA ASN G 108 -22.26 24.04 57.41
C ASN G 108 -22.85 22.62 57.39
N LYS G 109 -21.99 21.61 57.49
CA LYS G 109 -22.39 20.21 57.59
C LYS G 109 -23.03 19.72 56.29
N GLU G 110 -23.20 20.62 55.32
CA GLU G 110 -23.74 20.26 54.02
C GLU G 110 -22.72 20.37 52.90
N GLU G 111 -21.77 21.31 52.99
CA GLU G 111 -20.70 21.37 51.99
C GLU G 111 -19.83 20.13 52.05
N MET G 112 -19.49 19.68 53.26
CA MET G 112 -18.68 18.49 53.44
C MET G 112 -19.51 17.23 53.64
N MET G 113 -20.84 17.32 53.49
CA MET G 113 -21.66 16.11 53.46
C MET G 113 -21.24 15.22 52.31
N ASP G 114 -20.93 15.81 51.16
CA ASP G 114 -20.42 15.06 50.01
C ASP G 114 -18.95 14.69 50.18
N ILE G 115 -18.19 15.49 50.92
CA ILE G 115 -16.75 15.20 51.09
C ILE G 115 -16.56 13.89 51.82
N VAL G 116 -17.24 13.72 52.96
CA VAL G 116 -17.15 12.46 53.69
C VAL G 116 -17.82 11.35 52.90
N LYS G 117 -18.92 11.66 52.21
CA LYS G 117 -19.57 10.66 51.38
C LYS G 117 -18.66 10.18 50.26
N ALA G 118 -17.87 11.10 49.68
CA ALA G 118 -16.94 10.71 48.63
C ALA G 118 -15.88 9.75 49.15
N ILE G 119 -15.39 9.98 50.37
CA ILE G 119 -14.40 9.09 50.98
C ILE G 119 -15.00 7.71 51.17
N TYR G 120 -16.25 7.63 51.61
CA TYR G 120 -16.90 6.34 51.76
C TYR G 120 -17.32 5.75 50.42
N ASP G 121 -17.64 6.61 49.44
CA ASP G 121 -18.07 6.12 48.13
C ASP G 121 -16.92 5.43 47.40
N MET G 122 -15.70 5.92 47.59
CA MET G 122 -14.53 5.40 46.88
C MET G 122 -14.02 4.08 47.47
N MET G 123 -14.81 3.43 48.32
CA MET G 123 -14.52 2.09 48.81
C MET G 123 -15.36 1.02 48.11
N GLY G 124 -16.29 1.42 47.24
CA GLY G 124 -17.20 0.45 46.68
C GLY G 124 -18.15 -0.06 47.75
N LYS G 125 -18.70 -1.25 47.50
CA LYS G 125 -19.49 -1.97 48.52
C LYS G 125 -18.86 -3.36 48.65
N TYR G 126 -17.79 -3.43 49.44
CA TYR G 126 -17.09 -4.67 49.72
C TYR G 126 -16.57 -4.76 51.14
N THR G 127 -16.89 -3.80 52.00
CA THR G 127 -16.29 -3.73 53.32
C THR G 127 -16.94 -4.72 54.28
N TYR G 128 -16.25 -4.99 55.38
CA TYR G 128 -16.76 -5.92 56.39
C TYR G 128 -18.06 -5.45 57.03
N PRO G 129 -18.20 -4.20 57.49
CA PRO G 129 -19.49 -3.77 58.05
C PRO G 129 -20.60 -3.61 57.03
N VAL G 130 -20.31 -3.81 55.74
CA VAL G 130 -21.28 -3.76 54.65
C VAL G 130 -21.82 -2.33 54.56
N LEU G 131 -21.15 -1.41 55.25
CA LEU G 131 -21.51 0.00 55.26
C LEU G 131 -22.96 0.22 55.68
N LYS G 132 -23.49 1.41 55.37
CA LYS G 132 -24.88 1.76 55.67
C LYS G 132 -25.21 3.04 54.92
N GLU G 133 -26.50 3.35 54.84
CA GLU G 133 -26.92 4.58 54.19
C GLU G 133 -26.58 5.80 55.05
N ASP G 134 -26.63 5.66 56.36
CA ASP G 134 -26.45 6.78 57.28
C ASP G 134 -25.07 6.80 57.94
N THR G 135 -24.16 5.92 57.53
CA THR G 135 -22.84 5.93 58.16
C THR G 135 -21.99 7.15 57.80
N PRO G 136 -22.10 7.77 56.61
CA PRO G 136 -21.37 9.04 56.41
C PRO G 136 -21.84 10.15 57.33
N ARG G 137 -23.15 10.19 57.63
CA ARG G 137 -23.66 11.25 58.51
C ARG G 137 -23.15 11.08 59.93
N GLN G 138 -23.02 9.84 60.40
CA GLN G 138 -22.48 9.60 61.73
C GLN G 138 -21.04 10.07 61.82
N HIS G 139 -20.25 9.86 60.76
CA HIS G 139 -18.88 10.35 60.75
C HIS G 139 -18.83 11.87 60.78
N VAL G 140 -19.74 12.53 60.07
CA VAL G 140 -19.80 13.99 60.11
C VAL G 140 -20.29 14.46 61.47
N ASP G 141 -21.26 13.77 62.05
CA ASP G 141 -21.81 14.18 63.34
C ASP G 141 -20.75 14.15 64.43
N VAL G 142 -19.94 13.09 64.46
CA VAL G 142 -18.86 13.04 65.46
C VAL G 142 -17.73 13.98 65.06
N PHE G 143 -17.59 14.28 63.77
CA PHE G 143 -16.56 15.22 63.34
C PHE G 143 -16.84 16.62 63.88
N PHE G 144 -18.10 17.06 63.80
CA PHE G 144 -18.45 18.39 64.29
C PHE G 144 -18.45 18.46 65.82
N GLN G 145 -18.52 17.31 66.49
CA GLN G 145 -18.61 17.30 67.95
C GLN G 145 -17.31 17.77 68.61
N LYS G 146 -16.22 17.90 67.87
CA LYS G 146 -14.93 18.25 68.47
C LYS G 146 -14.43 19.65 68.13
N MET G 147 -15.04 20.32 67.15
CA MET G 147 -14.63 21.68 66.83
C MET G 147 -15.82 22.65 66.80
N ASP G 148 -16.98 22.18 66.37
CA ASP G 148 -18.14 23.07 66.27
C ASP G 148 -18.67 23.40 67.66
N LYS G 149 -18.19 24.50 68.25
CA LYS G 149 -18.60 24.87 69.60
C LYS G 149 -20.04 25.40 69.60
N ASN G 150 -20.28 26.48 68.87
CA ASN G 150 -21.61 27.08 68.79
C ASN G 150 -22.28 26.80 67.45
N LYS G 151 -21.64 27.16 66.34
CA LYS G 151 -22.21 26.94 65.01
C LYS G 151 -21.16 27.19 63.93
N THR G 156 -15.59 27.60 61.79
CA THR G 156 -14.99 28.62 60.95
C THR G 156 -13.51 28.32 60.68
N LEU G 157 -12.84 29.23 59.98
CA LEU G 157 -11.42 29.04 59.69
C LEU G 157 -10.58 29.01 60.96
N ASP G 158 -10.86 29.92 61.89
CA ASP G 158 -10.12 29.95 63.14
C ASP G 158 -10.41 28.71 63.99
N GLU G 159 -11.66 28.25 64.00
CA GLU G 159 -12.01 27.07 64.77
C GLU G 159 -11.30 25.82 64.24
N PHE G 160 -11.23 25.68 62.92
CA PHE G 160 -10.57 24.51 62.33
C PHE G 160 -9.08 24.49 62.65
N LEU G 161 -8.43 25.66 62.59
CA LEU G 161 -6.99 25.71 62.82
C LEU G 161 -6.63 25.34 64.26
N GLU G 162 -7.38 25.86 65.23
CA GLU G 162 -7.05 25.60 66.63
C GLU G 162 -7.46 24.19 67.05
N SER G 163 -8.50 23.63 66.43
CA SER G 163 -8.97 22.32 66.85
C SER G 163 -7.99 21.22 66.46
N CYS G 164 -7.45 21.28 65.24
CA CYS G 164 -6.49 20.27 64.81
C CYS G 164 -5.22 20.34 65.65
N GLN G 165 -4.77 21.55 65.99
CA GLN G 165 -3.58 21.70 66.81
C GLN G 165 -3.82 21.29 68.26
N GLU G 166 -5.07 21.26 68.71
CA GLU G 166 -5.35 20.89 70.09
C GLU G 166 -5.05 19.43 70.36
N ASP G 167 -5.42 18.54 69.43
CA ASP G 167 -5.20 17.11 69.58
C ASP G 167 -4.04 16.68 68.69
N ASP G 168 -3.06 16.00 69.29
CA ASP G 168 -1.84 15.63 68.59
C ASP G 168 -2.00 14.41 67.70
N ASN G 169 -3.13 13.70 67.80
CA ASN G 169 -3.30 12.48 67.02
C ASN G 169 -3.39 12.80 65.53
N ILE G 170 -4.25 13.76 65.16
CA ILE G 170 -4.31 14.21 63.77
C ILE G 170 -3.02 14.92 63.38
N MET G 171 -2.38 15.59 64.34
CA MET G 171 -1.13 16.29 64.05
C MET G 171 -0.05 15.34 63.56
N ARG G 172 0.10 14.18 64.21
CA ARG G 172 1.11 13.23 63.80
C ARG G 172 0.72 12.42 62.57
N SER G 173 -0.52 12.54 62.11
CA SER G 173 -0.95 11.89 60.87
C SER G 173 -0.86 12.80 59.66
N LEU G 174 -0.93 14.12 59.86
CA LEU G 174 -0.77 15.05 58.74
C LEU G 174 0.65 14.98 58.17
N GLN G 175 1.65 14.83 59.04
CA GLN G 175 3.04 14.77 58.63
C GLN G 175 3.50 13.36 58.31
N LEU G 176 2.57 12.48 57.92
CA LEU G 176 2.92 11.08 57.67
C LEU G 176 3.83 10.93 56.46
N PHE G 177 3.59 11.71 55.41
CA PHE G 177 4.23 11.50 54.12
C PHE G 177 5.39 12.45 53.83
N GLN G 178 5.76 13.32 54.78
CA GLN G 178 6.87 14.23 54.51
C GLN G 178 8.21 13.52 54.58
N ASN G 179 8.30 12.45 55.37
CA ASN G 179 9.58 11.73 55.49
C ASN G 179 9.85 10.90 54.26
N VAL G 180 8.85 10.22 53.73
CA VAL G 180 8.98 9.39 52.54
C VAL G 180 8.31 10.13 51.39
N MET G 181 9.10 10.74 50.53
CA MET G 181 8.61 11.49 49.38
C MET G 181 7.63 12.58 49.79
N PRO H 1 36.17 28.45 -3.89
CA PRO H 1 35.34 27.38 -3.35
C PRO H 1 36.17 26.26 -2.73
N GLU H 2 37.00 26.60 -1.75
CA GLU H 2 37.88 25.62 -1.12
C GLU H 2 37.72 25.62 0.39
N GLY H 3 37.46 26.79 0.97
CA GLY H 3 37.42 26.93 2.41
C GLY H 3 38.70 27.54 2.93
N LEU H 4 39.82 27.15 2.32
CA LEU H 4 41.11 27.79 2.60
C LEU H 4 41.41 28.92 1.64
N GLU H 5 40.85 28.87 0.42
CA GLU H 5 41.04 29.96 -0.52
C GLU H 5 40.36 31.24 -0.04
N GLN H 6 39.14 31.12 0.49
CA GLN H 6 38.41 32.26 1.03
C GLN H 6 38.63 32.44 2.52
N LEU H 7 39.79 31.97 3.03
CA LEU H 7 40.17 32.14 4.42
C LEU H 7 40.70 33.57 4.60
N GLU H 8 41.42 33.86 5.67
CA GLU H 8 41.91 35.22 5.88
C GLU H 8 42.97 35.55 4.85
N ALA H 9 42.52 35.68 3.60
CA ALA H 9 43.32 35.93 2.41
C ALA H 9 42.67 37.03 1.57
N GLN H 10 42.41 38.17 2.21
CA GLN H 10 41.56 39.29 1.76
C GLN H 10 40.09 38.99 2.04
N THR H 11 39.78 37.92 2.74
CA THR H 11 38.45 37.67 3.28
C THR H 11 38.54 37.73 4.80
N ASN H 12 37.71 38.58 5.42
CA ASN H 12 37.84 38.89 6.84
C ASN H 12 37.18 37.87 7.76
N PHE H 13 36.92 36.65 7.28
CA PHE H 13 36.29 35.61 8.08
C PHE H 13 37.29 34.51 8.39
N THR H 14 37.23 34.00 9.61
CA THR H 14 38.11 32.91 10.03
C THR H 14 37.59 31.58 9.51
N LYS H 15 38.34 30.50 9.80
CA LYS H 15 37.93 29.18 9.34
C LYS H 15 36.62 28.75 9.98
N ARG H 16 36.47 28.99 11.29
CA ARG H 16 35.23 28.62 11.95
C ARG H 16 34.06 29.47 11.46
N GLU H 17 34.30 30.76 11.24
CA GLU H 17 33.24 31.64 10.76
C GLU H 17 32.76 31.23 9.37
N LEU H 18 33.69 30.88 8.48
CA LEU H 18 33.29 30.44 7.15
C LEU H 18 32.45 29.18 7.22
N GLN H 19 32.79 28.27 8.14
CA GLN H 19 31.99 27.06 8.33
C GLN H 19 30.58 27.40 8.80
N VAL H 20 30.46 28.38 9.70
CA VAL H 20 29.14 28.75 10.22
C VAL H 20 28.26 29.33 9.12
N LEU H 21 28.83 30.23 8.30
CA LEU H 21 28.04 30.82 7.21
C LEU H 21 27.63 29.77 6.18
N TYR H 22 28.55 28.88 5.80
CA TYR H 22 28.21 27.87 4.79
C TYR H 22 27.13 26.93 5.29
N ARG H 23 27.19 26.55 6.57
CA ARG H 23 26.13 25.70 7.12
C ARG H 23 24.78 26.40 7.06
N GLY H 24 24.74 27.70 7.37
CA GLY H 24 23.50 28.44 7.26
C GLY H 24 23.14 28.77 5.82
N PHE H 25 24.14 29.03 4.99
CA PHE H 25 23.87 29.36 3.58
C PHE H 25 23.30 28.16 2.84
N LYS H 26 23.94 26.99 2.98
CA LYS H 26 23.47 25.80 2.30
C LYS H 26 22.17 25.27 2.90
N ASN H 27 21.79 25.74 4.09
CA ASN H 27 20.54 25.32 4.69
C ASN H 27 19.34 25.78 3.88
N GLU H 28 19.35 27.05 3.45
CA GLU H 28 18.23 27.57 2.67
C GLU H 28 18.34 27.19 1.20
N CYS H 29 19.54 27.25 0.63
CA CYS H 29 19.79 26.90 -0.77
C CYS H 29 20.81 25.76 -0.81
N PRO H 30 20.37 24.51 -0.80
CA PRO H 30 21.32 23.39 -0.80
C PRO H 30 22.18 23.32 -2.05
N SER H 31 21.75 23.92 -3.15
CA SER H 31 22.51 23.86 -4.40
C SER H 31 23.82 24.62 -4.34
N GLY H 32 24.02 25.44 -3.30
CA GLY H 32 25.23 26.23 -3.17
C GLY H 32 25.15 27.61 -3.81
N VAL H 33 24.08 27.90 -4.54
CA VAL H 33 23.85 29.21 -5.13
C VAL H 33 22.45 29.67 -4.77
N VAL H 34 22.31 30.95 -4.46
CA VAL H 34 21.02 31.54 -4.13
C VAL H 34 20.65 32.54 -5.22
N ASN H 35 19.40 32.51 -5.63
CA ASN H 35 18.91 33.35 -6.71
C ASN H 35 18.07 34.50 -6.16
N GLU H 36 17.60 35.37 -7.06
CA GLU H 36 16.87 36.56 -6.65
C GLU H 36 15.56 36.21 -5.97
N ASP H 37 14.86 35.19 -6.47
CA ASP H 37 13.58 34.81 -5.87
C ASP H 37 13.76 34.35 -4.44
N THR H 38 14.79 33.53 -4.18
CA THR H 38 15.08 33.13 -2.81
C THR H 38 15.69 34.28 -2.02
N PHE H 39 16.48 35.13 -2.68
CA PHE H 39 17.11 36.27 -2.01
C PHE H 39 16.08 37.16 -1.33
N LYS H 40 14.89 37.28 -1.91
CA LYS H 40 13.83 38.10 -1.31
C LYS H 40 13.07 37.36 -0.21
N GLN H 41 13.20 36.03 -0.13
CA GLN H 41 12.48 35.27 0.89
C GLN H 41 13.08 35.51 2.27
N ILE H 42 14.40 35.44 2.39
CA ILE H 42 15.03 35.65 3.68
C ILE H 42 14.95 37.10 4.10
N TYR H 43 15.17 38.03 3.16
CA TYR H 43 15.20 39.44 3.50
C TYR H 43 13.83 39.92 3.96
N ALA H 44 12.76 39.45 3.33
CA ALA H 44 11.42 39.84 3.74
C ALA H 44 11.04 39.31 5.11
N GLN H 45 11.75 38.30 5.62
CA GLN H 45 11.44 37.77 6.94
C GLN H 45 11.93 38.69 8.04
N PHE H 46 13.04 39.40 7.82
CA PHE H 46 13.58 40.29 8.83
C PHE H 46 12.74 41.55 9.00
N PHE H 47 11.97 41.94 7.99
CA PHE H 47 11.19 43.18 7.99
C PHE H 47 9.77 42.85 7.61
N PRO H 48 8.95 42.41 8.57
CA PRO H 48 7.58 41.98 8.25
C PRO H 48 6.57 43.13 8.14
N HIS H 49 6.93 44.35 8.54
CA HIS H 49 5.98 45.45 8.50
C HIS H 49 5.56 45.76 7.07
N GLY H 50 6.50 45.78 6.14
CA GLY H 50 6.22 46.02 4.74
C GLY H 50 6.77 44.89 3.88
N ASP H 51 7.17 45.26 2.66
CA ASP H 51 7.78 44.33 1.73
C ASP H 51 9.20 44.79 1.39
N ALA H 52 10.15 43.87 1.44
CA ALA H 52 11.54 44.14 1.14
C ALA H 52 11.94 43.64 -0.24
N SER H 53 10.98 43.19 -1.05
CA SER H 53 11.30 42.68 -2.38
C SER H 53 11.85 43.78 -3.28
N THR H 54 11.33 45.00 -3.15
CA THR H 54 11.83 46.11 -3.96
C THR H 54 13.28 46.41 -3.64
N TYR H 55 13.64 46.43 -2.35
CA TYR H 55 15.02 46.72 -1.96
C TYR H 55 15.94 45.53 -2.22
N ALA H 56 15.43 44.31 -2.01
CA ALA H 56 16.24 43.13 -2.25
C ALA H 56 16.61 42.98 -3.72
N HIS H 57 15.76 43.46 -4.62
CA HIS H 57 16.08 43.41 -6.05
C HIS H 57 17.32 44.24 -6.35
N TYR H 58 17.42 45.45 -5.78
CA TYR H 58 18.62 46.25 -5.95
C TYR H 58 19.78 45.68 -5.15
N LEU H 59 19.50 45.11 -3.98
CA LEU H 59 20.56 44.48 -3.19
C LEU H 59 21.15 43.27 -3.91
N PHE H 60 20.29 42.48 -4.55
CA PHE H 60 20.77 41.29 -5.26
C PHE H 60 21.71 41.66 -6.40
N ASN H 61 21.39 42.73 -7.13
CA ASN H 61 22.23 43.14 -8.25
C ASN H 61 23.63 43.54 -7.77
N ALA H 62 23.71 44.21 -6.62
CA ALA H 62 25.01 44.53 -6.05
C ALA H 62 25.78 43.28 -5.67
N PHE H 63 25.08 42.31 -5.05
CA PHE H 63 25.72 41.03 -4.72
C PHE H 63 26.10 40.27 -5.99
N ASP H 64 25.22 40.25 -6.98
CA ASP H 64 25.42 39.47 -8.20
C ASP H 64 26.26 40.29 -9.17
N THR H 65 27.58 40.20 -8.98
CA THR H 65 28.50 40.87 -9.89
C THR H 65 28.47 40.19 -11.26
N THR H 66 28.67 41.00 -12.31
CA THR H 66 28.69 40.58 -13.71
C THR H 66 27.33 40.11 -14.21
N GLN H 67 26.28 40.27 -13.41
CA GLN H 67 24.91 39.94 -13.81
C GLN H 67 24.82 38.50 -14.31
N THR H 68 25.44 37.59 -13.55
CA THR H 68 25.39 36.17 -13.92
C THR H 68 23.97 35.62 -13.83
N GLY H 69 23.21 36.05 -12.82
CA GLY H 69 21.86 35.55 -12.63
C GLY H 69 21.68 34.95 -11.26
N SER H 70 22.72 34.27 -10.76
CA SER H 70 22.73 33.70 -9.43
C SER H 70 24.07 34.03 -8.77
N VAL H 71 24.02 34.30 -7.47
CA VAL H 71 25.21 34.67 -6.70
C VAL H 71 25.70 33.45 -5.94
N LYS H 72 26.98 33.15 -6.08
CA LYS H 72 27.58 31.96 -5.48
C LYS H 72 28.12 32.28 -4.09
N PHE H 73 28.37 31.22 -3.32
CA PHE H 73 28.89 31.39 -1.97
C PHE H 73 30.28 32.01 -1.98
N GLU H 74 31.05 31.79 -3.05
CA GLU H 74 32.39 32.36 -3.12
C GLU H 74 32.35 33.89 -3.13
N ASP H 75 31.46 34.46 -3.93
CA ASP H 75 31.29 35.91 -3.99
C ASP H 75 30.13 36.42 -3.15
N PHE H 76 29.40 35.53 -2.47
CA PHE H 76 28.46 35.97 -1.44
C PHE H 76 29.19 36.35 -0.16
N VAL H 77 30.23 35.61 0.19
CA VAL H 77 30.98 35.89 1.41
C VAL H 77 31.79 37.17 1.25
N THR H 78 32.46 37.34 0.10
CA THR H 78 33.30 38.52 -0.10
C THR H 78 32.48 39.81 -0.09
N ALA H 79 31.18 39.73 -0.38
CA ALA H 79 30.32 40.89 -0.20
C ALA H 79 30.03 41.13 1.28
N LEU H 80 29.80 40.07 2.04
CA LEU H 80 29.60 40.21 3.48
C LEU H 80 30.85 40.72 4.17
N SER H 81 32.02 40.19 3.80
CA SER H 81 33.26 40.61 4.43
C SER H 81 33.55 42.08 4.17
N ILE H 82 33.31 42.54 2.94
CA ILE H 82 33.51 43.95 2.62
C ILE H 82 32.53 44.81 3.41
N LEU H 83 31.26 44.41 3.46
CA LEU H 83 30.25 45.22 4.13
C LEU H 83 30.41 45.18 5.64
N LEU H 84 30.62 43.99 6.21
CA LEU H 84 30.64 43.85 7.66
C LEU H 84 31.99 44.24 8.25
N ARG H 85 33.05 43.53 7.86
CA ARG H 85 34.37 43.71 8.45
C ARG H 85 35.37 44.33 7.48
N GLY H 86 34.89 44.92 6.39
CA GLY H 86 35.76 45.57 5.44
C GLY H 86 36.23 46.93 5.91
N THR H 87 37.09 47.53 5.10
CA THR H 87 37.63 48.85 5.41
C THR H 87 36.65 49.93 4.98
N VAL H 88 37.00 51.18 5.28
CA VAL H 88 36.15 52.31 4.91
C VAL H 88 36.01 52.43 3.40
N HIS H 89 37.14 52.31 2.70
CA HIS H 89 37.12 52.52 1.25
C HIS H 89 36.28 51.47 0.54
N GLU H 90 36.41 50.20 0.94
CA GLU H 90 35.69 49.13 0.26
C GLU H 90 34.18 49.24 0.48
N LYS H 91 33.77 49.68 1.68
CA LYS H 91 32.35 49.80 1.97
C LYS H 91 31.70 50.85 1.08
N LEU H 92 32.36 51.99 0.89
CA LEU H 92 31.74 53.09 0.15
C LEU H 92 31.56 52.76 -1.33
N ARG H 93 32.56 52.13 -1.95
CA ARG H 93 32.41 51.74 -3.35
C ARG H 93 31.32 50.70 -3.53
N TRP H 94 31.19 49.77 -2.59
CA TRP H 94 30.12 48.78 -2.66
C TRP H 94 28.75 49.44 -2.58
N THR H 95 28.59 50.39 -1.65
CA THR H 95 27.33 51.11 -1.55
C THR H 95 27.11 52.04 -2.73
N PHE H 96 28.17 52.62 -3.27
CA PHE H 96 28.04 53.48 -4.45
C PHE H 96 27.50 52.69 -5.64
N ASN H 97 28.02 51.47 -5.84
CA ASN H 97 27.51 50.63 -6.92
C ASN H 97 26.11 50.10 -6.63
N LEU H 98 25.72 50.04 -5.36
CA LEU H 98 24.35 49.65 -5.03
C LEU H 98 23.36 50.70 -5.52
N TYR H 99 23.67 51.98 -5.31
CA TYR H 99 22.83 53.05 -5.84
C TYR H 99 22.96 53.18 -7.35
N ASP H 100 24.16 52.93 -7.88
CA ASP H 100 24.42 53.06 -9.31
C ASP H 100 23.81 51.85 -10.02
N ILE H 101 22.55 52.01 -10.44
CA ILE H 101 21.83 50.89 -11.05
C ILE H 101 22.39 50.56 -12.43
N ASN H 102 22.70 51.59 -13.22
CA ASN H 102 23.13 51.38 -14.60
C ASN H 102 24.61 50.96 -14.62
N LYS H 103 25.17 50.86 -15.83
CA LYS H 103 26.55 50.41 -15.97
C LYS H 103 27.54 51.49 -15.52
N ASP H 104 27.51 52.64 -16.18
CA ASP H 104 28.41 53.73 -15.83
C ASP H 104 28.11 54.26 -14.44
N GLY H 105 29.15 54.73 -13.77
CA GLY H 105 29.01 55.18 -12.40
C GLY H 105 28.59 56.63 -12.27
N TYR H 106 27.30 56.86 -12.07
CA TYR H 106 26.75 58.20 -11.94
C TYR H 106 25.42 58.11 -11.24
N ILE H 107 25.15 59.08 -10.37
CA ILE H 107 23.88 59.18 -9.65
C ILE H 107 23.20 60.48 -10.08
N ASN H 108 21.96 60.38 -10.56
CA ASN H 108 21.26 61.51 -11.14
C ASN H 108 19.90 61.73 -10.49
N LYS H 109 19.80 61.45 -9.18
CA LYS H 109 18.61 61.74 -8.37
C LYS H 109 17.44 60.85 -8.79
N GLU H 110 17.62 60.07 -9.85
CA GLU H 110 16.59 59.15 -10.33
C GLU H 110 16.96 57.69 -10.16
N GLU H 111 18.24 57.34 -10.30
CA GLU H 111 18.66 55.98 -10.04
C GLU H 111 18.42 55.59 -8.59
N MET H 112 18.71 56.50 -7.67
CA MET H 112 18.46 56.27 -6.25
C MET H 112 17.12 56.81 -5.79
N MET H 113 16.29 57.32 -6.71
CA MET H 113 14.91 57.64 -6.37
C MET H 113 14.17 56.41 -5.89
N ASP H 114 14.40 55.27 -6.54
CA ASP H 114 13.81 54.02 -6.11
C ASP H 114 14.54 53.44 -4.90
N ILE H 115 15.83 53.75 -4.73
CA ILE H 115 16.59 53.22 -3.60
C ILE H 115 16.03 53.75 -2.29
N VAL H 116 15.85 55.07 -2.20
CA VAL H 116 15.27 55.66 -1.00
C VAL H 116 13.80 55.27 -0.88
N LYS H 117 13.10 55.18 -2.01
CA LYS H 117 11.70 54.74 -1.98
C LYS H 117 11.60 53.30 -1.46
N ALA H 118 12.54 52.44 -1.83
CA ALA H 118 12.53 51.07 -1.34
C ALA H 118 12.72 51.03 0.18
N ILE H 119 13.59 51.88 0.71
CA ILE H 119 13.80 51.91 2.16
C ILE H 119 12.53 52.35 2.87
N TYR H 120 11.82 53.33 2.32
CA TYR H 120 10.55 53.74 2.91
C TYR H 120 9.43 52.75 2.61
N ASP H 121 9.51 52.05 1.48
CA ASP H 121 8.47 51.07 1.15
C ASP H 121 8.51 49.87 2.08
N MET H 122 9.70 49.44 2.49
CA MET H 122 9.88 48.23 3.30
C MET H 122 9.44 48.43 4.75
N MET H 123 8.72 49.52 5.04
CA MET H 123 8.14 49.76 6.36
C MET H 123 6.64 49.55 6.39
N GLY H 124 6.02 49.24 5.25
CA GLY H 124 4.57 49.20 5.20
C GLY H 124 4.00 50.60 5.37
N LYS H 125 2.73 50.65 5.79
CA LYS H 125 2.07 51.89 6.16
C LYS H 125 1.53 51.71 7.57
N TYR H 126 2.41 51.90 8.55
CA TYR H 126 2.05 51.80 9.96
C TYR H 126 2.78 52.83 10.83
N THR H 127 3.54 53.74 10.25
CA THR H 127 4.40 54.62 11.03
C THR H 127 3.61 55.76 11.66
N TYR H 128 4.23 56.39 12.65
CA TYR H 128 3.58 57.51 13.35
C TYR H 128 3.30 58.69 12.43
N PRO H 129 4.23 59.18 11.61
CA PRO H 129 3.90 60.30 10.70
C PRO H 129 2.98 59.90 9.56
N VAL H 130 2.59 58.62 9.45
CA VAL H 130 1.65 58.13 8.46
C VAL H 130 2.27 58.32 7.07
N LEU H 131 3.57 58.62 7.05
CA LEU H 131 4.32 58.83 5.82
C LEU H 131 3.68 59.89 4.92
N LYS H 132 4.05 59.89 3.65
CA LYS H 132 3.51 60.81 2.66
C LYS H 132 3.96 60.34 1.29
N GLU H 133 3.33 60.89 0.25
CA GLU H 133 3.72 60.54 -1.11
C GLU H 133 5.04 61.17 -1.50
N ASP H 134 5.34 62.37 -0.98
CA ASP H 134 6.53 63.10 -1.35
C ASP H 134 7.65 63.04 -0.31
N THR H 135 7.49 62.23 0.73
CA THR H 135 8.53 62.17 1.75
C THR H 135 9.82 61.47 1.27
N PRO H 136 9.78 60.49 0.35
CA PRO H 136 11.06 59.99 -0.18
C PRO H 136 11.83 61.04 -0.95
N ARG H 137 11.13 61.92 -1.68
CA ARG H 137 11.81 62.96 -2.45
C ARG H 137 12.50 63.98 -1.53
N GLN H 138 11.87 64.30 -0.40
CA GLN H 138 12.49 65.22 0.55
C GLN H 138 13.78 64.62 1.12
N HIS H 139 13.78 63.32 1.39
CA HIS H 139 14.99 62.66 1.87
C HIS H 139 16.09 62.69 0.82
N VAL H 140 15.73 62.51 -0.45
CA VAL H 140 16.71 62.59 -1.52
C VAL H 140 17.19 64.03 -1.70
N ASP H 141 16.28 64.99 -1.59
CA ASP H 141 16.65 66.39 -1.78
C ASP H 141 17.66 66.84 -0.73
N VAL H 142 17.45 66.46 0.53
CA VAL H 142 18.41 66.82 1.57
C VAL H 142 19.67 65.98 1.45
N PHE H 143 19.56 64.78 0.88
CA PHE H 143 20.74 63.94 0.68
C PHE H 143 21.71 64.57 -0.30
N PHE H 144 21.19 65.11 -1.41
CA PHE H 144 22.05 65.74 -2.41
C PHE H 144 22.59 67.09 -1.95
N GLN H 145 21.98 67.69 -0.93
CA GLN H 145 22.39 69.01 -0.48
C GLN H 145 23.76 69.02 0.19
N LYS H 146 24.32 67.84 0.51
CA LYS H 146 25.59 67.77 1.23
C LYS H 146 26.73 67.17 0.42
N MET H 147 26.48 66.60 -0.75
CA MET H 147 27.59 66.17 -1.60
C MET H 147 27.51 66.77 -3.00
N ASP H 148 26.31 66.94 -3.53
CA ASP H 148 26.16 67.43 -4.89
C ASP H 148 26.50 68.92 -4.96
N LYS H 149 27.75 69.23 -5.28
CA LYS H 149 28.18 70.62 -5.35
C LYS H 149 27.63 71.31 -6.59
N ASN H 150 27.99 70.80 -7.78
CA ASN H 150 27.53 71.36 -9.03
C ASN H 150 26.47 70.50 -9.70
N LYS H 151 26.77 69.23 -9.96
CA LYS H 151 25.81 68.32 -10.59
C LYS H 151 26.29 66.88 -10.49
N THR H 156 29.46 62.36 -8.13
CA THR H 156 30.28 61.35 -8.79
C THR H 156 30.92 60.42 -7.77
N LEU H 157 31.76 59.50 -8.26
CA LEU H 157 32.44 58.56 -7.36
C LEU H 157 33.37 59.29 -6.40
N ASP H 158 34.13 60.26 -6.90
CA ASP H 158 35.03 61.02 -6.04
C ASP H 158 34.26 61.87 -5.03
N GLU H 159 33.14 62.46 -5.46
CA GLU H 159 32.35 63.29 -4.56
C GLU H 159 31.76 62.47 -3.42
N PHE H 160 31.28 61.26 -3.73
CA PHE H 160 30.70 60.42 -2.69
C PHE H 160 31.74 59.99 -1.66
N LEU H 161 32.94 59.64 -2.12
CA LEU H 161 33.98 59.17 -1.21
C LEU H 161 34.41 60.26 -0.24
N GLU H 162 34.62 61.47 -0.73
CA GLU H 162 35.10 62.55 0.14
C GLU H 162 34.00 63.11 1.03
N SER H 163 32.74 63.05 0.59
CA SER H 163 31.66 63.61 1.39
C SER H 163 31.41 62.80 2.64
N CYS H 164 31.38 61.47 2.52
CA CYS H 164 31.16 60.62 3.69
C CYS H 164 32.29 60.76 4.70
N GLN H 165 33.54 60.85 4.22
CA GLN H 165 34.67 61.02 5.11
C GLN H 165 34.70 62.40 5.77
N GLU H 166 34.01 63.39 5.17
CA GLU H 166 34.02 64.73 5.74
C GLU H 166 33.26 64.79 7.07
N ASP H 167 32.10 64.14 7.14
CA ASP H 167 31.28 64.14 8.34
C ASP H 167 31.44 62.79 9.05
N ASP H 168 31.82 62.85 10.33
CA ASP H 168 32.12 61.64 11.10
C ASP H 168 30.88 60.89 11.55
N ASN H 169 29.69 61.47 11.42
CA ASN H 169 28.48 60.82 11.91
C ASN H 169 28.19 59.55 11.13
N ILE H 170 28.22 59.65 9.79
CA ILE H 170 28.04 58.45 8.97
C ILE H 170 29.24 57.50 9.14
N MET H 171 30.42 58.06 9.40
CA MET H 171 31.61 57.22 9.59
C MET H 171 31.45 56.27 10.78
N ARG H 172 30.93 56.78 11.90
CA ARG H 172 30.74 55.93 13.07
C ARG H 172 29.53 55.02 12.97
N SER H 173 28.69 55.19 11.95
CA SER H 173 27.57 54.30 11.71
C SER H 173 27.86 53.22 10.69
N LEU H 174 28.80 53.45 9.78
CA LEU H 174 29.19 52.42 8.83
C LEU H 174 29.86 51.25 9.54
N GLN H 175 30.69 51.53 10.54
CA GLN H 175 31.40 50.51 11.30
C GLN H 175 30.60 49.98 12.48
N LEU H 176 29.27 50.07 12.42
CA LEU H 176 28.44 49.67 13.54
C LEU H 176 28.52 48.16 13.78
N PHE H 177 28.54 47.36 12.72
CA PHE H 177 28.37 45.92 12.83
C PHE H 177 29.68 45.14 12.75
N GLN H 178 30.83 45.81 12.67
CA GLN H 178 32.08 45.05 12.60
C GLN H 178 32.46 44.47 13.96
N ASN H 179 32.04 45.11 15.05
CA ASN H 179 32.39 44.62 16.38
C ASN H 179 31.59 43.37 16.74
N VAL H 180 30.30 43.37 16.42
CA VAL H 180 29.43 42.23 16.71
C VAL H 180 29.14 41.56 15.36
N MET H 181 29.80 40.42 15.12
CA MET H 181 29.65 39.67 13.89
C MET H 181 29.90 40.52 12.66
#